data_1MF4
# 
_entry.id   1MF4 
# 
_audit_conform.dict_name       mmcif_pdbx.dic 
_audit_conform.dict_version    5.398 
_audit_conform.dict_location   http://mmcif.pdb.org/dictionaries/ascii/mmcif_pdbx.dic 
# 
loop_
_database_2.database_id 
_database_2.database_code 
_database_2.pdbx_database_accession 
_database_2.pdbx_DOI 
PDB   1MF4         pdb_00001mf4 10.2210/pdb1mf4/pdb 
RCSB  RCSB016865   ?            ?                   
WWPDB D_1000016865 ?            ?                   
# 
loop_
_pdbx_audit_revision_history.ordinal 
_pdbx_audit_revision_history.data_content_type 
_pdbx_audit_revision_history.major_revision 
_pdbx_audit_revision_history.minor_revision 
_pdbx_audit_revision_history.revision_date 
1 'Structure model' 1 0 2003-09-30 
2 'Structure model' 1 1 2008-04-28 
3 'Structure model' 1 2 2011-07-13 
4 'Structure model' 1 3 2024-11-13 
# 
_pdbx_audit_revision_details.ordinal             1 
_pdbx_audit_revision_details.revision_ordinal    1 
_pdbx_audit_revision_details.data_content_type   'Structure model' 
_pdbx_audit_revision_details.provider            repository 
_pdbx_audit_revision_details.type                'Initial release' 
_pdbx_audit_revision_details.description         ? 
_pdbx_audit_revision_details.details             ? 
# 
loop_
_pdbx_audit_revision_group.ordinal 
_pdbx_audit_revision_group.revision_ordinal 
_pdbx_audit_revision_group.data_content_type 
_pdbx_audit_revision_group.group 
1  2 'Structure model' 'Version format compliance' 
2  3 'Structure model' 'Atomic model'              
3  3 'Structure model' 'Database references'       
4  3 'Structure model' 'Derived calculations'      
5  3 'Structure model' 'Non-polymer description'   
6  3 'Structure model' 'Structure summary'         
7  3 'Structure model' 'Version format compliance' 
8  4 'Structure model' 'Data collection'           
9  4 'Structure model' 'Database references'       
10 4 'Structure model' 'Derived calculations'      
11 4 'Structure model' 'Refinement description'    
12 4 'Structure model' 'Structure summary'         
# 
loop_
_pdbx_audit_revision_category.ordinal 
_pdbx_audit_revision_category.revision_ordinal 
_pdbx_audit_revision_category.data_content_type 
_pdbx_audit_revision_category.category 
1 4 'Structure model' chem_comp_atom                
2 4 'Structure model' chem_comp_bond                
3 4 'Structure model' database_2                    
4 4 'Structure model' pdbx_entry_details            
5 4 'Structure model' pdbx_initial_refinement_model 
6 4 'Structure model' pdbx_modification_feature     
7 4 'Structure model' pdbx_struct_conn_angle        
8 4 'Structure model' struct_conn                   
9 4 'Structure model' struct_site                   
# 
loop_
_pdbx_audit_revision_item.ordinal 
_pdbx_audit_revision_item.revision_ordinal 
_pdbx_audit_revision_item.data_content_type 
_pdbx_audit_revision_item.item 
1  4 'Structure model' '_database_2.pdbx_DOI'                        
2  4 'Structure model' '_database_2.pdbx_database_accession'         
3  4 'Structure model' '_pdbx_struct_conn_angle.ptnr1_auth_comp_id'  
4  4 'Structure model' '_pdbx_struct_conn_angle.ptnr1_auth_seq_id'   
5  4 'Structure model' '_pdbx_struct_conn_angle.ptnr1_label_comp_id' 
6  4 'Structure model' '_pdbx_struct_conn_angle.ptnr1_label_seq_id'  
7  4 'Structure model' '_pdbx_struct_conn_angle.ptnr3_auth_comp_id'  
8  4 'Structure model' '_pdbx_struct_conn_angle.ptnr3_auth_seq_id'   
9  4 'Structure model' '_pdbx_struct_conn_angle.ptnr3_label_comp_id' 
10 4 'Structure model' '_pdbx_struct_conn_angle.ptnr3_label_seq_id'  
11 4 'Structure model' '_pdbx_struct_conn_angle.value'               
12 4 'Structure model' '_struct_conn.pdbx_dist_value'                
13 4 'Structure model' '_struct_conn.ptnr1_auth_comp_id'             
14 4 'Structure model' '_struct_conn.ptnr1_auth_seq_id'              
15 4 'Structure model' '_struct_conn.ptnr1_label_asym_id'            
16 4 'Structure model' '_struct_conn.ptnr1_label_atom_id'            
17 4 'Structure model' '_struct_conn.ptnr1_label_comp_id'            
18 4 'Structure model' '_struct_conn.ptnr1_label_seq_id'             
19 4 'Structure model' '_struct_conn.ptnr2_auth_comp_id'             
20 4 'Structure model' '_struct_conn.ptnr2_auth_seq_id'              
21 4 'Structure model' '_struct_conn.ptnr2_label_asym_id'            
22 4 'Structure model' '_struct_conn.ptnr2_label_atom_id'            
23 4 'Structure model' '_struct_conn.ptnr2_label_comp_id'            
24 4 'Structure model' '_struct_conn.ptnr2_label_seq_id'             
25 4 'Structure model' '_struct_site.pdbx_auth_asym_id'              
26 4 'Structure model' '_struct_site.pdbx_auth_comp_id'              
27 4 'Structure model' '_struct_site.pdbx_auth_seq_id'               
# 
_pdbx_database_status.status_code                     REL 
_pdbx_database_status.entry_id                        1MF4 
_pdbx_database_status.recvd_initial_deposition_date   2002-08-09 
_pdbx_database_status.deposit_site                    RCSB 
_pdbx_database_status.process_site                    RCSB 
_pdbx_database_status.status_code_sf                  ? 
_pdbx_database_status.status_code_mr                  ? 
_pdbx_database_status.SG_entry                        ? 
_pdbx_database_status.status_code_cs                  ? 
_pdbx_database_status.pdb_format_compatible           Y 
_pdbx_database_status.status_code_nmr_data            ? 
_pdbx_database_status.methods_development_category    ? 
# 
loop_
_pdbx_database_related.db_name 
_pdbx_database_related.db_id 
_pdbx_database_related.details 
_pdbx_database_related.content_type 
PDB 1LFF '1lff is the Crystal Structure of an Acidic Phospholipase A2 from Naja naja sagittifera at 1.5 A Resolution'        
unspecified 
PDB 1LN8 '1ln8 is the Crystal Structure of a New Isoform of Phospholipase A2 from Naja naja sagittifera at 1.6 A Resolution' 
unspecified 
# 
loop_
_audit_author.name 
_audit_author.pdbx_ordinal 
'Singh, R.K.'    1  
'Vikram, P.'     2  
'Paramsivam, M.' 3  
'Jabeen, T.'     4  
'Sharma, S.'     5  
'Makker, J.'     6  
'Dey, S.'        7  
'Kaur, P.'       8  
'Srinivasan, A.' 9  
'Singh, T.P.'    10 
# 
loop_
_citation.id 
_citation.title 
_citation.journal_abbrev 
_citation.journal_volume 
_citation.page_first 
_citation.page_last 
_citation.year 
_citation.journal_id_ASTM 
_citation.country 
_citation.journal_id_ISSN 
_citation.journal_id_CSD 
_citation.book_publisher 
_citation.pdbx_database_id_PubMed 
_citation.pdbx_database_id_DOI 
primary 
;Design of specific peptide inhibitors for group I phospholipase A2: structure of a complex formed between phospholipase A2 from Naja naja sagittifera (group I) and a designed peptide inhibitor Val-Ala-Phe-Arg-Ser (VAFRS) at 1.9 A resolution reveals unique features
;
Biochemistry      42 11701 11706 2003 BICHAW US 0006-2960 0033 ? 14529280 10.1021/bi035076x 
1       'Crystal Structure of an Acidic Phospholipase A2 from Naja naja sagittifera at 1.5 A Resolution' 'To be Published' ?  ? ? 
?    ?      ?  ?         0353 ? ?        ?                 
2       'Crystal Structure of a New Isoform of Phospholipase A2 from Naja naja sagittifera at 1.6 A Resolution' 'To be Published' 
?  ?     ?     ?    ?      ?  ?         0353 ? ?        ?                 
# 
loop_
_citation_author.citation_id 
_citation_author.name 
_citation_author.ordinal 
_citation_author.identifier_ORCID 
primary 'Singh, R.K.'     1  ? 
primary 'Vikram, P.'      2  ? 
primary 'Makker, J.'      3  ? 
primary 'Jabeen, T.'      4  ? 
primary 'Sharma, S.'      5  ? 
primary 'Dey, S.'         6  ? 
primary 'Kaur, P.'        7  ? 
primary 'Srinivasan, A.'  8  ? 
primary 'Singh, T.P.'     9  ? 
1       'Singh, R.K.'     10 ? 
1       'Sharma, S.'      11 ? 
1       'Jabeen, T.'      12 ? 
1       'Kaur, P.'        13 ? 
1       'Singh, T.P.'     14 ? 
2       'Singh, R.K.'     15 ? 
2       'Vikram, P.'      16 ? 
2       'Paramasivam, M.' 17 ? 
2       'Jabeen, T.'      18 ? 
2       'Sharma, S.'      19 ? 
2       'Kaur, P.'        20 ? 
2       'Srinivasan, A.'  21 ? 
2       'Singh, T.P.'     22 ? 
# 
loop_
_entity.id 
_entity.type 
_entity.src_method 
_entity.pdbx_description 
_entity.formula_weight 
_entity.pdbx_number_of_molecules 
_entity.pdbx_ec 
_entity.pdbx_mutation 
_entity.pdbx_fragment 
_entity.details 
1 polymer     nat 'Phospholipase A2'  13128.515 1   3.1.1.4 ? ? ? 
2 polymer     syn VAL-ALA-PHE-ARG-SER 579.669   1   ?       ? ? ? 
3 non-polymer syn 'CALCIUM ION'       40.078    1   ?       ? ? ? 
4 water       nat water               18.015    105 ?       ? ? ? 
# 
loop_
_entity_poly.entity_id 
_entity_poly.type 
_entity_poly.nstd_linkage 
_entity_poly.nstd_monomer 
_entity_poly.pdbx_seq_one_letter_code 
_entity_poly.pdbx_seq_one_letter_code_can 
_entity_poly.pdbx_strand_id 
_entity_poly.pdbx_target_identifier 
1 'polypeptide(L)' no no 
;NLYQFKNMIQCTVPSRSWADFADYGCYCGKGGSGTPVDDLDRCCQTHDNCYNEAENISGCRPYFKTYSYECTQGTLTCKG
DNNACAASVCDCDRLAAICFAGAPYNDANYNIDLKARCN
;
;NLYQFKNMIQCTVPSRSWADFADYGCYCGKGGSGTPVDDLDRCCQTHDNCYNEAENISGCRPYFKTYSYECTQGTLTCKG
DNNACAASVCDCDRLAAICFAGAPYNDANYNIDLKARCN
;
A ? 
2 'polypeptide(L)' no no VAFRS VAFRS B ? 
# 
loop_
_pdbx_entity_nonpoly.entity_id 
_pdbx_entity_nonpoly.name 
_pdbx_entity_nonpoly.comp_id 
3 'CALCIUM ION' CA  
4 water         HOH 
# 
loop_
_entity_poly_seq.entity_id 
_entity_poly_seq.num 
_entity_poly_seq.mon_id 
_entity_poly_seq.hetero 
1 1   ASN n 
1 2   LEU n 
1 3   TYR n 
1 4   GLN n 
1 5   PHE n 
1 6   LYS n 
1 7   ASN n 
1 8   MET n 
1 9   ILE n 
1 10  GLN n 
1 11  CYS n 
1 12  THR n 
1 13  VAL n 
1 14  PRO n 
1 15  SER n 
1 16  ARG n 
1 17  SER n 
1 18  TRP n 
1 19  ALA n 
1 20  ASP n 
1 21  PHE n 
1 22  ALA n 
1 23  ASP n 
1 24  TYR n 
1 25  GLY n 
1 26  CYS n 
1 27  TYR n 
1 28  CYS n 
1 29  GLY n 
1 30  LYS n 
1 31  GLY n 
1 32  GLY n 
1 33  SER n 
1 34  GLY n 
1 35  THR n 
1 36  PRO n 
1 37  VAL n 
1 38  ASP n 
1 39  ASP n 
1 40  LEU n 
1 41  ASP n 
1 42  ARG n 
1 43  CYS n 
1 44  CYS n 
1 45  GLN n 
1 46  THR n 
1 47  HIS n 
1 48  ASP n 
1 49  ASN n 
1 50  CYS n 
1 51  TYR n 
1 52  ASN n 
1 53  GLU n 
1 54  ALA n 
1 55  GLU n 
1 56  ASN n 
1 57  ILE n 
1 58  SER n 
1 59  GLY n 
1 60  CYS n 
1 61  ARG n 
1 62  PRO n 
1 63  TYR n 
1 64  PHE n 
1 65  LYS n 
1 66  THR n 
1 67  TYR n 
1 68  SER n 
1 69  TYR n 
1 70  GLU n 
1 71  CYS n 
1 72  THR n 
1 73  GLN n 
1 74  GLY n 
1 75  THR n 
1 76  LEU n 
1 77  THR n 
1 78  CYS n 
1 79  LYS n 
1 80  GLY n 
1 81  ASP n 
1 82  ASN n 
1 83  ASN n 
1 84  ALA n 
1 85  CYS n 
1 86  ALA n 
1 87  ALA n 
1 88  SER n 
1 89  VAL n 
1 90  CYS n 
1 91  ASP n 
1 92  CYS n 
1 93  ASP n 
1 94  ARG n 
1 95  LEU n 
1 96  ALA n 
1 97  ALA n 
1 98  ILE n 
1 99  CYS n 
1 100 PHE n 
1 101 ALA n 
1 102 GLY n 
1 103 ALA n 
1 104 PRO n 
1 105 TYR n 
1 106 ASN n 
1 107 ASP n 
1 108 ALA n 
1 109 ASN n 
1 110 TYR n 
1 111 ASN n 
1 112 ILE n 
1 113 ASP n 
1 114 LEU n 
1 115 LYS n 
1 116 ALA n 
1 117 ARG n 
1 118 CYS n 
1 119 ASN n 
2 1   VAL n 
2 2   ALA n 
2 3   PHE n 
2 4   ARG n 
2 5   SER n 
# 
_entity_src_nat.entity_id                  1 
_entity_src_nat.pdbx_src_id                1 
_entity_src_nat.pdbx_alt_source_flag       sample 
_entity_src_nat.pdbx_beg_seq_num           ? 
_entity_src_nat.pdbx_end_seq_num           ? 
_entity_src_nat.common_name                ? 
_entity_src_nat.pdbx_organism_scientific   'Naja sagittifera' 
_entity_src_nat.pdbx_ncbi_taxonomy_id      195058 
_entity_src_nat.genus                      Naja 
_entity_src_nat.species                    ? 
_entity_src_nat.strain                     ? 
_entity_src_nat.tissue                     ? 
_entity_src_nat.tissue_fraction            ? 
_entity_src_nat.pdbx_secretion             Venom 
_entity_src_nat.pdbx_fragment              ? 
_entity_src_nat.pdbx_variant               ? 
_entity_src_nat.pdbx_cell_line             ? 
_entity_src_nat.pdbx_atcc                  ? 
_entity_src_nat.pdbx_cellular_location     ? 
_entity_src_nat.pdbx_organ                 ? 
_entity_src_nat.pdbx_organelle             ? 
_entity_src_nat.pdbx_cell                  ? 
_entity_src_nat.pdbx_plasmid_name          ? 
_entity_src_nat.pdbx_plasmid_details       ? 
_entity_src_nat.details                    ? 
# 
_pdbx_entity_src_syn.entity_id              2 
_pdbx_entity_src_syn.pdbx_src_id            1 
_pdbx_entity_src_syn.pdbx_alt_source_flag   sample 
_pdbx_entity_src_syn.pdbx_beg_seq_num       ? 
_pdbx_entity_src_syn.pdbx_end_seq_num       ? 
_pdbx_entity_src_syn.organism_scientific    ? 
_pdbx_entity_src_syn.organism_common_name   ? 
_pdbx_entity_src_syn.ncbi_taxonomy_id       ? 
_pdbx_entity_src_syn.details                'This peptide was chemically synthesized.' 
# 
loop_
_chem_comp.id 
_chem_comp.type 
_chem_comp.mon_nstd_flag 
_chem_comp.name 
_chem_comp.pdbx_synonyms 
_chem_comp.formula 
_chem_comp.formula_weight 
ALA 'L-peptide linking' y ALANINE         ? 'C3 H7 N O2'     89.093  
ARG 'L-peptide linking' y ARGININE        ? 'C6 H15 N4 O2 1' 175.209 
ASN 'L-peptide linking' y ASPARAGINE      ? 'C4 H8 N2 O3'    132.118 
ASP 'L-peptide linking' y 'ASPARTIC ACID' ? 'C4 H7 N O4'     133.103 
CA  non-polymer         . 'CALCIUM ION'   ? 'Ca 2'           40.078  
CYS 'L-peptide linking' y CYSTEINE        ? 'C3 H7 N O2 S'   121.158 
GLN 'L-peptide linking' y GLUTAMINE       ? 'C5 H10 N2 O3'   146.144 
GLU 'L-peptide linking' y 'GLUTAMIC ACID' ? 'C5 H9 N O4'     147.129 
GLY 'peptide linking'   y GLYCINE         ? 'C2 H5 N O2'     75.067  
HIS 'L-peptide linking' y HISTIDINE       ? 'C6 H10 N3 O2 1' 156.162 
HOH non-polymer         . WATER           ? 'H2 O'           18.015  
ILE 'L-peptide linking' y ISOLEUCINE      ? 'C6 H13 N O2'    131.173 
LEU 'L-peptide linking' y LEUCINE         ? 'C6 H13 N O2'    131.173 
LYS 'L-peptide linking' y LYSINE          ? 'C6 H15 N2 O2 1' 147.195 
MET 'L-peptide linking' y METHIONINE      ? 'C5 H11 N O2 S'  149.211 
PHE 'L-peptide linking' y PHENYLALANINE   ? 'C9 H11 N O2'    165.189 
PRO 'L-peptide linking' y PROLINE         ? 'C5 H9 N O2'     115.130 
SER 'L-peptide linking' y SERINE          ? 'C3 H7 N O3'     105.093 
THR 'L-peptide linking' y THREONINE       ? 'C4 H9 N O3'     119.119 
TRP 'L-peptide linking' y TRYPTOPHAN      ? 'C11 H12 N2 O2'  204.225 
TYR 'L-peptide linking' y TYROSINE        ? 'C9 H11 N O3'    181.189 
VAL 'L-peptide linking' y VALINE          ? 'C5 H11 N O2'    117.146 
# 
loop_
_pdbx_poly_seq_scheme.asym_id 
_pdbx_poly_seq_scheme.entity_id 
_pdbx_poly_seq_scheme.seq_id 
_pdbx_poly_seq_scheme.mon_id 
_pdbx_poly_seq_scheme.ndb_seq_num 
_pdbx_poly_seq_scheme.pdb_seq_num 
_pdbx_poly_seq_scheme.auth_seq_num 
_pdbx_poly_seq_scheme.pdb_mon_id 
_pdbx_poly_seq_scheme.auth_mon_id 
_pdbx_poly_seq_scheme.pdb_strand_id 
_pdbx_poly_seq_scheme.pdb_ins_code 
_pdbx_poly_seq_scheme.hetero 
A 1 1   ASN 1   1   1   ASN ASN A . n 
A 1 2   LEU 2   2   2   LEU LEU A . n 
A 1 3   TYR 3   3   3   TYR TYR A . n 
A 1 4   GLN 4   4   4   GLN GLN A . n 
A 1 5   PHE 5   5   5   PHE PHE A . n 
A 1 6   LYS 6   6   6   LYS LYS A . n 
A 1 7   ASN 7   7   7   ASN ASN A . n 
A 1 8   MET 8   8   8   MET MET A . n 
A 1 9   ILE 9   9   9   ILE ILE A . n 
A 1 10  GLN 10  10  10  GLN GLN A . n 
A 1 11  CYS 11  11  11  CYS CYS A . n 
A 1 12  THR 12  12  12  THR THR A . n 
A 1 13  VAL 13  13  13  VAL VAL A . n 
A 1 14  PRO 14  14  14  PRO PRO A . n 
A 1 15  SER 15  15  15  SER SER A . n 
A 1 16  ARG 16  17  17  ARG ARG A . n 
A 1 17  SER 17  18  18  SER SER A . n 
A 1 18  TRP 18  19  19  TRP TRP A . n 
A 1 19  ALA 19  20  20  ALA ALA A . n 
A 1 20  ASP 20  21  21  ASP ASP A . n 
A 1 21  PHE 21  22  22  PHE PHE A . n 
A 1 22  ALA 22  23  23  ALA ALA A . n 
A 1 23  ASP 23  24  24  ASP ASP A . n 
A 1 24  TYR 24  25  25  TYR TYR A . n 
A 1 25  GLY 25  26  26  GLY GLY A . n 
A 1 26  CYS 26  27  27  CYS CYS A . n 
A 1 27  TYR 27  28  28  TYR TYR A . n 
A 1 28  CYS 28  29  29  CYS CYS A . n 
A 1 29  GLY 29  30  30  GLY GLY A . n 
A 1 30  LYS 30  31  31  LYS LYS A . n 
A 1 31  GLY 31  32  32  GLY GLY A . n 
A 1 32  GLY 32  33  33  GLY GLY A . n 
A 1 33  SER 33  34  34  SER SER A . n 
A 1 34  GLY 34  35  35  GLY GLY A . n 
A 1 35  THR 35  36  36  THR THR A . n 
A 1 36  PRO 36  37  37  PRO PRO A . n 
A 1 37  VAL 37  38  38  VAL VAL A . n 
A 1 38  ASP 38  39  39  ASP ASP A . n 
A 1 39  ASP 39  40  40  ASP ASP A . n 
A 1 40  LEU 40  41  41  LEU LEU A . n 
A 1 41  ASP 41  42  42  ASP ASP A . n 
A 1 42  ARG 42  43  43  ARG ARG A . n 
A 1 43  CYS 43  44  44  CYS CYS A . n 
A 1 44  CYS 44  45  45  CYS CYS A . n 
A 1 45  GLN 45  46  46  GLN GLN A . n 
A 1 46  THR 46  47  47  THR THR A . n 
A 1 47  HIS 47  48  48  HIS HIS A . n 
A 1 48  ASP 48  49  49  ASP ASP A . n 
A 1 49  ASN 49  50  50  ASN ASN A . n 
A 1 50  CYS 50  51  51  CYS CYS A . n 
A 1 51  TYR 51  52  52  TYR TYR A . n 
A 1 52  ASN 52  53  53  ASN ASN A . n 
A 1 53  GLU 53  54  54  GLU GLU A . n 
A 1 54  ALA 54  55  55  ALA ALA A . n 
A 1 55  GLU 55  56  56  GLU GLU A . n 
A 1 56  ASN 56  57  57  ASN ASN A . n 
A 1 57  ILE 57  58  58  ILE ILE A . n 
A 1 58  SER 58  59  59  SER SER A . n 
A 1 59  GLY 59  60  60  GLY GLY A . n 
A 1 60  CYS 60  61  61  CYS CYS A . n 
A 1 61  ARG 61  62  62  ARG ARG A . n 
A 1 62  PRO 62  63  63  PRO PRO A . n 
A 1 63  TYR 63  64  64  TYR TYR A . n 
A 1 64  PHE 64  65  65  PHE PHE A . n 
A 1 65  LYS 65  66  66  LYS LYS A . n 
A 1 66  THR 66  67  67  THR THR A . n 
A 1 67  TYR 67  68  68  TYR TYR A . n 
A 1 68  SER 68  69  69  SER SER A . n 
A 1 69  TYR 69  70  70  TYR TYR A . n 
A 1 70  GLU 70  71  71  GLU GLU A . n 
A 1 71  CYS 71  72  72  CYS CYS A . n 
A 1 72  THR 72  73  73  THR THR A . n 
A 1 73  GLN 73  74  74  GLN GLN A . n 
A 1 74  GLY 74  75  75  GLY GLY A . n 
A 1 75  THR 75  76  76  THR THR A . n 
A 1 76  LEU 76  77  77  LEU LEU A . n 
A 1 77  THR 77  78  78  THR THR A . n 
A 1 78  CYS 78  79  79  CYS CYS A . n 
A 1 79  LYS 79  80  80  LYS LYS A . n 
A 1 80  GLY 80  81  81  GLY GLY A . n 
A 1 81  ASP 81  82  82  ASP ASP A . n 
A 1 82  ASN 82  83  83  ASN ASN A . n 
A 1 83  ASN 83  84  84  ASN ASN A . n 
A 1 84  ALA 84  85  85  ALA ALA A . n 
A 1 85  CYS 85  86  86  CYS CYS A . n 
A 1 86  ALA 86  87  87  ALA ALA A . n 
A 1 87  ALA 87  88  88  ALA ALA A . n 
A 1 88  SER 88  89  89  SER SER A . n 
A 1 89  VAL 89  90  90  VAL VAL A . n 
A 1 90  CYS 90  91  91  CYS CYS A . n 
A 1 91  ASP 91  92  92  ASP ASP A . n 
A 1 92  CYS 92  93  93  CYS CYS A . n 
A 1 93  ASP 93  94  94  ASP ASP A . n 
A 1 94  ARG 94  95  95  ARG ARG A . n 
A 1 95  LEU 95  96  96  LEU LEU A . n 
A 1 96  ALA 96  97  97  ALA ALA A . n 
A 1 97  ALA 97  98  98  ALA ALA A . n 
A 1 98  ILE 98  99  99  ILE ILE A . n 
A 1 99  CYS 99  100 100 CYS CYS A . n 
A 1 100 PHE 100 101 101 PHE PHE A . n 
A 1 101 ALA 101 102 102 ALA ALA A . n 
A 1 102 GLY 102 103 103 GLY GLY A . n 
A 1 103 ALA 103 104 104 ALA ALA A . n 
A 1 104 PRO 104 105 105 PRO PRO A . n 
A 1 105 TYR 105 106 106 TYR TYR A . n 
A 1 106 ASN 106 107 107 ASN ASN A . n 
A 1 107 ASP 107 108 108 ASP ASP A . n 
A 1 108 ALA 108 109 109 ALA ALA A . n 
A 1 109 ASN 109 110 110 ASN ASN A . n 
A 1 110 TYR 110 111 111 TYR TYR A . n 
A 1 111 ASN 111 112 112 ASN ASN A . n 
A 1 112 ILE 112 113 113 ILE ILE A . n 
A 1 113 ASP 113 114 114 ASP ASP A . n 
A 1 114 LEU 114 115 115 LEU LEU A . n 
A 1 115 LYS 115 116 116 LYS LYS A . n 
A 1 116 ALA 116 117 117 ALA ALA A . n 
A 1 117 ARG 117 118 118 ARG ARG A . n 
A 1 118 CYS 118 119 119 CYS CYS A . n 
A 1 119 ASN 119 120 120 ASN ASN A . n 
B 2 1   VAL 1   1   1   VAL VAL B . n 
B 2 2   ALA 2   2   2   ALA ALA B . n 
B 2 3   PHE 3   3   3   PHE PHE B . n 
B 2 4   ARG 4   4   4   ARG ARG B . n 
B 2 5   SER 5   5   5   SER SER B . n 
# 
loop_
_pdbx_nonpoly_scheme.asym_id 
_pdbx_nonpoly_scheme.entity_id 
_pdbx_nonpoly_scheme.mon_id 
_pdbx_nonpoly_scheme.ndb_seq_num 
_pdbx_nonpoly_scheme.pdb_seq_num 
_pdbx_nonpoly_scheme.auth_seq_num 
_pdbx_nonpoly_scheme.pdb_mon_id 
_pdbx_nonpoly_scheme.auth_mon_id 
_pdbx_nonpoly_scheme.pdb_strand_id 
_pdbx_nonpoly_scheme.pdb_ins_code 
C 3 CA  1   201 201 CA  CA  A . 
D 4 HOH 1   202 1   HOH HOH A . 
D 4 HOH 2   203 2   HOH HOH A . 
D 4 HOH 3   204 3   HOH HOH A . 
D 4 HOH 4   205 4   HOH HOH A . 
D 4 HOH 5   206 5   HOH HOH A . 
D 4 HOH 6   207 6   HOH HOH A . 
D 4 HOH 7   208 7   HOH HOH A . 
D 4 HOH 8   209 8   HOH HOH A . 
D 4 HOH 9   210 9   HOH HOH A . 
D 4 HOH 10  211 10  HOH HOH A . 
D 4 HOH 11  212 11  HOH HOH A . 
D 4 HOH 12  213 12  HOH HOH A . 
D 4 HOH 13  214 13  HOH HOH A . 
D 4 HOH 14  215 14  HOH HOH A . 
D 4 HOH 15  216 15  HOH HOH A . 
D 4 HOH 16  217 16  HOH HOH A . 
D 4 HOH 17  218 17  HOH HOH A . 
D 4 HOH 18  219 18  HOH HOH A . 
D 4 HOH 19  220 19  HOH HOH A . 
D 4 HOH 20  221 20  HOH HOH A . 
D 4 HOH 21  222 21  HOH HOH A . 
D 4 HOH 22  223 22  HOH HOH A . 
D 4 HOH 23  224 23  HOH HOH A . 
D 4 HOH 24  225 24  HOH HOH A . 
D 4 HOH 25  226 25  HOH HOH A . 
D 4 HOH 26  227 26  HOH HOH A . 
D 4 HOH 27  228 27  HOH HOH A . 
D 4 HOH 28  229 28  HOH HOH A . 
D 4 HOH 29  230 29  HOH HOH A . 
D 4 HOH 30  231 30  HOH HOH A . 
D 4 HOH 31  232 31  HOH HOH A . 
D 4 HOH 32  233 32  HOH HOH A . 
D 4 HOH 33  234 33  HOH HOH A . 
D 4 HOH 34  235 34  HOH HOH A . 
D 4 HOH 35  236 35  HOH HOH A . 
D 4 HOH 36  237 36  HOH HOH A . 
D 4 HOH 37  238 37  HOH HOH A . 
D 4 HOH 38  239 38  HOH HOH A . 
D 4 HOH 39  240 39  HOH HOH A . 
D 4 HOH 40  241 40  HOH HOH A . 
D 4 HOH 41  242 41  HOH HOH A . 
D 4 HOH 42  243 42  HOH HOH A . 
D 4 HOH 43  244 43  HOH HOH A . 
D 4 HOH 44  245 44  HOH HOH A . 
D 4 HOH 45  246 45  HOH HOH A . 
D 4 HOH 46  247 46  HOH HOH A . 
D 4 HOH 47  248 47  HOH HOH A . 
D 4 HOH 48  249 48  HOH HOH A . 
D 4 HOH 49  250 49  HOH HOH A . 
D 4 HOH 50  251 50  HOH HOH A . 
D 4 HOH 51  252 51  HOH HOH A . 
D 4 HOH 52  253 52  HOH HOH A . 
D 4 HOH 53  254 53  HOH HOH A . 
D 4 HOH 54  255 54  HOH HOH A . 
D 4 HOH 55  256 55  HOH HOH A . 
D 4 HOH 56  257 56  HOH HOH A . 
D 4 HOH 57  258 57  HOH HOH A . 
D 4 HOH 58  259 58  HOH HOH A . 
D 4 HOH 59  260 59  HOH HOH A . 
D 4 HOH 60  261 60  HOH HOH A . 
D 4 HOH 61  262 61  HOH HOH A . 
D 4 HOH 62  263 62  HOH HOH A . 
D 4 HOH 63  264 63  HOH HOH A . 
D 4 HOH 64  265 64  HOH HOH A . 
D 4 HOH 65  266 65  HOH HOH A . 
D 4 HOH 66  267 66  HOH HOH A . 
D 4 HOH 67  268 67  HOH HOH A . 
D 4 HOH 68  269 68  HOH HOH A . 
D 4 HOH 69  270 69  HOH HOH A . 
D 4 HOH 70  271 70  HOH HOH A . 
D 4 HOH 71  272 71  HOH HOH A . 
D 4 HOH 72  273 72  HOH HOH A . 
D 4 HOH 73  274 73  HOH HOH A . 
D 4 HOH 74  275 74  HOH HOH A . 
D 4 HOH 75  276 75  HOH HOH A . 
D 4 HOH 76  277 76  HOH HOH A . 
D 4 HOH 77  278 77  HOH HOH A . 
D 4 HOH 78  279 78  HOH HOH A . 
D 4 HOH 79  280 79  HOH HOH A . 
D 4 HOH 80  281 80  HOH HOH A . 
D 4 HOH 81  282 81  HOH HOH A . 
D 4 HOH 82  283 82  HOH HOH A . 
D 4 HOH 83  284 83  HOH HOH A . 
D 4 HOH 84  285 84  HOH HOH A . 
D 4 HOH 85  286 85  HOH HOH A . 
D 4 HOH 86  287 86  HOH HOH A . 
D 4 HOH 87  288 87  HOH HOH A . 
D 4 HOH 88  289 89  HOH HOH A . 
D 4 HOH 89  290 90  HOH HOH A . 
D 4 HOH 90  291 91  HOH HOH A . 
D 4 HOH 91  292 92  HOH HOH A . 
D 4 HOH 92  293 93  HOH HOH A . 
D 4 HOH 93  294 94  HOH HOH A . 
D 4 HOH 94  295 95  HOH HOH A . 
D 4 HOH 95  296 96  HOH HOH A . 
D 4 HOH 96  297 97  HOH HOH A . 
D 4 HOH 97  298 98  HOH HOH A . 
D 4 HOH 98  299 99  HOH HOH A . 
D 4 HOH 99  300 100 HOH HOH A . 
D 4 HOH 100 301 101 HOH HOH A . 
D 4 HOH 101 302 102 HOH HOH A . 
D 4 HOH 102 303 103 HOH HOH A . 
D 4 HOH 103 304 104 HOH HOH A . 
D 4 HOH 104 305 105 HOH HOH A . 
E 4 HOH 1   88  88  HOH HOH B . 
# 
loop_
_software.name 
_software.classification 
_software.version 
_software.citation_id 
_software.pdbx_ordinal 
DENZO     'data reduction' .   ? 1 
SCALEPACK 'data scaling'   .   ? 2 
AMoRE     phasing          .   ? 3 
REFMAC    refinement       5.0 ? 4 
# 
_cell.entry_id           1MF4 
_cell.length_a           42.779 
_cell.length_b           42.779 
_cell.length_c           65.866 
_cell.angle_alpha        90.00 
_cell.angle_beta         90.00 
_cell.angle_gamma        90.00 
_cell.Z_PDB              4 
_cell.pdbx_unique_axis   ? 
_cell.length_a_esd       ? 
_cell.length_b_esd       ? 
_cell.length_c_esd       ? 
_cell.angle_alpha_esd    ? 
_cell.angle_beta_esd     ? 
_cell.angle_gamma_esd    ? 
# 
_symmetry.entry_id                         1MF4 
_symmetry.space_group_name_H-M             'P 41' 
_symmetry.pdbx_full_space_group_name_H-M   ? 
_symmetry.cell_setting                     ? 
_symmetry.Int_Tables_number                76 
_symmetry.space_group_name_Hall            ? 
# 
_exptl.entry_id          1MF4 
_exptl.method            'X-RAY DIFFRACTION' 
_exptl.crystals_number   1 
# 
_exptl_crystal.id                    1 
_exptl_crystal.density_meas          ? 
_exptl_crystal.density_Matthews      2.26 
_exptl_crystal.density_percent_sol   45.1 
_exptl_crystal.description           ? 
_exptl_crystal.F_000                 ? 
_exptl_crystal.preparation           ? 
# 
_exptl_crystal_grow.crystal_id      1 
_exptl_crystal_grow.method          ? 
_exptl_crystal_grow.temp            295 
_exptl_crystal_grow.temp_details    ? 
_exptl_crystal_grow.pH              6.00 
_exptl_crystal_grow.pdbx_details    
;sodium phosphate, CaCl2, ethanol;  Co-crystallation of protein: peptide in 1:10 molar ratio, pH 6.0, VAPOR DIFFUSION, SITTING DROP, temperature 295K, pH 6.00
;
_exptl_crystal_grow.pdbx_pH_range   . 
# 
_diffrn.id                     1 
_diffrn.ambient_temp           290.0 
_diffrn.ambient_temp_details   ? 
_diffrn.crystal_id             1 
# 
_diffrn_detector.diffrn_id              1 
_diffrn_detector.detector               'IMAGE PLATE' 
_diffrn_detector.type                   MARRESEARCH 
_diffrn_detector.pdbx_collection_date   2001-06-10 
_diffrn_detector.details                MONOCHROMATOR 
# 
_diffrn_radiation.diffrn_id                        1 
_diffrn_radiation.wavelength_id                    1 
_diffrn_radiation.pdbx_monochromatic_or_laue_m_l   M 
_diffrn_radiation.monochromator                    'GRAPHITE CRYSTAL' 
_diffrn_radiation.pdbx_diffrn_protocol             'SINGLE WAVELENGTH' 
_diffrn_radiation.pdbx_scattering_type             x-ray 
# 
_diffrn_radiation_wavelength.id           1 
_diffrn_radiation_wavelength.wavelength   1.5418 
_diffrn_radiation_wavelength.wt           1.0 
# 
_diffrn_source.diffrn_id                   1 
_diffrn_source.source                      'ROTATING ANODE' 
_diffrn_source.type                        'RIGAKU RU200' 
_diffrn_source.pdbx_synchrotron_site       ? 
_diffrn_source.pdbx_synchrotron_beamline   ? 
_diffrn_source.pdbx_wavelength             1.5418 
_diffrn_source.pdbx_wavelength_list        ? 
# 
_reflns.entry_id                     1MF4 
_reflns.observed_criterion_sigma_I   -3.000 
_reflns.observed_criterion_sigma_F   ? 
_reflns.d_resolution_low             20.000 
_reflns.d_resolution_high            1.900 
_reflns.number_obs                   8247 
_reflns.number_all                   ? 
_reflns.percent_possible_obs         93.2 
_reflns.pdbx_Rmerge_I_obs            ? 
_reflns.pdbx_Rsym_value              0.073 
_reflns.pdbx_netI_over_sigmaI        19.3000 
_reflns.B_iso_Wilson_estimate        20.63 
_reflns.pdbx_redundancy              1.040 
_reflns.R_free_details               ? 
_reflns.limit_h_max                  ? 
_reflns.limit_h_min                  ? 
_reflns.limit_k_max                  ? 
_reflns.limit_k_min                  ? 
_reflns.limit_l_max                  ? 
_reflns.limit_l_min                  ? 
_reflns.observed_criterion_F_max     ? 
_reflns.observed_criterion_F_min     ? 
_reflns.pdbx_chi_squared             ? 
_reflns.pdbx_scaling_rejects         ? 
_reflns.pdbx_ordinal                 1 
_reflns.pdbx_diffrn_id               1 
# 
_reflns_shell.d_res_high             1.90 
_reflns_shell.d_res_low              1.97 
_reflns_shell.percent_possible_all   61.3 
_reflns_shell.Rmerge_I_obs           ? 
_reflns_shell.pdbx_Rsym_value        0.289 
_reflns_shell.meanI_over_sigI_obs    1.900 
_reflns_shell.pdbx_redundancy        ? 
_reflns_shell.percent_possible_obs   ? 
_reflns_shell.number_unique_all      ? 
_reflns_shell.number_measured_all    ? 
_reflns_shell.number_measured_obs    ? 
_reflns_shell.number_unique_obs      ? 
_reflns_shell.pdbx_chi_squared       ? 
_reflns_shell.pdbx_ordinal           1 
_reflns_shell.pdbx_diffrn_id         1 
# 
_refine.entry_id                                 1MF4 
_refine.ls_number_reflns_obs                     8247 
_refine.ls_number_reflns_all                     8247 
_refine.pdbx_ls_sigma_I                          ? 
_refine.pdbx_ls_sigma_F                          0.000 
_refine.pdbx_data_cutoff_high_absF               ? 
_refine.pdbx_data_cutoff_low_absF                ? 
_refine.pdbx_data_cutoff_high_rms_absF           ? 
_refine.ls_d_res_low                             19.54 
_refine.ls_d_res_high                            1.90 
_refine.ls_percent_reflns_obs                    100.0 
_refine.ls_R_factor_obs                          0.184 
_refine.ls_R_factor_all                          ? 
_refine.ls_R_factor_R_work                       0.182 
_refine.ls_R_factor_R_free                       0.239 
_refine.ls_R_factor_R_free_error                 ? 
_refine.ls_R_factor_R_free_error_details         ? 
_refine.ls_percent_reflns_R_free                 4.700 
_refine.ls_number_reflns_R_free                  411 
_refine.ls_number_parameters                     ? 
_refine.ls_number_restraints                     ? 
_refine.occupancy_min                            ? 
_refine.occupancy_max                            ? 
_refine.correlation_coeff_Fo_to_Fc               0.952 
_refine.correlation_coeff_Fo_to_Fc_free          0.927 
_refine.B_iso_mean                               25.50 
_refine.aniso_B[1][1]                            -0.24000 
_refine.aniso_B[2][2]                            -0.24000 
_refine.aniso_B[3][3]                            0.49000 
_refine.aniso_B[1][2]                            0.00000 
_refine.aniso_B[1][3]                            0.00000 
_refine.aniso_B[2][3]                            0.00000 
_refine.solvent_model_details                    'BABINET MODEL WITH MASK' 
_refine.solvent_model_param_ksol                 ? 
_refine.solvent_model_param_bsol                 ? 
_refine.pdbx_solvent_vdw_probe_radii             1.40 
_refine.pdbx_solvent_ion_probe_radii             0.80 
_refine.pdbx_solvent_shrinkage_radii             0.80 
_refine.pdbx_ls_cross_valid_method               THROUGHOUT 
_refine.details                                  'HYDROGENS HAVE BEEN ADDED IN THE RIDING POSITIONS' 
_refine.pdbx_starting_model                      1LN8 
_refine.pdbx_method_to_determine_struct          'MOLECULAR REPLACEMENT' 
_refine.pdbx_isotropic_thermal_model             ? 
_refine.pdbx_stereochemistry_target_values       'MAXIMUM LIKELIHOOD' 
_refine.pdbx_stereochem_target_val_spec_case     ? 
_refine.pdbx_R_Free_selection_details            RANDOM 
_refine.pdbx_overall_ESU_R                       0.180 
_refine.pdbx_overall_ESU_R_Free                  0.165 
_refine.overall_SU_ML                            0.111 
_refine.overall_SU_B                             3.811 
_refine.ls_redundancy_reflns_obs                 ? 
_refine.B_iso_min                                ? 
_refine.B_iso_max                                ? 
_refine.overall_SU_R_Cruickshank_DPI             ? 
_refine.overall_SU_R_free                        ? 
_refine.ls_wR_factor_R_free                      ? 
_refine.ls_wR_factor_R_work                      ? 
_refine.overall_FOM_free_R_set                   ? 
_refine.overall_FOM_work_R_set                   ? 
_refine.pdbx_refine_id                           'X-RAY DIFFRACTION' 
_refine.pdbx_overall_phase_error                 ? 
_refine.pdbx_diffrn_id                           1 
_refine.pdbx_TLS_residual_ADP_flag               ? 
_refine.pdbx_overall_SU_R_free_Cruickshank_DPI   ? 
_refine.pdbx_overall_SU_R_Blow_DPI               ? 
_refine.pdbx_overall_SU_R_free_Blow_DPI          ? 
# 
_refine_hist.pdbx_refine_id                   'X-RAY DIFFRACTION' 
_refine_hist.cycle_id                         LAST 
_refine_hist.pdbx_number_atoms_protein        950 
_refine_hist.pdbx_number_atoms_nucleic_acid   0 
_refine_hist.pdbx_number_atoms_ligand         1 
_refine_hist.number_atoms_solvent             105 
_refine_hist.number_atoms_total               1056 
_refine_hist.d_res_high                       1.90 
_refine_hist.d_res_low                        19.54 
# 
loop_
_refine_ls_restr.type 
_refine_ls_restr.dev_ideal 
_refine_ls_restr.dev_ideal_target 
_refine_ls_restr.weight 
_refine_ls_restr.number 
_refine_ls_restr.pdbx_refine_id 
_refine_ls_restr.pdbx_restraint_function 
r_bond_refined_d         0.011  0.021  ? 975  'X-RAY DIFFRACTION' ? 
r_bond_other_d           ?      ?      ? ?    'X-RAY DIFFRACTION' ? 
r_angle_refined_deg      1.748  1.937  ? 1322 'X-RAY DIFFRACTION' ? 
r_angle_other_deg        ?      ?      ? ?    'X-RAY DIFFRACTION' ? 
r_dihedral_angle_1_deg   3.468  3.000  ? 121  'X-RAY DIFFRACTION' ? 
r_dihedral_angle_2_deg   17.004 15.000 ? 151  'X-RAY DIFFRACTION' ? 
r_dihedral_angle_3_deg   17.004 15.000 ? 151  'X-RAY DIFFRACTION' ? 
r_dihedral_angle_4_deg   ?      ?      ? ?    'X-RAY DIFFRACTION' ? 
r_chiral_restr           0.109  0.200  ? 135  'X-RAY DIFFRACTION' ? 
r_gen_planes_refined     0.006  0.020  ? 773  'X-RAY DIFFRACTION' ? 
r_gen_planes_other       ?      ?      ? ?    'X-RAY DIFFRACTION' ? 
r_nbd_refined            0.292  0.300  ? 456  'X-RAY DIFFRACTION' ? 
r_nbd_other              ?      ?      ? ?    'X-RAY DIFFRACTION' ? 
r_nbtor_refined          ?      ?      ? ?    'X-RAY DIFFRACTION' ? 
r_nbtor_other            ?      ?      ? ?    'X-RAY DIFFRACTION' ? 
r_xyhbond_nbd_refined    0.167  0.500  ? 82   'X-RAY DIFFRACTION' ? 
r_xyhbond_nbd_other      ?      ?      ? ?    'X-RAY DIFFRACTION' ? 
r_metal_ion_refined      ?      ?      ? ?    'X-RAY DIFFRACTION' ? 
r_metal_ion_other        ?      ?      ? ?    'X-RAY DIFFRACTION' ? 
r_symmetry_vdw_refined   0.449  0.300  ? 52   'X-RAY DIFFRACTION' ? 
r_symmetry_vdw_other     ?      ?      ? ?    'X-RAY DIFFRACTION' ? 
r_symmetry_hbond_refined 0.689  0.500  ? 20   'X-RAY DIFFRACTION' ? 
r_symmetry_hbond_other   ?      ?      ? ?    'X-RAY DIFFRACTION' ? 
r_mcbond_it              0.880  1.500  ? 613  'X-RAY DIFFRACTION' ? 
r_mcangle_it             1.769  2.000  ? 971  'X-RAY DIFFRACTION' ? 
r_scbond_it              2.472  3.000  ? 362  'X-RAY DIFFRACTION' ? 
r_scangle_it             3.903  4.500  ? 351  'X-RAY DIFFRACTION' ? 
r_rigid_bond_restr       ?      ?      ? ?    'X-RAY DIFFRACTION' ? 
r_sphericity_free        ?      ?      ? ?    'X-RAY DIFFRACTION' ? 
r_sphericity_bonded      ?      ?      ? ?    'X-RAY DIFFRACTION' ? 
# 
_refine_ls_shell.pdbx_total_number_of_bins_used   20 
_refine_ls_shell.d_res_high                       1.90 
_refine_ls_shell.d_res_low                        1.95 
_refine_ls_shell.number_reflns_R_work             314 
_refine_ls_shell.R_factor_R_work                  0.268 
_refine_ls_shell.percent_reflns_obs               ? 
_refine_ls_shell.R_factor_R_free                  0.27 
_refine_ls_shell.R_factor_R_free_error            ? 
_refine_ls_shell.percent_reflns_R_free            ? 
_refine_ls_shell.number_reflns_R_free             18 
_refine_ls_shell.redundancy_reflns_obs            ? 
_refine_ls_shell.number_reflns_all                ? 
_refine_ls_shell.number_reflns_obs                ? 
_refine_ls_shell.R_factor_all                     ? 
_refine_ls_shell.pdbx_refine_id                   'X-RAY DIFFRACTION' 
# 
_struct.entry_id                  1MF4 
_struct.title                     
;Structure-based design of potent and selective inhibitors of phospholipase A2: Crystal structure of the complex formed between phosholipase A2 from Naja Naja sagittifera and a designed peptide inhibitor at 1.9 A resolution
;
_struct.pdbx_model_details        ? 
_struct.pdbx_CASP_flag            ? 
_struct.pdbx_model_type_details   ? 
# 
_struct_keywords.entry_id        1MF4 
_struct_keywords.pdbx_keywords   'HYDROLASE/HYDROLASE INHIBITOR' 
_struct_keywords.text            
'Naja naja sagittifera, phospholipase A2, designed inhibitor, HYDROLASE-HYDROLASE INHIBITOR complex' 
# 
loop_
_struct_asym.id 
_struct_asym.pdbx_blank_PDB_chainid_flag 
_struct_asym.pdbx_modified 
_struct_asym.entity_id 
_struct_asym.details 
A N N 1 ? 
B N N 2 ? 
C N N 3 ? 
D N N 4 ? 
E N N 4 ? 
# 
loop_
_struct_ref.id 
_struct_ref.db_name 
_struct_ref.db_code 
_struct_ref.pdbx_db_accession 
_struct_ref.entity_id 
_struct_ref.pdbx_align_begin 
_struct_ref.pdbx_seq_one_letter_code 
_struct_ref.pdbx_db_isoform 
1 UNP PA23_NAJSG P60045 1 8 ? ? 
2 PDB 1MF4       1MF4   2 ? ? ? 
# 
loop_
_struct_ref_seq.align_id 
_struct_ref_seq.ref_id 
_struct_ref_seq.pdbx_PDB_id_code 
_struct_ref_seq.pdbx_strand_id 
_struct_ref_seq.seq_align_beg 
_struct_ref_seq.pdbx_seq_align_beg_ins_code 
_struct_ref_seq.seq_align_end 
_struct_ref_seq.pdbx_seq_align_end_ins_code 
_struct_ref_seq.pdbx_db_accession 
_struct_ref_seq.db_align_beg 
_struct_ref_seq.pdbx_db_align_beg_ins_code 
_struct_ref_seq.db_align_end 
_struct_ref_seq.pdbx_db_align_end_ins_code 
_struct_ref_seq.pdbx_auth_seq_align_beg 
_struct_ref_seq.pdbx_auth_seq_align_end 
1 1 1MF4 A 1 ? 119 ? P60045 8 ? 126 ? 1 120 
2 2 1MF4 B 1 ? 5   ? 1MF4   1 ? 5   ? 1 5   
# 
_pdbx_struct_assembly.id                   1 
_pdbx_struct_assembly.details              author_and_software_defined_assembly 
_pdbx_struct_assembly.method_details       PISA 
_pdbx_struct_assembly.oligomeric_details   dimeric 
_pdbx_struct_assembly.oligomeric_count     2 
# 
loop_
_pdbx_struct_assembly_prop.biol_id 
_pdbx_struct_assembly_prop.type 
_pdbx_struct_assembly_prop.value 
_pdbx_struct_assembly_prop.details 
1 'ABSA (A^2)' 1030 ? 
1 MORE         -16  ? 
1 'SSA (A^2)'  6720 ? 
# 
_pdbx_struct_assembly_gen.assembly_id       1 
_pdbx_struct_assembly_gen.oper_expression   1 
_pdbx_struct_assembly_gen.asym_id_list      A,B,C,D,E 
# 
_pdbx_struct_oper_list.id                   1 
_pdbx_struct_oper_list.type                 'identity operation' 
_pdbx_struct_oper_list.name                 1_555 
_pdbx_struct_oper_list.symmetry_operation   x,y,z 
_pdbx_struct_oper_list.matrix[1][1]         1.0000000000 
_pdbx_struct_oper_list.matrix[1][2]         0.0000000000 
_pdbx_struct_oper_list.matrix[1][3]         0.0000000000 
_pdbx_struct_oper_list.vector[1]            0.0000000000 
_pdbx_struct_oper_list.matrix[2][1]         0.0000000000 
_pdbx_struct_oper_list.matrix[2][2]         1.0000000000 
_pdbx_struct_oper_list.matrix[2][3]         0.0000000000 
_pdbx_struct_oper_list.vector[2]            0.0000000000 
_pdbx_struct_oper_list.matrix[3][1]         0.0000000000 
_pdbx_struct_oper_list.matrix[3][2]         0.0000000000 
_pdbx_struct_oper_list.matrix[3][3]         1.0000000000 
_pdbx_struct_oper_list.vector[3]            0.0000000000 
# 
_struct_biol.id        1 
_struct_biol.details   ? 
# 
loop_
_struct_conf.conf_type_id 
_struct_conf.id 
_struct_conf.pdbx_PDB_helix_id 
_struct_conf.beg_label_comp_id 
_struct_conf.beg_label_asym_id 
_struct_conf.beg_label_seq_id 
_struct_conf.pdbx_beg_PDB_ins_code 
_struct_conf.end_label_comp_id 
_struct_conf.end_label_asym_id 
_struct_conf.end_label_seq_id 
_struct_conf.pdbx_end_PDB_ins_code 
_struct_conf.beg_auth_comp_id 
_struct_conf.beg_auth_asym_id 
_struct_conf.beg_auth_seq_id 
_struct_conf.end_auth_comp_id 
_struct_conf.end_auth_asym_id 
_struct_conf.end_auth_seq_id 
_struct_conf.pdbx_PDB_helix_class 
_struct_conf.details 
_struct_conf.pdbx_PDB_helix_length 
HELX_P HELX_P1 1 ASN A 1   ? VAL A 13  ? ASN A 1   VAL A 13  1 ? 13 
HELX_P HELX_P2 2 SER A 17  ? ALA A 22  ? SER A 18  ALA A 23  5 ? 6  
HELX_P HELX_P3 3 ASP A 38  ? GLU A 55  ? ASP A 39  GLU A 56  1 ? 18 
HELX_P HELX_P4 4 ASN A 83  ? GLY A 102 ? ASN A 84  GLY A 103 1 ? 20 
HELX_P HELX_P5 5 ASN A 106 ? TYR A 110 ? ASN A 107 TYR A 111 5 ? 5  
HELX_P HELX_P6 6 ASP A 113 ? CYS A 118 ? ASP A 114 CYS A 119 1 ? 6  
# 
_struct_conf_type.id          HELX_P 
_struct_conf_type.criteria    ? 
_struct_conf_type.reference   ? 
# 
loop_
_struct_conn.id 
_struct_conn.conn_type_id 
_struct_conn.pdbx_leaving_atom_flag 
_struct_conn.pdbx_PDB_id 
_struct_conn.ptnr1_label_asym_id 
_struct_conn.ptnr1_label_comp_id 
_struct_conn.ptnr1_label_seq_id 
_struct_conn.ptnr1_label_atom_id 
_struct_conn.pdbx_ptnr1_label_alt_id 
_struct_conn.pdbx_ptnr1_PDB_ins_code 
_struct_conn.pdbx_ptnr1_standard_comp_id 
_struct_conn.ptnr1_symmetry 
_struct_conn.ptnr2_label_asym_id 
_struct_conn.ptnr2_label_comp_id 
_struct_conn.ptnr2_label_seq_id 
_struct_conn.ptnr2_label_atom_id 
_struct_conn.pdbx_ptnr2_label_alt_id 
_struct_conn.pdbx_ptnr2_PDB_ins_code 
_struct_conn.ptnr1_auth_asym_id 
_struct_conn.ptnr1_auth_comp_id 
_struct_conn.ptnr1_auth_seq_id 
_struct_conn.ptnr2_auth_asym_id 
_struct_conn.ptnr2_auth_comp_id 
_struct_conn.ptnr2_auth_seq_id 
_struct_conn.ptnr2_symmetry 
_struct_conn.pdbx_ptnr3_label_atom_id 
_struct_conn.pdbx_ptnr3_label_seq_id 
_struct_conn.pdbx_ptnr3_label_comp_id 
_struct_conn.pdbx_ptnr3_label_asym_id 
_struct_conn.pdbx_ptnr3_label_alt_id 
_struct_conn.pdbx_ptnr3_PDB_ins_code 
_struct_conn.details 
_struct_conn.pdbx_dist_value 
_struct_conn.pdbx_value_order 
_struct_conn.pdbx_role 
disulf1 disulf ? ? A CYS 11 SG  ? ? ? 1_555 A CYS 71  SG ? ? A CYS 11  A CYS 72  1_555 ? ? ? ? ? ? ? 2.063 ? ? 
disulf2 disulf ? ? A CYS 26 SG  ? ? ? 1_555 A CYS 118 SG ? ? A CYS 27  A CYS 119 1_555 ? ? ? ? ? ? ? 2.023 ? ? 
disulf3 disulf ? ? A CYS 28 SG  ? ? ? 1_555 A CYS 44  SG ? ? A CYS 29  A CYS 45  1_555 ? ? ? ? ? ? ? 2.045 ? ? 
disulf4 disulf ? ? A CYS 43 SG  ? ? ? 1_555 A CYS 99  SG ? ? A CYS 44  A CYS 100 1_555 ? ? ? ? ? ? ? 2.013 ? ? 
disulf5 disulf ? ? A CYS 50 SG  ? ? ? 1_555 A CYS 92  SG ? ? A CYS 51  A CYS 93  1_555 ? ? ? ? ? ? ? 2.016 ? ? 
disulf6 disulf ? ? A CYS 60 SG  ? ? ? 1_555 A CYS 85  SG ? ? A CYS 61  A CYS 86  1_555 ? ? ? ? ? ? ? 2.012 ? ? 
disulf7 disulf ? ? A CYS 78 SG  ? ? ? 1_555 A CYS 90  SG ? ? A CYS 79  A CYS 91  1_555 ? ? ? ? ? ? ? 2.024 ? ? 
metalc1 metalc ? ? A TYR 27 O   ? ? ? 1_555 C CA  .   CA ? ? A TYR 28  A CA  201 1_555 ? ? ? ? ? ? ? 2.763 ? ? 
metalc2 metalc ? ? A LYS 30 O   ? ? ? 1_555 C CA  .   CA ? ? A LYS 31  A CA  201 1_555 ? ? ? ? ? ? ? 2.560 ? ? 
metalc3 metalc ? ? A GLY 31 O   ? ? ? 1_555 C CA  .   CA ? ? A GLY 32  A CA  201 1_555 ? ? ? ? ? ? ? 2.437 ? ? 
metalc4 metalc ? ? A ASP 48 OD2 ? ? ? 1_555 C CA  .   CA ? ? A ASP 49  A CA  201 1_555 ? ? ? ? ? ? ? 2.519 ? ? 
metalc5 metalc ? ? A ASP 48 OD1 ? ? ? 1_555 C CA  .   CA ? ? A ASP 49  A CA  201 1_555 ? ? ? ? ? ? ? 3.003 ? ? 
metalc6 metalc ? ? C CA  .  CA  ? ? ? 1_555 D HOH .   O  ? ? A CA  201 A HOH 244 1_555 ? ? ? ? ? ? ? 2.583 ? ? 
# 
loop_
_struct_conn_type.id 
_struct_conn_type.criteria 
_struct_conn_type.reference 
disulf ? ? 
metalc ? ? 
# 
loop_
_pdbx_struct_conn_angle.id 
_pdbx_struct_conn_angle.ptnr1_label_atom_id 
_pdbx_struct_conn_angle.ptnr1_label_alt_id 
_pdbx_struct_conn_angle.ptnr1_label_asym_id 
_pdbx_struct_conn_angle.ptnr1_label_comp_id 
_pdbx_struct_conn_angle.ptnr1_label_seq_id 
_pdbx_struct_conn_angle.ptnr1_auth_atom_id 
_pdbx_struct_conn_angle.ptnr1_auth_asym_id 
_pdbx_struct_conn_angle.ptnr1_auth_comp_id 
_pdbx_struct_conn_angle.ptnr1_auth_seq_id 
_pdbx_struct_conn_angle.ptnr1_PDB_ins_code 
_pdbx_struct_conn_angle.ptnr1_symmetry 
_pdbx_struct_conn_angle.ptnr2_label_atom_id 
_pdbx_struct_conn_angle.ptnr2_label_alt_id 
_pdbx_struct_conn_angle.ptnr2_label_asym_id 
_pdbx_struct_conn_angle.ptnr2_label_comp_id 
_pdbx_struct_conn_angle.ptnr2_label_seq_id 
_pdbx_struct_conn_angle.ptnr2_auth_atom_id 
_pdbx_struct_conn_angle.ptnr2_auth_asym_id 
_pdbx_struct_conn_angle.ptnr2_auth_comp_id 
_pdbx_struct_conn_angle.ptnr2_auth_seq_id 
_pdbx_struct_conn_angle.ptnr2_PDB_ins_code 
_pdbx_struct_conn_angle.ptnr2_symmetry 
_pdbx_struct_conn_angle.ptnr3_label_atom_id 
_pdbx_struct_conn_angle.ptnr3_label_alt_id 
_pdbx_struct_conn_angle.ptnr3_label_asym_id 
_pdbx_struct_conn_angle.ptnr3_label_comp_id 
_pdbx_struct_conn_angle.ptnr3_label_seq_id 
_pdbx_struct_conn_angle.ptnr3_auth_atom_id 
_pdbx_struct_conn_angle.ptnr3_auth_asym_id 
_pdbx_struct_conn_angle.ptnr3_auth_comp_id 
_pdbx_struct_conn_angle.ptnr3_auth_seq_id 
_pdbx_struct_conn_angle.ptnr3_PDB_ins_code 
_pdbx_struct_conn_angle.ptnr3_symmetry 
_pdbx_struct_conn_angle.value 
_pdbx_struct_conn_angle.value_esd 
1  O   ? A TYR 27 ? A TYR 28 ? 1_555 CA ? C CA . ? A CA 201 ? 1_555 O   ? A LYS 30 ? A LYS 31  ? 1_555 112.3 ? 
2  O   ? A TYR 27 ? A TYR 28 ? 1_555 CA ? C CA . ? A CA 201 ? 1_555 O   ? A GLY 31 ? A GLY 32  ? 1_555 73.8  ? 
3  O   ? A LYS 30 ? A LYS 31 ? 1_555 CA ? C CA . ? A CA 201 ? 1_555 O   ? A GLY 31 ? A GLY 32  ? 1_555 56.7  ? 
4  O   ? A TYR 27 ? A TYR 28 ? 1_555 CA ? C CA . ? A CA 201 ? 1_555 OD2 ? A ASP 48 ? A ASP 49  ? 1_555 64.4  ? 
5  O   ? A LYS 30 ? A LYS 31 ? 1_555 CA ? C CA . ? A CA 201 ? 1_555 OD2 ? A ASP 48 ? A ASP 49  ? 1_555 140.7 ? 
6  O   ? A GLY 31 ? A GLY 32 ? 1_555 CA ? C CA . ? A CA 201 ? 1_555 OD2 ? A ASP 48 ? A ASP 49  ? 1_555 87.0  ? 
7  O   ? A TYR 27 ? A TYR 28 ? 1_555 CA ? C CA . ? A CA 201 ? 1_555 OD1 ? A ASP 48 ? A ASP 49  ? 1_555 76.2  ? 
8  O   ? A LYS 30 ? A LYS 31 ? 1_555 CA ? C CA . ? A CA 201 ? 1_555 OD1 ? A ASP 48 ? A ASP 49  ? 1_555 170.9 ? 
9  O   ? A GLY 31 ? A GLY 32 ? 1_555 CA ? C CA . ? A CA 201 ? 1_555 OD1 ? A ASP 48 ? A ASP 49  ? 1_555 131.2 ? 
10 OD2 ? A ASP 48 ? A ASP 49 ? 1_555 CA ? C CA . ? A CA 201 ? 1_555 OD1 ? A ASP 48 ? A ASP 49  ? 1_555 45.1  ? 
11 O   ? A TYR 27 ? A TYR 28 ? 1_555 CA ? C CA . ? A CA 201 ? 1_555 O   ? D HOH .  ? A HOH 244 ? 1_555 156.7 ? 
12 O   ? A LYS 30 ? A LYS 31 ? 1_555 CA ? C CA . ? A CA 201 ? 1_555 O   ? D HOH .  ? A HOH 244 ? 1_555 54.2  ? 
13 O   ? A GLY 31 ? A GLY 32 ? 1_555 CA ? C CA . ? A CA 201 ? 1_555 O   ? D HOH .  ? A HOH 244 ? 1_555 83.1  ? 
14 OD2 ? A ASP 48 ? A ASP 49 ? 1_555 CA ? C CA . ? A CA 201 ? 1_555 O   ? D HOH .  ? A HOH 244 ? 1_555 112.3 ? 
15 OD1 ? A ASP 48 ? A ASP 49 ? 1_555 CA ? C CA . ? A CA 201 ? 1_555 O   ? D HOH .  ? A HOH 244 ? 1_555 119.0 ? 
# 
loop_
_pdbx_modification_feature.ordinal 
_pdbx_modification_feature.label_comp_id 
_pdbx_modification_feature.label_asym_id 
_pdbx_modification_feature.label_seq_id 
_pdbx_modification_feature.label_alt_id 
_pdbx_modification_feature.modified_residue_label_comp_id 
_pdbx_modification_feature.modified_residue_label_asym_id 
_pdbx_modification_feature.modified_residue_label_seq_id 
_pdbx_modification_feature.modified_residue_label_alt_id 
_pdbx_modification_feature.auth_comp_id 
_pdbx_modification_feature.auth_asym_id 
_pdbx_modification_feature.auth_seq_id 
_pdbx_modification_feature.PDB_ins_code 
_pdbx_modification_feature.symmetry 
_pdbx_modification_feature.modified_residue_auth_comp_id 
_pdbx_modification_feature.modified_residue_auth_asym_id 
_pdbx_modification_feature.modified_residue_auth_seq_id 
_pdbx_modification_feature.modified_residue_PDB_ins_code 
_pdbx_modification_feature.modified_residue_symmetry 
_pdbx_modification_feature.comp_id_linking_atom 
_pdbx_modification_feature.modified_residue_id_linking_atom 
_pdbx_modification_feature.modified_residue_id 
_pdbx_modification_feature.ref_pcm_id 
_pdbx_modification_feature.ref_comp_id 
_pdbx_modification_feature.type 
_pdbx_modification_feature.category 
1 CYS A 11 ? CYS A 71  ? CYS A 11 ? 1_555 CYS A 72  ? 1_555 SG SG . . . None 'Disulfide bridge' 
2 CYS A 26 ? CYS A 118 ? CYS A 27 ? 1_555 CYS A 119 ? 1_555 SG SG . . . None 'Disulfide bridge' 
3 CYS A 28 ? CYS A 44  ? CYS A 29 ? 1_555 CYS A 45  ? 1_555 SG SG . . . None 'Disulfide bridge' 
4 CYS A 43 ? CYS A 99  ? CYS A 44 ? 1_555 CYS A 100 ? 1_555 SG SG . . . None 'Disulfide bridge' 
5 CYS A 50 ? CYS A 92  ? CYS A 51 ? 1_555 CYS A 93  ? 1_555 SG SG . . . None 'Disulfide bridge' 
6 CYS A 60 ? CYS A 85  ? CYS A 61 ? 1_555 CYS A 86  ? 1_555 SG SG . . . None 'Disulfide bridge' 
7 CYS A 78 ? CYS A 90  ? CYS A 79 ? 1_555 CYS A 91  ? 1_555 SG SG . . . None 'Disulfide bridge' 
# 
_struct_sheet.id               A 
_struct_sheet.type             ? 
_struct_sheet.number_strands   2 
_struct_sheet.details          ? 
# 
_struct_sheet_order.sheet_id     A 
_struct_sheet_order.range_id_1   1 
_struct_sheet_order.range_id_2   2 
_struct_sheet_order.offset       ? 
_struct_sheet_order.sense        anti-parallel 
# 
loop_
_struct_sheet_range.sheet_id 
_struct_sheet_range.id 
_struct_sheet_range.beg_label_comp_id 
_struct_sheet_range.beg_label_asym_id 
_struct_sheet_range.beg_label_seq_id 
_struct_sheet_range.pdbx_beg_PDB_ins_code 
_struct_sheet_range.end_label_comp_id 
_struct_sheet_range.end_label_asym_id 
_struct_sheet_range.end_label_seq_id 
_struct_sheet_range.pdbx_end_PDB_ins_code 
_struct_sheet_range.beg_auth_comp_id 
_struct_sheet_range.beg_auth_asym_id 
_struct_sheet_range.beg_auth_seq_id 
_struct_sheet_range.end_auth_comp_id 
_struct_sheet_range.end_auth_asym_id 
_struct_sheet_range.end_auth_seq_id 
A 1 TYR A 69 ? THR A 72 ? TYR A 70 THR A 73 
A 2 THR A 75 ? CYS A 78 ? THR A 76 CYS A 79 
# 
_pdbx_struct_sheet_hbond.sheet_id                A 
_pdbx_struct_sheet_hbond.range_id_1              1 
_pdbx_struct_sheet_hbond.range_id_2              2 
_pdbx_struct_sheet_hbond.range_1_label_atom_id   N 
_pdbx_struct_sheet_hbond.range_1_label_comp_id   GLU 
_pdbx_struct_sheet_hbond.range_1_label_asym_id   A 
_pdbx_struct_sheet_hbond.range_1_label_seq_id    70 
_pdbx_struct_sheet_hbond.range_1_PDB_ins_code    ? 
_pdbx_struct_sheet_hbond.range_1_auth_atom_id    N 
_pdbx_struct_sheet_hbond.range_1_auth_comp_id    GLU 
_pdbx_struct_sheet_hbond.range_1_auth_asym_id    A 
_pdbx_struct_sheet_hbond.range_1_auth_seq_id     71 
_pdbx_struct_sheet_hbond.range_2_label_atom_id   O 
_pdbx_struct_sheet_hbond.range_2_label_comp_id   THR 
_pdbx_struct_sheet_hbond.range_2_label_asym_id   A 
_pdbx_struct_sheet_hbond.range_2_label_seq_id    77 
_pdbx_struct_sheet_hbond.range_2_PDB_ins_code    ? 
_pdbx_struct_sheet_hbond.range_2_auth_atom_id    O 
_pdbx_struct_sheet_hbond.range_2_auth_comp_id    THR 
_pdbx_struct_sheet_hbond.range_2_auth_asym_id    A 
_pdbx_struct_sheet_hbond.range_2_auth_seq_id     78 
# 
loop_
_struct_site.id 
_struct_site.pdbx_evidence_code 
_struct_site.pdbx_auth_asym_id 
_struct_site.pdbx_auth_comp_id 
_struct_site.pdbx_auth_seq_id 
_struct_site.pdbx_auth_ins_code 
_struct_site.pdbx_num_residues 
_struct_site.details 
AC1 Software A CA 201 ? 6  'BINDING SITE FOR RESIDUE CA A 201'               
AC2 Software ? ?  ?   ? 20 'BINDING SITE FOR CHAIN B OF VAL-ALA-PHE-ARG-SER' 
# 
loop_
_struct_site_gen.id 
_struct_site_gen.site_id 
_struct_site_gen.pdbx_num_res 
_struct_site_gen.label_comp_id 
_struct_site_gen.label_asym_id 
_struct_site_gen.label_seq_id 
_struct_site_gen.pdbx_auth_ins_code 
_struct_site_gen.auth_comp_id 
_struct_site_gen.auth_asym_id 
_struct_site_gen.auth_seq_id 
_struct_site_gen.label_atom_id 
_struct_site_gen.label_alt_id 
_struct_site_gen.symmetry 
_struct_site_gen.details 
1  AC1 6  TYR A 27 ? TYR A 28  . ? 1_555 ? 
2  AC1 6  LYS A 30 ? LYS A 31  . ? 1_555 ? 
3  AC1 6  GLY A 31 ? GLY A 32  . ? 1_555 ? 
4  AC1 6  ASP A 48 ? ASP A 49  . ? 1_555 ? 
5  AC1 6  HOH D .  ? HOH A 244 . ? 1_555 ? 
6  AC1 6  ARG B 4  ? ARG B 4   . ? 1_555 ? 
7  AC2 20 PHE A 5  ? PHE A 5   . ? 1_555 ? 
8  AC2 20 LYS A 6  ? LYS A 6   . ? 1_555 ? 
9  AC2 20 ILE A 9  ? ILE A 9   . ? 1_555 ? 
10 AC2 20 TRP A 18 ? TRP A 19  . ? 1_555 ? 
11 AC2 20 PHE A 21 ? PHE A 22  . ? 1_555 ? 
12 AC2 20 ALA A 22 ? ALA A 23  . ? 1_555 ? 
13 AC2 20 TYR A 27 ? TYR A 28  . ? 1_555 ? 
14 AC2 20 GLY A 29 ? GLY A 30  . ? 1_555 ? 
15 AC2 20 LYS A 30 ? LYS A 31  . ? 1_555 ? 
16 AC2 20 ASP A 39 ? ASP A 40  . ? 3_655 ? 
17 AC2 20 ARG A 42 ? ARG A 43  . ? 3_655 ? 
18 AC2 20 CYS A 43 ? CYS A 44  . ? 3_655 ? 
19 AC2 20 CYS A 44 ? CYS A 45  . ? 1_555 ? 
20 AC2 20 THR A 46 ? THR A 47  . ? 3_655 ? 
21 AC2 20 HIS A 47 ? HIS A 48  . ? 1_555 ? 
22 AC2 20 ASP A 48 ? ASP A 49  . ? 1_555 ? 
23 AC2 20 TYR A 63 ? TYR A 64  . ? 1_555 ? 
24 AC2 20 CYS A 99 ? CYS A 100 . ? 3_655 ? 
25 AC2 20 CA  C .  ? CA  A 201 . ? 1_555 ? 
26 AC2 20 HOH E .  ? HOH B 88  . ? 1_555 ? 
# 
_pdbx_entry_details.entry_id                   1MF4 
_pdbx_entry_details.compound_details           ? 
_pdbx_entry_details.source_details             ? 
_pdbx_entry_details.nonpolymer_details         ? 
_pdbx_entry_details.sequence_details           ? 
_pdbx_entry_details.has_ligand_of_interest     ? 
_pdbx_entry_details.has_protein_modification   Y 
# 
loop_
_pdbx_validate_rmsd_angle.id 
_pdbx_validate_rmsd_angle.PDB_model_num 
_pdbx_validate_rmsd_angle.auth_atom_id_1 
_pdbx_validate_rmsd_angle.auth_asym_id_1 
_pdbx_validate_rmsd_angle.auth_comp_id_1 
_pdbx_validate_rmsd_angle.auth_seq_id_1 
_pdbx_validate_rmsd_angle.PDB_ins_code_1 
_pdbx_validate_rmsd_angle.label_alt_id_1 
_pdbx_validate_rmsd_angle.auth_atom_id_2 
_pdbx_validate_rmsd_angle.auth_asym_id_2 
_pdbx_validate_rmsd_angle.auth_comp_id_2 
_pdbx_validate_rmsd_angle.auth_seq_id_2 
_pdbx_validate_rmsd_angle.PDB_ins_code_2 
_pdbx_validate_rmsd_angle.label_alt_id_2 
_pdbx_validate_rmsd_angle.auth_atom_id_3 
_pdbx_validate_rmsd_angle.auth_asym_id_3 
_pdbx_validate_rmsd_angle.auth_comp_id_3 
_pdbx_validate_rmsd_angle.auth_seq_id_3 
_pdbx_validate_rmsd_angle.PDB_ins_code_3 
_pdbx_validate_rmsd_angle.label_alt_id_3 
_pdbx_validate_rmsd_angle.angle_value 
_pdbx_validate_rmsd_angle.angle_target_value 
_pdbx_validate_rmsd_angle.angle_deviation 
_pdbx_validate_rmsd_angle.angle_standard_deviation 
_pdbx_validate_rmsd_angle.linker_flag 
1 1 CG A LYS 6  ? ? CD A LYS 6  ? ? CE  A LYS 6  ? ? 142.80 111.90 30.90  3.00 N 
2 1 CB A ASP 94 ? ? CG A ASP 94 ? ? OD2 A ASP 94 ? ? 124.92 118.30 6.62   0.90 N 
3 1 CB B PHE 3  ? ? CA B PHE 3  ? ? C   B PHE 3  ? ? 93.58  110.40 -16.82 2.00 N 
4 1 CB B PHE 3  ? ? CG B PHE 3  ? ? CD2 B PHE 3  ? ? 116.51 120.80 -4.29  0.70 N 
# 
loop_
_pdbx_validate_torsion.id 
_pdbx_validate_torsion.PDB_model_num 
_pdbx_validate_torsion.auth_comp_id 
_pdbx_validate_torsion.auth_asym_id 
_pdbx_validate_torsion.auth_seq_id 
_pdbx_validate_torsion.PDB_ins_code 
_pdbx_validate_torsion.label_alt_id 
_pdbx_validate_torsion.phi 
_pdbx_validate_torsion.psi 
1 1 ASP A 24 ? ? -156.11 77.44   
2 1 LYS A 31 ? ? -116.05 -84.13  
3 1 ASP A 82 ? ? -90.91  37.16   
4 1 ALA B 2  ? ? -127.32 -64.40  
5 1 PHE B 3  ? ? -167.45 -168.19 
# 
loop_
_chem_comp_atom.comp_id 
_chem_comp_atom.atom_id 
_chem_comp_atom.type_symbol 
_chem_comp_atom.pdbx_aromatic_flag 
_chem_comp_atom.pdbx_stereo_config 
_chem_comp_atom.pdbx_ordinal 
ALA N    N  N N 1   
ALA CA   C  N S 2   
ALA C    C  N N 3   
ALA O    O  N N 4   
ALA CB   C  N N 5   
ALA OXT  O  N N 6   
ALA H    H  N N 7   
ALA H2   H  N N 8   
ALA HA   H  N N 9   
ALA HB1  H  N N 10  
ALA HB2  H  N N 11  
ALA HB3  H  N N 12  
ALA HXT  H  N N 13  
ARG N    N  N N 14  
ARG CA   C  N S 15  
ARG C    C  N N 16  
ARG O    O  N N 17  
ARG CB   C  N N 18  
ARG CG   C  N N 19  
ARG CD   C  N N 20  
ARG NE   N  N N 21  
ARG CZ   C  N N 22  
ARG NH1  N  N N 23  
ARG NH2  N  N N 24  
ARG OXT  O  N N 25  
ARG H    H  N N 26  
ARG H2   H  N N 27  
ARG HA   H  N N 28  
ARG HB2  H  N N 29  
ARG HB3  H  N N 30  
ARG HG2  H  N N 31  
ARG HG3  H  N N 32  
ARG HD2  H  N N 33  
ARG HD3  H  N N 34  
ARG HE   H  N N 35  
ARG HH11 H  N N 36  
ARG HH12 H  N N 37  
ARG HH21 H  N N 38  
ARG HH22 H  N N 39  
ARG HXT  H  N N 40  
ASN N    N  N N 41  
ASN CA   C  N S 42  
ASN C    C  N N 43  
ASN O    O  N N 44  
ASN CB   C  N N 45  
ASN CG   C  N N 46  
ASN OD1  O  N N 47  
ASN ND2  N  N N 48  
ASN OXT  O  N N 49  
ASN H    H  N N 50  
ASN H2   H  N N 51  
ASN HA   H  N N 52  
ASN HB2  H  N N 53  
ASN HB3  H  N N 54  
ASN HD21 H  N N 55  
ASN HD22 H  N N 56  
ASN HXT  H  N N 57  
ASP N    N  N N 58  
ASP CA   C  N S 59  
ASP C    C  N N 60  
ASP O    O  N N 61  
ASP CB   C  N N 62  
ASP CG   C  N N 63  
ASP OD1  O  N N 64  
ASP OD2  O  N N 65  
ASP OXT  O  N N 66  
ASP H    H  N N 67  
ASP H2   H  N N 68  
ASP HA   H  N N 69  
ASP HB2  H  N N 70  
ASP HB3  H  N N 71  
ASP HD2  H  N N 72  
ASP HXT  H  N N 73  
CA  CA   CA N N 74  
CYS N    N  N N 75  
CYS CA   C  N R 76  
CYS C    C  N N 77  
CYS O    O  N N 78  
CYS CB   C  N N 79  
CYS SG   S  N N 80  
CYS OXT  O  N N 81  
CYS H    H  N N 82  
CYS H2   H  N N 83  
CYS HA   H  N N 84  
CYS HB2  H  N N 85  
CYS HB3  H  N N 86  
CYS HG   H  N N 87  
CYS HXT  H  N N 88  
GLN N    N  N N 89  
GLN CA   C  N S 90  
GLN C    C  N N 91  
GLN O    O  N N 92  
GLN CB   C  N N 93  
GLN CG   C  N N 94  
GLN CD   C  N N 95  
GLN OE1  O  N N 96  
GLN NE2  N  N N 97  
GLN OXT  O  N N 98  
GLN H    H  N N 99  
GLN H2   H  N N 100 
GLN HA   H  N N 101 
GLN HB2  H  N N 102 
GLN HB3  H  N N 103 
GLN HG2  H  N N 104 
GLN HG3  H  N N 105 
GLN HE21 H  N N 106 
GLN HE22 H  N N 107 
GLN HXT  H  N N 108 
GLU N    N  N N 109 
GLU CA   C  N S 110 
GLU C    C  N N 111 
GLU O    O  N N 112 
GLU CB   C  N N 113 
GLU CG   C  N N 114 
GLU CD   C  N N 115 
GLU OE1  O  N N 116 
GLU OE2  O  N N 117 
GLU OXT  O  N N 118 
GLU H    H  N N 119 
GLU H2   H  N N 120 
GLU HA   H  N N 121 
GLU HB2  H  N N 122 
GLU HB3  H  N N 123 
GLU HG2  H  N N 124 
GLU HG3  H  N N 125 
GLU HE2  H  N N 126 
GLU HXT  H  N N 127 
GLY N    N  N N 128 
GLY CA   C  N N 129 
GLY C    C  N N 130 
GLY O    O  N N 131 
GLY OXT  O  N N 132 
GLY H    H  N N 133 
GLY H2   H  N N 134 
GLY HA2  H  N N 135 
GLY HA3  H  N N 136 
GLY HXT  H  N N 137 
HIS N    N  N N 138 
HIS CA   C  N S 139 
HIS C    C  N N 140 
HIS O    O  N N 141 
HIS CB   C  N N 142 
HIS CG   C  Y N 143 
HIS ND1  N  Y N 144 
HIS CD2  C  Y N 145 
HIS CE1  C  Y N 146 
HIS NE2  N  Y N 147 
HIS OXT  O  N N 148 
HIS H    H  N N 149 
HIS H2   H  N N 150 
HIS HA   H  N N 151 
HIS HB2  H  N N 152 
HIS HB3  H  N N 153 
HIS HD1  H  N N 154 
HIS HD2  H  N N 155 
HIS HE1  H  N N 156 
HIS HE2  H  N N 157 
HIS HXT  H  N N 158 
HOH O    O  N N 159 
HOH H1   H  N N 160 
HOH H2   H  N N 161 
ILE N    N  N N 162 
ILE CA   C  N S 163 
ILE C    C  N N 164 
ILE O    O  N N 165 
ILE CB   C  N S 166 
ILE CG1  C  N N 167 
ILE CG2  C  N N 168 
ILE CD1  C  N N 169 
ILE OXT  O  N N 170 
ILE H    H  N N 171 
ILE H2   H  N N 172 
ILE HA   H  N N 173 
ILE HB   H  N N 174 
ILE HG12 H  N N 175 
ILE HG13 H  N N 176 
ILE HG21 H  N N 177 
ILE HG22 H  N N 178 
ILE HG23 H  N N 179 
ILE HD11 H  N N 180 
ILE HD12 H  N N 181 
ILE HD13 H  N N 182 
ILE HXT  H  N N 183 
LEU N    N  N N 184 
LEU CA   C  N S 185 
LEU C    C  N N 186 
LEU O    O  N N 187 
LEU CB   C  N N 188 
LEU CG   C  N N 189 
LEU CD1  C  N N 190 
LEU CD2  C  N N 191 
LEU OXT  O  N N 192 
LEU H    H  N N 193 
LEU H2   H  N N 194 
LEU HA   H  N N 195 
LEU HB2  H  N N 196 
LEU HB3  H  N N 197 
LEU HG   H  N N 198 
LEU HD11 H  N N 199 
LEU HD12 H  N N 200 
LEU HD13 H  N N 201 
LEU HD21 H  N N 202 
LEU HD22 H  N N 203 
LEU HD23 H  N N 204 
LEU HXT  H  N N 205 
LYS N    N  N N 206 
LYS CA   C  N S 207 
LYS C    C  N N 208 
LYS O    O  N N 209 
LYS CB   C  N N 210 
LYS CG   C  N N 211 
LYS CD   C  N N 212 
LYS CE   C  N N 213 
LYS NZ   N  N N 214 
LYS OXT  O  N N 215 
LYS H    H  N N 216 
LYS H2   H  N N 217 
LYS HA   H  N N 218 
LYS HB2  H  N N 219 
LYS HB3  H  N N 220 
LYS HG2  H  N N 221 
LYS HG3  H  N N 222 
LYS HD2  H  N N 223 
LYS HD3  H  N N 224 
LYS HE2  H  N N 225 
LYS HE3  H  N N 226 
LYS HZ1  H  N N 227 
LYS HZ2  H  N N 228 
LYS HZ3  H  N N 229 
LYS HXT  H  N N 230 
MET N    N  N N 231 
MET CA   C  N S 232 
MET C    C  N N 233 
MET O    O  N N 234 
MET CB   C  N N 235 
MET CG   C  N N 236 
MET SD   S  N N 237 
MET CE   C  N N 238 
MET OXT  O  N N 239 
MET H    H  N N 240 
MET H2   H  N N 241 
MET HA   H  N N 242 
MET HB2  H  N N 243 
MET HB3  H  N N 244 
MET HG2  H  N N 245 
MET HG3  H  N N 246 
MET HE1  H  N N 247 
MET HE2  H  N N 248 
MET HE3  H  N N 249 
MET HXT  H  N N 250 
PHE N    N  N N 251 
PHE CA   C  N S 252 
PHE C    C  N N 253 
PHE O    O  N N 254 
PHE CB   C  N N 255 
PHE CG   C  Y N 256 
PHE CD1  C  Y N 257 
PHE CD2  C  Y N 258 
PHE CE1  C  Y N 259 
PHE CE2  C  Y N 260 
PHE CZ   C  Y N 261 
PHE OXT  O  N N 262 
PHE H    H  N N 263 
PHE H2   H  N N 264 
PHE HA   H  N N 265 
PHE HB2  H  N N 266 
PHE HB3  H  N N 267 
PHE HD1  H  N N 268 
PHE HD2  H  N N 269 
PHE HE1  H  N N 270 
PHE HE2  H  N N 271 
PHE HZ   H  N N 272 
PHE HXT  H  N N 273 
PRO N    N  N N 274 
PRO CA   C  N S 275 
PRO C    C  N N 276 
PRO O    O  N N 277 
PRO CB   C  N N 278 
PRO CG   C  N N 279 
PRO CD   C  N N 280 
PRO OXT  O  N N 281 
PRO H    H  N N 282 
PRO HA   H  N N 283 
PRO HB2  H  N N 284 
PRO HB3  H  N N 285 
PRO HG2  H  N N 286 
PRO HG3  H  N N 287 
PRO HD2  H  N N 288 
PRO HD3  H  N N 289 
PRO HXT  H  N N 290 
SER N    N  N N 291 
SER CA   C  N S 292 
SER C    C  N N 293 
SER O    O  N N 294 
SER CB   C  N N 295 
SER OG   O  N N 296 
SER OXT  O  N N 297 
SER H    H  N N 298 
SER H2   H  N N 299 
SER HA   H  N N 300 
SER HB2  H  N N 301 
SER HB3  H  N N 302 
SER HG   H  N N 303 
SER HXT  H  N N 304 
THR N    N  N N 305 
THR CA   C  N S 306 
THR C    C  N N 307 
THR O    O  N N 308 
THR CB   C  N R 309 
THR OG1  O  N N 310 
THR CG2  C  N N 311 
THR OXT  O  N N 312 
THR H    H  N N 313 
THR H2   H  N N 314 
THR HA   H  N N 315 
THR HB   H  N N 316 
THR HG1  H  N N 317 
THR HG21 H  N N 318 
THR HG22 H  N N 319 
THR HG23 H  N N 320 
THR HXT  H  N N 321 
TRP N    N  N N 322 
TRP CA   C  N S 323 
TRP C    C  N N 324 
TRP O    O  N N 325 
TRP CB   C  N N 326 
TRP CG   C  Y N 327 
TRP CD1  C  Y N 328 
TRP CD2  C  Y N 329 
TRP NE1  N  Y N 330 
TRP CE2  C  Y N 331 
TRP CE3  C  Y N 332 
TRP CZ2  C  Y N 333 
TRP CZ3  C  Y N 334 
TRP CH2  C  Y N 335 
TRP OXT  O  N N 336 
TRP H    H  N N 337 
TRP H2   H  N N 338 
TRP HA   H  N N 339 
TRP HB2  H  N N 340 
TRP HB3  H  N N 341 
TRP HD1  H  N N 342 
TRP HE1  H  N N 343 
TRP HE3  H  N N 344 
TRP HZ2  H  N N 345 
TRP HZ3  H  N N 346 
TRP HH2  H  N N 347 
TRP HXT  H  N N 348 
TYR N    N  N N 349 
TYR CA   C  N S 350 
TYR C    C  N N 351 
TYR O    O  N N 352 
TYR CB   C  N N 353 
TYR CG   C  Y N 354 
TYR CD1  C  Y N 355 
TYR CD2  C  Y N 356 
TYR CE1  C  Y N 357 
TYR CE2  C  Y N 358 
TYR CZ   C  Y N 359 
TYR OH   O  N N 360 
TYR OXT  O  N N 361 
TYR H    H  N N 362 
TYR H2   H  N N 363 
TYR HA   H  N N 364 
TYR HB2  H  N N 365 
TYR HB3  H  N N 366 
TYR HD1  H  N N 367 
TYR HD2  H  N N 368 
TYR HE1  H  N N 369 
TYR HE2  H  N N 370 
TYR HH   H  N N 371 
TYR HXT  H  N N 372 
VAL N    N  N N 373 
VAL CA   C  N S 374 
VAL C    C  N N 375 
VAL O    O  N N 376 
VAL CB   C  N N 377 
VAL CG1  C  N N 378 
VAL CG2  C  N N 379 
VAL OXT  O  N N 380 
VAL H    H  N N 381 
VAL H2   H  N N 382 
VAL HA   H  N N 383 
VAL HB   H  N N 384 
VAL HG11 H  N N 385 
VAL HG12 H  N N 386 
VAL HG13 H  N N 387 
VAL HG21 H  N N 388 
VAL HG22 H  N N 389 
VAL HG23 H  N N 390 
VAL HXT  H  N N 391 
# 
loop_
_chem_comp_bond.comp_id 
_chem_comp_bond.atom_id_1 
_chem_comp_bond.atom_id_2 
_chem_comp_bond.value_order 
_chem_comp_bond.pdbx_aromatic_flag 
_chem_comp_bond.pdbx_stereo_config 
_chem_comp_bond.pdbx_ordinal 
ALA N   CA   sing N N 1   
ALA N   H    sing N N 2   
ALA N   H2   sing N N 3   
ALA CA  C    sing N N 4   
ALA CA  CB   sing N N 5   
ALA CA  HA   sing N N 6   
ALA C   O    doub N N 7   
ALA C   OXT  sing N N 8   
ALA CB  HB1  sing N N 9   
ALA CB  HB2  sing N N 10  
ALA CB  HB3  sing N N 11  
ALA OXT HXT  sing N N 12  
ARG N   CA   sing N N 13  
ARG N   H    sing N N 14  
ARG N   H2   sing N N 15  
ARG CA  C    sing N N 16  
ARG CA  CB   sing N N 17  
ARG CA  HA   sing N N 18  
ARG C   O    doub N N 19  
ARG C   OXT  sing N N 20  
ARG CB  CG   sing N N 21  
ARG CB  HB2  sing N N 22  
ARG CB  HB3  sing N N 23  
ARG CG  CD   sing N N 24  
ARG CG  HG2  sing N N 25  
ARG CG  HG3  sing N N 26  
ARG CD  NE   sing N N 27  
ARG CD  HD2  sing N N 28  
ARG CD  HD3  sing N N 29  
ARG NE  CZ   sing N N 30  
ARG NE  HE   sing N N 31  
ARG CZ  NH1  sing N N 32  
ARG CZ  NH2  doub N N 33  
ARG NH1 HH11 sing N N 34  
ARG NH1 HH12 sing N N 35  
ARG NH2 HH21 sing N N 36  
ARG NH2 HH22 sing N N 37  
ARG OXT HXT  sing N N 38  
ASN N   CA   sing N N 39  
ASN N   H    sing N N 40  
ASN N   H2   sing N N 41  
ASN CA  C    sing N N 42  
ASN CA  CB   sing N N 43  
ASN CA  HA   sing N N 44  
ASN C   O    doub N N 45  
ASN C   OXT  sing N N 46  
ASN CB  CG   sing N N 47  
ASN CB  HB2  sing N N 48  
ASN CB  HB3  sing N N 49  
ASN CG  OD1  doub N N 50  
ASN CG  ND2  sing N N 51  
ASN ND2 HD21 sing N N 52  
ASN ND2 HD22 sing N N 53  
ASN OXT HXT  sing N N 54  
ASP N   CA   sing N N 55  
ASP N   H    sing N N 56  
ASP N   H2   sing N N 57  
ASP CA  C    sing N N 58  
ASP CA  CB   sing N N 59  
ASP CA  HA   sing N N 60  
ASP C   O    doub N N 61  
ASP C   OXT  sing N N 62  
ASP CB  CG   sing N N 63  
ASP CB  HB2  sing N N 64  
ASP CB  HB3  sing N N 65  
ASP CG  OD1  doub N N 66  
ASP CG  OD2  sing N N 67  
ASP OD2 HD2  sing N N 68  
ASP OXT HXT  sing N N 69  
CYS N   CA   sing N N 70  
CYS N   H    sing N N 71  
CYS N   H2   sing N N 72  
CYS CA  C    sing N N 73  
CYS CA  CB   sing N N 74  
CYS CA  HA   sing N N 75  
CYS C   O    doub N N 76  
CYS C   OXT  sing N N 77  
CYS CB  SG   sing N N 78  
CYS CB  HB2  sing N N 79  
CYS CB  HB3  sing N N 80  
CYS SG  HG   sing N N 81  
CYS OXT HXT  sing N N 82  
GLN N   CA   sing N N 83  
GLN N   H    sing N N 84  
GLN N   H2   sing N N 85  
GLN CA  C    sing N N 86  
GLN CA  CB   sing N N 87  
GLN CA  HA   sing N N 88  
GLN C   O    doub N N 89  
GLN C   OXT  sing N N 90  
GLN CB  CG   sing N N 91  
GLN CB  HB2  sing N N 92  
GLN CB  HB3  sing N N 93  
GLN CG  CD   sing N N 94  
GLN CG  HG2  sing N N 95  
GLN CG  HG3  sing N N 96  
GLN CD  OE1  doub N N 97  
GLN CD  NE2  sing N N 98  
GLN NE2 HE21 sing N N 99  
GLN NE2 HE22 sing N N 100 
GLN OXT HXT  sing N N 101 
GLU N   CA   sing N N 102 
GLU N   H    sing N N 103 
GLU N   H2   sing N N 104 
GLU CA  C    sing N N 105 
GLU CA  CB   sing N N 106 
GLU CA  HA   sing N N 107 
GLU C   O    doub N N 108 
GLU C   OXT  sing N N 109 
GLU CB  CG   sing N N 110 
GLU CB  HB2  sing N N 111 
GLU CB  HB3  sing N N 112 
GLU CG  CD   sing N N 113 
GLU CG  HG2  sing N N 114 
GLU CG  HG3  sing N N 115 
GLU CD  OE1  doub N N 116 
GLU CD  OE2  sing N N 117 
GLU OE2 HE2  sing N N 118 
GLU OXT HXT  sing N N 119 
GLY N   CA   sing N N 120 
GLY N   H    sing N N 121 
GLY N   H2   sing N N 122 
GLY CA  C    sing N N 123 
GLY CA  HA2  sing N N 124 
GLY CA  HA3  sing N N 125 
GLY C   O    doub N N 126 
GLY C   OXT  sing N N 127 
GLY OXT HXT  sing N N 128 
HIS N   CA   sing N N 129 
HIS N   H    sing N N 130 
HIS N   H2   sing N N 131 
HIS CA  C    sing N N 132 
HIS CA  CB   sing N N 133 
HIS CA  HA   sing N N 134 
HIS C   O    doub N N 135 
HIS C   OXT  sing N N 136 
HIS CB  CG   sing N N 137 
HIS CB  HB2  sing N N 138 
HIS CB  HB3  sing N N 139 
HIS CG  ND1  sing Y N 140 
HIS CG  CD2  doub Y N 141 
HIS ND1 CE1  doub Y N 142 
HIS ND1 HD1  sing N N 143 
HIS CD2 NE2  sing Y N 144 
HIS CD2 HD2  sing N N 145 
HIS CE1 NE2  sing Y N 146 
HIS CE1 HE1  sing N N 147 
HIS NE2 HE2  sing N N 148 
HIS OXT HXT  sing N N 149 
HOH O   H1   sing N N 150 
HOH O   H2   sing N N 151 
ILE N   CA   sing N N 152 
ILE N   H    sing N N 153 
ILE N   H2   sing N N 154 
ILE CA  C    sing N N 155 
ILE CA  CB   sing N N 156 
ILE CA  HA   sing N N 157 
ILE C   O    doub N N 158 
ILE C   OXT  sing N N 159 
ILE CB  CG1  sing N N 160 
ILE CB  CG2  sing N N 161 
ILE CB  HB   sing N N 162 
ILE CG1 CD1  sing N N 163 
ILE CG1 HG12 sing N N 164 
ILE CG1 HG13 sing N N 165 
ILE CG2 HG21 sing N N 166 
ILE CG2 HG22 sing N N 167 
ILE CG2 HG23 sing N N 168 
ILE CD1 HD11 sing N N 169 
ILE CD1 HD12 sing N N 170 
ILE CD1 HD13 sing N N 171 
ILE OXT HXT  sing N N 172 
LEU N   CA   sing N N 173 
LEU N   H    sing N N 174 
LEU N   H2   sing N N 175 
LEU CA  C    sing N N 176 
LEU CA  CB   sing N N 177 
LEU CA  HA   sing N N 178 
LEU C   O    doub N N 179 
LEU C   OXT  sing N N 180 
LEU CB  CG   sing N N 181 
LEU CB  HB2  sing N N 182 
LEU CB  HB3  sing N N 183 
LEU CG  CD1  sing N N 184 
LEU CG  CD2  sing N N 185 
LEU CG  HG   sing N N 186 
LEU CD1 HD11 sing N N 187 
LEU CD1 HD12 sing N N 188 
LEU CD1 HD13 sing N N 189 
LEU CD2 HD21 sing N N 190 
LEU CD2 HD22 sing N N 191 
LEU CD2 HD23 sing N N 192 
LEU OXT HXT  sing N N 193 
LYS N   CA   sing N N 194 
LYS N   H    sing N N 195 
LYS N   H2   sing N N 196 
LYS CA  C    sing N N 197 
LYS CA  CB   sing N N 198 
LYS CA  HA   sing N N 199 
LYS C   O    doub N N 200 
LYS C   OXT  sing N N 201 
LYS CB  CG   sing N N 202 
LYS CB  HB2  sing N N 203 
LYS CB  HB3  sing N N 204 
LYS CG  CD   sing N N 205 
LYS CG  HG2  sing N N 206 
LYS CG  HG3  sing N N 207 
LYS CD  CE   sing N N 208 
LYS CD  HD2  sing N N 209 
LYS CD  HD3  sing N N 210 
LYS CE  NZ   sing N N 211 
LYS CE  HE2  sing N N 212 
LYS CE  HE3  sing N N 213 
LYS NZ  HZ1  sing N N 214 
LYS NZ  HZ2  sing N N 215 
LYS NZ  HZ3  sing N N 216 
LYS OXT HXT  sing N N 217 
MET N   CA   sing N N 218 
MET N   H    sing N N 219 
MET N   H2   sing N N 220 
MET CA  C    sing N N 221 
MET CA  CB   sing N N 222 
MET CA  HA   sing N N 223 
MET C   O    doub N N 224 
MET C   OXT  sing N N 225 
MET CB  CG   sing N N 226 
MET CB  HB2  sing N N 227 
MET CB  HB3  sing N N 228 
MET CG  SD   sing N N 229 
MET CG  HG2  sing N N 230 
MET CG  HG3  sing N N 231 
MET SD  CE   sing N N 232 
MET CE  HE1  sing N N 233 
MET CE  HE2  sing N N 234 
MET CE  HE3  sing N N 235 
MET OXT HXT  sing N N 236 
PHE N   CA   sing N N 237 
PHE N   H    sing N N 238 
PHE N   H2   sing N N 239 
PHE CA  C    sing N N 240 
PHE CA  CB   sing N N 241 
PHE CA  HA   sing N N 242 
PHE C   O    doub N N 243 
PHE C   OXT  sing N N 244 
PHE CB  CG   sing N N 245 
PHE CB  HB2  sing N N 246 
PHE CB  HB3  sing N N 247 
PHE CG  CD1  doub Y N 248 
PHE CG  CD2  sing Y N 249 
PHE CD1 CE1  sing Y N 250 
PHE CD1 HD1  sing N N 251 
PHE CD2 CE2  doub Y N 252 
PHE CD2 HD2  sing N N 253 
PHE CE1 CZ   doub Y N 254 
PHE CE1 HE1  sing N N 255 
PHE CE2 CZ   sing Y N 256 
PHE CE2 HE2  sing N N 257 
PHE CZ  HZ   sing N N 258 
PHE OXT HXT  sing N N 259 
PRO N   CA   sing N N 260 
PRO N   CD   sing N N 261 
PRO N   H    sing N N 262 
PRO CA  C    sing N N 263 
PRO CA  CB   sing N N 264 
PRO CA  HA   sing N N 265 
PRO C   O    doub N N 266 
PRO C   OXT  sing N N 267 
PRO CB  CG   sing N N 268 
PRO CB  HB2  sing N N 269 
PRO CB  HB3  sing N N 270 
PRO CG  CD   sing N N 271 
PRO CG  HG2  sing N N 272 
PRO CG  HG3  sing N N 273 
PRO CD  HD2  sing N N 274 
PRO CD  HD3  sing N N 275 
PRO OXT HXT  sing N N 276 
SER N   CA   sing N N 277 
SER N   H    sing N N 278 
SER N   H2   sing N N 279 
SER CA  C    sing N N 280 
SER CA  CB   sing N N 281 
SER CA  HA   sing N N 282 
SER C   O    doub N N 283 
SER C   OXT  sing N N 284 
SER CB  OG   sing N N 285 
SER CB  HB2  sing N N 286 
SER CB  HB3  sing N N 287 
SER OG  HG   sing N N 288 
SER OXT HXT  sing N N 289 
THR N   CA   sing N N 290 
THR N   H    sing N N 291 
THR N   H2   sing N N 292 
THR CA  C    sing N N 293 
THR CA  CB   sing N N 294 
THR CA  HA   sing N N 295 
THR C   O    doub N N 296 
THR C   OXT  sing N N 297 
THR CB  OG1  sing N N 298 
THR CB  CG2  sing N N 299 
THR CB  HB   sing N N 300 
THR OG1 HG1  sing N N 301 
THR CG2 HG21 sing N N 302 
THR CG2 HG22 sing N N 303 
THR CG2 HG23 sing N N 304 
THR OXT HXT  sing N N 305 
TRP N   CA   sing N N 306 
TRP N   H    sing N N 307 
TRP N   H2   sing N N 308 
TRP CA  C    sing N N 309 
TRP CA  CB   sing N N 310 
TRP CA  HA   sing N N 311 
TRP C   O    doub N N 312 
TRP C   OXT  sing N N 313 
TRP CB  CG   sing N N 314 
TRP CB  HB2  sing N N 315 
TRP CB  HB3  sing N N 316 
TRP CG  CD1  doub Y N 317 
TRP CG  CD2  sing Y N 318 
TRP CD1 NE1  sing Y N 319 
TRP CD1 HD1  sing N N 320 
TRP CD2 CE2  doub Y N 321 
TRP CD2 CE3  sing Y N 322 
TRP NE1 CE2  sing Y N 323 
TRP NE1 HE1  sing N N 324 
TRP CE2 CZ2  sing Y N 325 
TRP CE3 CZ3  doub Y N 326 
TRP CE3 HE3  sing N N 327 
TRP CZ2 CH2  doub Y N 328 
TRP CZ2 HZ2  sing N N 329 
TRP CZ3 CH2  sing Y N 330 
TRP CZ3 HZ3  sing N N 331 
TRP CH2 HH2  sing N N 332 
TRP OXT HXT  sing N N 333 
TYR N   CA   sing N N 334 
TYR N   H    sing N N 335 
TYR N   H2   sing N N 336 
TYR CA  C    sing N N 337 
TYR CA  CB   sing N N 338 
TYR CA  HA   sing N N 339 
TYR C   O    doub N N 340 
TYR C   OXT  sing N N 341 
TYR CB  CG   sing N N 342 
TYR CB  HB2  sing N N 343 
TYR CB  HB3  sing N N 344 
TYR CG  CD1  doub Y N 345 
TYR CG  CD2  sing Y N 346 
TYR CD1 CE1  sing Y N 347 
TYR CD1 HD1  sing N N 348 
TYR CD2 CE2  doub Y N 349 
TYR CD2 HD2  sing N N 350 
TYR CE1 CZ   doub Y N 351 
TYR CE1 HE1  sing N N 352 
TYR CE2 CZ   sing Y N 353 
TYR CE2 HE2  sing N N 354 
TYR CZ  OH   sing N N 355 
TYR OH  HH   sing N N 356 
TYR OXT HXT  sing N N 357 
VAL N   CA   sing N N 358 
VAL N   H    sing N N 359 
VAL N   H2   sing N N 360 
VAL CA  C    sing N N 361 
VAL CA  CB   sing N N 362 
VAL CA  HA   sing N N 363 
VAL C   O    doub N N 364 
VAL C   OXT  sing N N 365 
VAL CB  CG1  sing N N 366 
VAL CB  CG2  sing N N 367 
VAL CB  HB   sing N N 368 
VAL CG1 HG11 sing N N 369 
VAL CG1 HG12 sing N N 370 
VAL CG1 HG13 sing N N 371 
VAL CG2 HG21 sing N N 372 
VAL CG2 HG22 sing N N 373 
VAL CG2 HG23 sing N N 374 
VAL OXT HXT  sing N N 375 
# 
_pdbx_initial_refinement_model.id               1 
_pdbx_initial_refinement_model.entity_id_list   ? 
_pdbx_initial_refinement_model.type             'experimental model' 
_pdbx_initial_refinement_model.source_name      PDB 
_pdbx_initial_refinement_model.accession_code   1LN8 
_pdbx_initial_refinement_model.details          ? 
# 
_atom_sites.entry_id                    1MF4 
_atom_sites.fract_transf_matrix[1][1]   0.00503256 
_atom_sites.fract_transf_matrix[1][2]   -0.01979478 
_atom_sites.fract_transf_matrix[1][3]   -0.01137002 
_atom_sites.fract_transf_matrix[2][1]   -0.01856244 
_atom_sites.fract_transf_matrix[2][2]   0.00322840 
_atom_sites.fract_transf_matrix[2][3]   -0.01383657 
_atom_sites.fract_transf_matrix[3][1]   0.00862956 
_atom_sites.fract_transf_matrix[3][2]   0.00779854 
_atom_sites.fract_transf_matrix[3][3]   -0.00975739 
_atom_sites.fract_transf_vector[1]      0.232740 
_atom_sites.fract_transf_vector[2]      0.459808 
_atom_sites.fract_transf_vector[3]      0.004369 
# 
loop_
_atom_type.symbol 
C  
CA 
N  
O  
S  
# 
loop_
_atom_site.group_PDB 
_atom_site.id 
_atom_site.type_symbol 
_atom_site.label_atom_id 
_atom_site.label_alt_id 
_atom_site.label_comp_id 
_atom_site.label_asym_id 
_atom_site.label_entity_id 
_atom_site.label_seq_id 
_atom_site.pdbx_PDB_ins_code 
_atom_site.Cartn_x 
_atom_site.Cartn_y 
_atom_site.Cartn_z 
_atom_site.occupancy 
_atom_site.B_iso_or_equiv 
_atom_site.pdbx_formal_charge 
_atom_site.auth_seq_id 
_atom_site.auth_comp_id 
_atom_site.auth_asym_id 
_atom_site.auth_atom_id 
_atom_site.pdbx_PDB_model_num 
ATOM   1    N  N   . ASN A 1 1   ? 2.805   7.511   -6.895  1.00 14.09 ? 1   ASN A N   1 
ATOM   2    C  CA  . ASN A 1 1   ? 4.190   7.020   -6.608  1.00 15.27 ? 1   ASN A CA  1 
ATOM   3    C  C   . ASN A 1 1   ? 4.369   6.743   -5.121  1.00 15.13 ? 1   ASN A C   1 
ATOM   4    O  O   . ASN A 1 1   ? 3.506   7.096   -4.306  1.00 14.81 ? 1   ASN A O   1 
ATOM   5    C  CB  . ASN A 1 1   ? 5.268   7.970   -7.156  1.00 16.00 ? 1   ASN A CB  1 
ATOM   6    C  CG  . ASN A 1 1   ? 5.308   9.295   -6.415  1.00 17.17 ? 1   ASN A CG  1 
ATOM   7    O  OD1 . ASN A 1 1   ? 5.072   9.346   -5.204  1.00 18.54 ? 1   ASN A OD1 1 
ATOM   8    N  ND2 . ASN A 1 1   ? 5.610   10.382  -7.147  1.00 19.31 ? 1   ASN A ND2 1 
ATOM   9    N  N   . LEU A 1 2   ? 5.460   6.073   -4.763  1.00 15.31 ? 2   LEU A N   1 
ATOM   10   C  CA  . LEU A 1 2   ? 5.650   5.693   -3.364  1.00 16.35 ? 2   LEU A CA  1 
ATOM   11   C  C   . LEU A 1 2   ? 5.641   6.879   -2.392  1.00 15.15 ? 2   LEU A C   1 
ATOM   12   O  O   . LEU A 1 2   ? 5.171   6.731   -1.287  1.00 14.68 ? 2   LEU A O   1 
ATOM   13   C  CB  . LEU A 1 2   ? 6.911   4.828   -3.180  1.00 17.18 ? 2   LEU A CB  1 
ATOM   14   C  CG  . LEU A 1 2   ? 6.632   3.326   -2.989  1.00 21.14 ? 2   LEU A CG  1 
ATOM   15   C  CD1 . LEU A 1 2   ? 5.438   2.824   -3.802  1.00 25.43 ? 2   LEU A CD1 1 
ATOM   16   C  CD2 . LEU A 1 2   ? 7.861   2.464   -3.252  1.00 23.02 ? 2   LEU A CD2 1 
ATOM   17   N  N   . TYR A 1 3   ? 6.193   8.023   -2.792  1.00 15.43 ? 3   TYR A N   1 
ATOM   18   C  CA  . TYR A 1 3   ? 6.132   9.243   -1.966  1.00 15.81 ? 3   TYR A CA  1 
ATOM   19   C  C   . TYR A 1 3   ? 4.656   9.622   -1.661  1.00 15.45 ? 3   TYR A C   1 
ATOM   20   O  O   . TYR A 1 3   ? 4.287   9.965   -0.519  1.00 14.28 ? 3   TYR A O   1 
ATOM   21   C  CB  . TYR A 1 3   ? 6.852   10.412  -2.677  1.00 16.09 ? 3   TYR A CB  1 
ATOM   22   C  CG  . TYR A 1 3   ? 6.703   11.752  -1.991  1.00 17.93 ? 3   TYR A CG  1 
ATOM   23   C  CD1 . TYR A 1 3   ? 7.469   12.080  -0.886  1.00 19.81 ? 3   TYR A CD1 1 
ATOM   24   C  CD2 . TYR A 1 3   ? 5.782   12.691  -2.454  1.00 19.90 ? 3   TYR A CD2 1 
ATOM   25   C  CE1 . TYR A 1 3   ? 7.317   13.312  -0.241  1.00 21.06 ? 3   TYR A CE1 1 
ATOM   26   C  CE2 . TYR A 1 3   ? 5.628   13.912  -1.828  1.00 20.93 ? 3   TYR A CE2 1 
ATOM   27   C  CZ  . TYR A 1 3   ? 6.403   14.221  -0.728  1.00 22.35 ? 3   TYR A CZ  1 
ATOM   28   O  OH  . TYR A 1 3   ? 6.245   15.439  -0.115  1.00 22.50 ? 3   TYR A OH  1 
ATOM   29   N  N   . GLN A 1 4   ? 3.813   9.533   -2.684  1.00 14.99 ? 4   GLN A N   1 
ATOM   30   C  CA  . GLN A 1 4   ? 2.406   9.869   -2.530  1.00 14.51 ? 4   GLN A CA  1 
ATOM   31   C  C   . GLN A 1 4   ? 1.691   8.854   -1.668  1.00 14.09 ? 4   GLN A C   1 
ATOM   32   O  O   . GLN A 1 4   ? 0.835   9.204   -0.875  1.00 13.63 ? 4   GLN A O   1 
ATOM   33   C  CB  . GLN A 1 4   ? 1.712   9.973   -3.896  1.00 14.64 ? 4   GLN A CB  1 
ATOM   34   C  CG  . GLN A 1 4   ? 2.214   11.129  -4.732  1.00 13.68 ? 4   GLN A CG  1 
ATOM   35   C  CD  . GLN A 1 4   ? 1.664   11.128  -6.133  1.00 14.19 ? 4   GLN A CD  1 
ATOM   36   O  OE1 . GLN A 1 4   ? 1.814   10.139  -6.879  1.00 12.73 ? 4   GLN A OE1 1 
ATOM   37   N  NE2 . GLN A 1 4   ? 1.057   12.252  -6.528  1.00 14.11 ? 4   GLN A NE2 1 
ATOM   38   N  N   . PHE A 1 5   ? 2.055   7.586   -1.809  1.00 14.39 ? 5   PHE A N   1 
ATOM   39   C  CA  . PHE A 1 5   ? 1.405   6.550   -1.015  1.00 14.58 ? 5   PHE A CA  1 
ATOM   40   C  C   . PHE A 1 5   ? 1.756   6.808   0.454   1.00 15.00 ? 5   PHE A C   1 
ATOM   41   O  O   . PHE A 1 5   ? 0.906   6.679   1.341   1.00 14.10 ? 5   PHE A O   1 
ATOM   42   C  CB  . PHE A 1 5   ? 1.893   5.174   -1.482  1.00 15.04 ? 5   PHE A CB  1 
ATOM   43   C  CG  . PHE A 1 5   ? 1.260   3.984   -0.762  1.00 15.51 ? 5   PHE A CG  1 
ATOM   44   C  CD1 . PHE A 1 5   ? -0.088  3.934   -0.482  1.00 14.80 ? 5   PHE A CD1 1 
ATOM   45   C  CD2 . PHE A 1 5   ? 2.057   2.889   -0.419  1.00 16.57 ? 5   PHE A CD2 1 
ATOM   46   C  CE1 . PHE A 1 5   ? -0.656  2.810   0.170   1.00 16.83 ? 5   PHE A CE1 1 
ATOM   47   C  CE2 . PHE A 1 5   ? 1.533   1.767   0.214   1.00 17.06 ? 5   PHE A CE2 1 
ATOM   48   C  CZ  . PHE A 1 5   ? 0.161   1.713   0.514   1.00 18.98 ? 5   PHE A CZ  1 
ATOM   49   N  N   . LYS A 1 6   ? 3.011   7.185   0.705   1.00 14.97 ? 6   LYS A N   1 
ATOM   50   C  CA  . LYS A 1 6   ? 3.427   7.481   2.082   1.00 16.60 ? 6   LYS A CA  1 
ATOM   51   C  C   . LYS A 1 6   ? 2.560   8.576   2.692   1.00 16.14 ? 6   LYS A C   1 
ATOM   52   O  O   . LYS A 1 6   ? 2.118   8.478   3.851   1.00 16.17 ? 6   LYS A O   1 
ATOM   53   C  CB  . LYS A 1 6   ? 4.935   7.484   2.203   1.00 17.48 ? 6   LYS A CB  1 
ATOM   54   C  CG  . LYS A 1 6   ? 5.217   7.987   3.618   1.00 22.36 ? 6   LYS A CG  1 
ATOM   55   C  CD  . LYS A 1 6   ? 6.266   9.062   3.597   1.00 28.63 ? 6   LYS A CD  1 
ATOM   56   C  CE  . LYS A 1 6   ? 7.215   9.776   2.698   1.00 31.97 ? 6   LYS A CE  1 
ATOM   57   N  NZ  . LYS A 1 6   ? 7.612   10.946  3.548   1.00 35.28 ? 6   LYS A NZ  1 
ATOM   58   N  N   . ASN A 1 7   ? 2.314   9.609   1.898   1.00 15.69 ? 7   ASN A N   1 
ATOM   59   C  CA  . ASN A 1 7   ? 1.486   10.733  2.327   1.00 15.72 ? 7   ASN A CA  1 
ATOM   60   C  C   . ASN A 1 7   ? 0.040   10.319  2.550   1.00 16.09 ? 7   ASN A C   1 
ATOM   61   O  O   . ASN A 1 7   ? -0.635  10.826  3.463   1.00 15.15 ? 7   ASN A O   1 
ATOM   62   C  CB  . ASN A 1 7   ? 1.616   11.900  1.337   1.00 16.24 ? 7   ASN A CB  1 
ATOM   63   C  CG  . ASN A 1 7   ? 2.850   12.754  1.621   1.00 17.73 ? 7   ASN A CG  1 
ATOM   64   O  OD1 . ASN A 1 7   ? 2.766   13.752  2.353   1.00 15.68 ? 7   ASN A OD1 1 
ATOM   65   N  ND2 . ASN A 1 7   ? 4.011   12.340  1.093   1.00 15.78 ? 7   ASN A ND2 1 
ATOM   66   N  N   . MET A 1 8   ? -0.459  9.394   1.722   1.00 15.79 ? 8   MET A N   1 
ATOM   67   C  CA  . MET A 1 8   ? -1.800  8.887   1.949   1.00 16.41 ? 8   MET A CA  1 
ATOM   68   C  C   . MET A 1 8   ? -1.875  8.223   3.321   1.00 17.48 ? 8   MET A C   1 
ATOM   69   O  O   . MET A 1 8   ? -2.820  8.445   4.059   1.00 17.01 ? 8   MET A O   1 
ATOM   70   C  CB  . MET A 1 8   ? -2.185  7.843   0.905   1.00 16.52 ? 8   MET A CB  1 
ATOM   71   C  CG  . MET A 1 8   ? -2.531  8.404   -0.430  1.00 15.63 ? 8   MET A CG  1 
ATOM   72   S  SD  . MET A 1 8   ? -3.440  7.138   -1.377  1.00 14.01 ? 8   MET A SD  1 
ATOM   73   C  CE  . MET A 1 8   ? -3.737  8.055   -2.862  1.00 15.59 ? 8   MET A CE  1 
ATOM   74   N  N   . ILE A 1 9   ? -0.871  7.413   3.655   1.00 17.70 ? 9   ILE A N   1 
ATOM   75   C  CA  . ILE A 1 9   ? -0.887  6.716   4.930   1.00 19.81 ? 9   ILE A CA  1 
ATOM   76   C  C   . ILE A 1 9   ? -0.826  7.719   6.089   1.00 21.16 ? 9   ILE A C   1 
ATOM   77   O  O   . ILE A 1 9   ? -1.553  7.580   7.062   1.00 21.00 ? 9   ILE A O   1 
ATOM   78   C  CB  . ILE A 1 9   ? 0.259   5.718   5.012   1.00 19.84 ? 9   ILE A CB  1 
ATOM   79   C  CG1 . ILE A 1 9   ? 0.072   4.613   3.959   1.00 20.04 ? 9   ILE A CG1 1 
ATOM   80   C  CG2 . ILE A 1 9   ? 0.273   5.048   6.356   1.00 20.00 ? 9   ILE A CG2 1 
ATOM   81   C  CD1 . ILE A 1 9   ? 1.320   3.863   3.746   1.00 17.28 ? 9   ILE A CD1 1 
ATOM   82   N  N   . GLN A 1 10  ? 0.065   8.704   5.979   1.00 22.50 ? 10  GLN A N   1 
ATOM   83   C  CA  . GLN A 1 10  ? 0.230   9.755   6.989   1.00 25.04 ? 10  GLN A CA  1 
ATOM   84   C  C   . GLN A 1 10  ? -1.066  10.534  7.176   1.00 26.43 ? 10  GLN A C   1 
ATOM   85   O  O   . GLN A 1 10  ? -1.347  11.064  8.262   1.00 25.94 ? 10  GLN A O   1 
ATOM   86   C  CB  . GLN A 1 10  ? 1.325   10.739  6.560   1.00 24.97 ? 10  GLN A CB  1 
ATOM   87   C  CG  . GLN A 1 10  ? 2.723   10.217  6.725   1.00 27.24 ? 10  GLN A CG  1 
ATOM   88   C  CD  . GLN A 1 10  ? 3.776   11.208  6.241   1.00 30.23 ? 10  GLN A CD  1 
ATOM   89   O  OE1 . GLN A 1 10  ? 4.938   11.103  6.616   1.00 32.16 ? 10  GLN A OE1 1 
ATOM   90   N  NE2 . GLN A 1 10  ? 3.373   12.162  5.401   1.00 31.43 ? 10  GLN A NE2 1 
ATOM   91   N  N   . CYS A 1 11  ? -1.882  10.585  6.132   1.00 27.73 ? 11  CYS A N   1 
ATOM   92   C  CA  . CYS A 1 11  ? -3.126  11.325  6.243   1.00 29.91 ? 11  CYS A CA  1 
ATOM   93   C  C   . CYS A 1 11  ? -4.265  10.467  6.816   1.00 29.96 ? 11  CYS A C   1 
ATOM   94   O  O   . CYS A 1 11  ? -5.173  10.995  7.458   1.00 30.34 ? 11  CYS A O   1 
ATOM   95   C  CB  . CYS A 1 11  ? -3.488  12.020  4.915   1.00 30.84 ? 11  CYS A CB  1 
ATOM   96   S  SG  . CYS A 1 11  ? -4.776  11.223  3.946   1.00 35.65 ? 11  CYS A SG  1 
ATOM   97   N  N   . THR A 1 12  ? -4.218  9.149   6.637   1.00 29.98 ? 12  THR A N   1 
ATOM   98   C  CA  . THR A 1 12  ? -5.285  8.319   7.199   1.00 30.50 ? 12  THR A CA  1 
ATOM   99   C  C   . THR A 1 12  ? -4.873  7.652   8.498   1.00 30.99 ? 12  THR A C   1 
ATOM   100  O  O   . THR A 1 12  ? -5.727  7.209   9.251   1.00 31.19 ? 12  THR A O   1 
ATOM   101  C  CB  . THR A 1 12  ? -5.770  7.242   6.221   1.00 30.48 ? 12  THR A CB  1 
ATOM   102  O  OG1 . THR A 1 12  ? -4.721  6.281   6.012   1.00 31.28 ? 12  THR A OG1 1 
ATOM   103  C  CG2 . THR A 1 12  ? -6.025  7.840   4.855   1.00 30.58 ? 12  THR A CG2 1 
ATOM   104  N  N   . VAL A 1 13  ? -3.578  7.554   8.750   1.00 31.49 ? 13  VAL A N   1 
ATOM   105  C  CA  . VAL A 1 13  ? -3.102  6.975   10.003  1.00 32.74 ? 13  VAL A CA  1 
ATOM   106  C  C   . VAL A 1 13  ? -2.038  7.886   10.618  1.00 34.09 ? 13  VAL A C   1 
ATOM   107  O  O   . VAL A 1 13  ? -0.869  7.525   10.680  1.00 33.55 ? 13  VAL A O   1 
ATOM   108  C  CB  . VAL A 1 13  ? -2.500  5.569   9.793   1.00 32.64 ? 13  VAL A CB  1 
ATOM   109  C  CG1 . VAL A 1 13  ? -2.413  4.825   11.115  1.00 32.44 ? 13  VAL A CG1 1 
ATOM   110  C  CG2 . VAL A 1 13  ? -3.331  4.766   8.801   1.00 32.23 ? 13  VAL A CG2 1 
ATOM   111  N  N   . PRO A 1 14  ? -2.446  9.071   11.070  1.00 35.84 ? 14  PRO A N   1 
ATOM   112  C  CA  . PRO A 1 14  ? -1.510  10.069  11.614  1.00 37.32 ? 14  PRO A CA  1 
ATOM   113  C  C   . PRO A 1 14  ? -0.940  9.640   12.965  1.00 38.61 ? 14  PRO A C   1 
ATOM   114  O  O   . PRO A 1 14  ? 0.168   10.043  13.325  1.00 38.66 ? 14  PRO A O   1 
ATOM   115  C  CB  . PRO A 1 14  ? -2.400  11.300  11.788  1.00 37.66 ? 14  PRO A CB  1 
ATOM   116  C  CG  . PRO A 1 14  ? -3.748  10.694  12.083  1.00 37.16 ? 14  PRO A CG  1 
ATOM   117  C  CD  . PRO A 1 14  ? -3.837  9.557   11.095  1.00 36.10 ? 14  PRO A CD  1 
ATOM   118  N  N   . SER A 1 15  ? -1.659  8.678   13.568  1.00 40.00 ? 15  SER A N   1 
ATOM   119  C  CA  . SER A 1 15  ? -1.191  7.998   14.780  1.00 41.35 ? 15  SER A CA  1 
ATOM   120  C  C   . SER A 1 15  ? 0.111   7.155   14.555  1.00 41.81 ? 15  SER A C   1 
ATOM   121  O  O   . SER A 1 15  ? 0.920   7.118   15.493  1.00 42.71 ? 15  SER A O   1 
ATOM   122  C  CB  . SER A 1 15  ? -2.291  7.127   15.368  1.00 41.61 ? 15  SER A CB  1 
ATOM   123  O  OG  . SER A 1 15  ? -2.820  6.237   14.397  1.00 43.13 ? 15  SER A OG  1 
ATOM   124  N  N   . ARG A 1 16  ? 0.386   6.511   13.406  1.00 49.62 ? 17  ARG A N   1 
ATOM   125  C  CA  . ARG A 1 16  ? 1.736   5.819   13.413  1.00 49.34 ? 17  ARG A CA  1 
ATOM   126  C  C   . ARG A 1 16  ? 2.628   6.210   12.221  1.00 48.86 ? 17  ARG A C   1 
ATOM   127  O  O   . ARG A 1 16  ? 2.143   6.697   11.190  1.00 48.98 ? 17  ARG A O   1 
ATOM   128  C  CB  . ARG A 1 16  ? 1.601   4.298   13.517  1.00 49.67 ? 17  ARG A CB  1 
ATOM   129  C  CG  . ARG A 1 16  ? 0.356   3.697   12.897  1.00 50.66 ? 17  ARG A CG  1 
ATOM   130  C  CD  . ARG A 1 16  ? 0.241   2.203   13.230  1.00 51.70 ? 17  ARG A CD  1 
ATOM   131  N  NE  . ARG A 1 16  ? 1.373   1.662   13.979  1.00 51.84 ? 17  ARG A NE  1 
ATOM   132  C  CZ  . ARG A 1 16  ? 1.287   1.145   15.200  1.00 51.44 ? 17  ARG A CZ  1 
ATOM   133  N  NH1 . ARG A 1 16  ? 0.117   1.096   15.817  1.00 50.25 ? 17  ARG A NH1 1 
ATOM   134  N  NH2 . ARG A 1 16  ? 2.371   0.674   15.804  1.00 50.93 ? 17  ARG A NH2 1 
ATOM   135  N  N   . SER A 1 17  ? 3.940   6.006   12.385  1.00 48.00 ? 18  SER A N   1 
ATOM   136  C  CA  . SER A 1 17  ? 4.893   6.337   11.352  1.00 47.02 ? 18  SER A CA  1 
ATOM   137  C  C   . SER A 1 17  ? 4.667   5.398   10.187  1.00 46.05 ? 18  SER A C   1 
ATOM   138  O  O   . SER A 1 17  ? 4.308   4.233   10.367  1.00 46.40 ? 18  SER A O   1 
ATOM   139  C  CB  . SER A 1 17  ? 6.323   6.196   11.852  1.00 47.41 ? 18  SER A CB  1 
ATOM   140  O  OG  . SER A 1 17  ? 7.235   6.488   10.800  1.00 48.49 ? 18  SER A OG  1 
ATOM   141  N  N   . TRP A 1 18  ? 4.886   5.914   8.991   1.00 44.45 ? 19  TRP A N   1 
ATOM   142  C  CA  . TRP A 1 18  ? 4.693   5.154   7.779   1.00 42.87 ? 19  TRP A CA  1 
ATOM   143  C  C   . TRP A 1 18  ? 5.615   3.938   7.718   1.00 40.87 ? 19  TRP A C   1 
ATOM   144  O  O   . TRP A 1 18  ? 5.278   2.921   7.099   1.00 40.64 ? 19  TRP A O   1 
ATOM   145  C  CB  . TRP A 1 18  ? 5.164   6.063   6.653   1.00 43.58 ? 19  TRP A CB  1 
ATOM   146  C  CG  . TRP A 1 18  ? 6.588   6.519   6.474   1.00 45.86 ? 19  TRP A CG  1 
ATOM   147  C  CD1 . TRP A 1 18  ? 7.155   7.661   6.973   1.00 48.25 ? 19  TRP A CD1 1 
ATOM   148  C  CD2 . TRP A 1 18  ? 7.613   5.863   5.724   1.00 47.85 ? 19  TRP A CD2 1 
ATOM   149  N  NE1 . TRP A 1 18  ? 8.472   7.743   6.587   1.00 49.29 ? 19  TRP A NE1 1 
ATOM   150  C  CE2 . TRP A 1 18  ? 8.779   6.650   5.823   1.00 49.18 ? 19  TRP A CE2 1 
ATOM   151  C  CE3 . TRP A 1 18  ? 7.671   4.677   4.986   1.00 48.75 ? 19  TRP A CE3 1 
ATOM   152  C  CZ2 . TRP A 1 18  ? 9.975   6.294   5.209   1.00 50.34 ? 19  TRP A CZ2 1 
ATOM   153  C  CZ3 . TRP A 1 18  ? 8.855   4.325   4.380   1.00 49.75 ? 19  TRP A CZ3 1 
ATOM   154  C  CH2 . TRP A 1 18  ? 9.993   5.126   4.494   1.00 50.84 ? 19  TRP A CH2 1 
ATOM   155  N  N   . ALA A 1 19  ? 6.785   4.050   8.347   1.00 37.76 ? 20  ALA A N   1 
ATOM   156  C  CA  . ALA A 1 19  ? 7.763   2.965   8.355   1.00 35.24 ? 20  ALA A CA  1 
ATOM   157  C  C   . ALA A 1 19  ? 7.206   1.688   8.999   1.00 33.13 ? 20  ALA A C   1 
ATOM   158  O  O   . ALA A 1 19  ? 7.687   0.597   8.735   1.00 32.53 ? 20  ALA A O   1 
ATOM   159  C  CB  . ALA A 1 19  ? 9.041   3.406   9.085   1.00 35.35 ? 20  ALA A CB  1 
ATOM   160  N  N   . ASP A 1 20  ? 6.196   1.837   9.845   1.00 31.12 ? 21  ASP A N   1 
ATOM   161  C  CA  . ASP A 1 20  ? 5.605   0.696   10.528  1.00 29.13 ? 21  ASP A CA  1 
ATOM   162  C  C   . ASP A 1 20  ? 4.939   -0.235  9.541   1.00 27.72 ? 21  ASP A C   1 
ATOM   163  O  O   . ASP A 1 20  ? 4.771   -1.419  9.815   1.00 26.80 ? 21  ASP A O   1 
ATOM   164  C  CB  . ASP A 1 20  ? 4.590   1.152   11.562  1.00 29.36 ? 21  ASP A CB  1 
ATOM   165  C  CG  . ASP A 1 20  ? 5.244   1.836   12.741  1.00 30.80 ? 21  ASP A CG  1 
ATOM   166  O  OD1 . ASP A 1 20  ? 6.494   1.894   12.775  1.00 31.03 ? 21  ASP A OD1 1 
ATOM   167  O  OD2 . ASP A 1 20  ? 4.587   2.347   13.669  1.00 32.55 ? 21  ASP A OD2 1 
ATOM   168  N  N   . PHE A 1 21  ? 4.570   0.309   8.389   1.00 25.74 ? 22  PHE A N   1 
ATOM   169  C  CA  . PHE A 1 21  ? 3.887   -0.468  7.373   1.00 24.77 ? 22  PHE A CA  1 
ATOM   170  C  C   . PHE A 1 21  ? 4.822   -0.954  6.295   1.00 23.74 ? 22  PHE A C   1 
ATOM   171  O  O   . PHE A 1 21  ? 4.397   -1.682  5.405   1.00 23.87 ? 22  PHE A O   1 
ATOM   172  C  CB  . PHE A 1 21  ? 2.772   0.371   6.743   1.00 24.80 ? 22  PHE A CB  1 
ATOM   173  C  CG  . PHE A 1 21  ? 1.764   0.872   7.741   1.00 25.62 ? 22  PHE A CG  1 
ATOM   174  C  CD1 . PHE A 1 21  ? 0.712   0.063   8.139   1.00 25.24 ? 22  PHE A CD1 1 
ATOM   175  C  CD2 . PHE A 1 21  ? 1.889   2.129   8.306   1.00 26.16 ? 22  PHE A CD2 1 
ATOM   176  C  CE1 . PHE A 1 21  ? -0.211  0.502   9.058   1.00 25.43 ? 22  PHE A CE1 1 
ATOM   177  C  CE2 . PHE A 1 21  ? 0.967   2.579   9.220   1.00 24.02 ? 22  PHE A CE2 1 
ATOM   178  C  CZ  . PHE A 1 21  ? -0.084  1.763   9.600   1.00 25.92 ? 22  PHE A CZ  1 
ATOM   179  N  N   . ALA A 1 22  ? 6.089   -0.552  6.364   1.00 22.55 ? 23  ALA A N   1 
ATOM   180  C  CA  . ALA A 1 22  ? 7.039   -0.869  5.291   1.00 22.15 ? 23  ALA A CA  1 
ATOM   181  C  C   . ALA A 1 22  ? 7.722   -2.212  5.408   1.00 21.62 ? 23  ALA A C   1 
ATOM   182  O  O   . ALA A 1 22  ? 8.445   -2.620  4.508   1.00 21.55 ? 23  ALA A O   1 
ATOM   183  C  CB  . ALA A 1 22  ? 8.101   0.237   5.153   1.00 22.50 ? 23  ALA A CB  1 
ATOM   184  N  N   . ASP A 1 23  ? 7.520   -2.898  6.513   1.00 21.16 ? 24  ASP A N   1 
ATOM   185  C  CA  . ASP A 1 23  ? 8.118   -4.213  6.671   1.00 20.42 ? 24  ASP A CA  1 
ATOM   186  C  C   . ASP A 1 23  ? 7.270   -4.967  7.687   1.00 19.50 ? 24  ASP A C   1 
ATOM   187  O  O   . ASP A 1 23  ? 7.639   -5.074  8.839   1.00 19.28 ? 24  ASP A O   1 
ATOM   188  C  CB  . ASP A 1 23  ? 9.552   -4.070  7.169   1.00 21.57 ? 24  ASP A CB  1 
ATOM   189  C  CG  . ASP A 1 23  ? 10.189  -5.404  7.464   1.00 23.41 ? 24  ASP A CG  1 
ATOM   190  O  OD1 . ASP A 1 23  ? 9.791   -6.464  6.933   1.00 23.72 ? 24  ASP A OD1 1 
ATOM   191  O  OD2 . ASP A 1 23  ? 11.129  -5.434  8.281   1.00 27.61 ? 24  ASP A OD2 1 
ATOM   192  N  N   . TYR A 1 24  ? 6.119   -5.460  7.241   1.00 18.22 ? 25  TYR A N   1 
ATOM   193  C  CA  . TYR A 1 24  ? 5.149   -6.098  8.113   1.00 17.52 ? 25  TYR A CA  1 
ATOM   194  C  C   . TYR A 1 24  ? 4.558   -7.305  7.427   1.00 17.48 ? 25  TYR A C   1 
ATOM   195  O  O   . TYR A 1 24  ? 4.228   -7.271  6.222   1.00 16.29 ? 25  TYR A O   1 
ATOM   196  C  CB  . TYR A 1 24  ? 4.036   -5.097  8.468   1.00 17.56 ? 25  TYR A CB  1 
ATOM   197  C  CG  . TYR A 1 24  ? 2.994   -5.583  9.475   1.00 18.71 ? 25  TYR A CG  1 
ATOM   198  C  CD1 . TYR A 1 24  ? 1.947   -6.421  9.084   1.00 18.83 ? 25  TYR A CD1 1 
ATOM   199  C  CD2 . TYR A 1 24  ? 3.039   -5.168  10.810  1.00 19.57 ? 25  TYR A CD2 1 
ATOM   200  C  CE1 . TYR A 1 24  ? 0.985   -6.850  9.998   1.00 18.64 ? 25  TYR A CE1 1 
ATOM   201  C  CE2 . TYR A 1 24  ? 2.086   -5.585  11.730  1.00 17.40 ? 25  TYR A CE2 1 
ATOM   202  C  CZ  . TYR A 1 24  ? 1.069   -6.429  11.321  1.00 18.94 ? 25  TYR A CZ  1 
ATOM   203  O  OH  . TYR A 1 24  ? 0.117   -6.823  12.238  1.00 18.74 ? 25  TYR A OH  1 
ATOM   204  N  N   . GLY A 1 25  ? 4.449   -8.391  8.188   1.00 17.13 ? 26  GLY A N   1 
ATOM   205  C  CA  . GLY A 1 25  ? 3.857   -9.616  7.686   1.00 17.26 ? 26  GLY A CA  1 
ATOM   206  C  C   . GLY A 1 25  ? 4.566   -10.119 6.457   1.00 17.00 ? 26  GLY A C   1 
ATOM   207  O  O   . GLY A 1 25  ? 5.728   -9.802  6.232   1.00 17.56 ? 26  GLY A O   1 
ATOM   208  N  N   . CYS A 1 26  ? 3.851   -10.897 5.656   1.00 16.80 ? 27  CYS A N   1 
ATOM   209  C  CA  . CYS A 1 26  ? 4.395   -11.460 4.434   1.00 17.09 ? 27  CYS A CA  1 
ATOM   210  C  C   . CYS A 1 26  ? 4.229   -10.566 3.203   1.00 17.47 ? 27  CYS A C   1 
ATOM   211  O  O   . CYS A 1 26  ? 4.891   -10.786 2.218   1.00 18.47 ? 27  CYS A O   1 
ATOM   212  C  CB  . CYS A 1 26  ? 3.769   -12.839 4.168   1.00 17.13 ? 27  CYS A CB  1 
ATOM   213  S  SG  . CYS A 1 26  ? 4.339   -14.093 5.369   1.00 17.15 ? 27  CYS A SG  1 
ATOM   214  N  N   . TYR A 1 27  ? 3.360   -9.558  3.264   1.00 17.63 ? 28  TYR A N   1 
ATOM   215  C  CA  . TYR A 1 27  ? 3.075   -8.755  2.090   1.00 18.64 ? 28  TYR A CA  1 
ATOM   216  C  C   . TYR A 1 27  ? 3.396   -7.275  2.143   1.00 19.69 ? 28  TYR A C   1 
ATOM   217  O  O   . TYR A 1 27  ? 3.565   -6.669  1.095   1.00 20.60 ? 28  TYR A O   1 
ATOM   218  C  CB  . TYR A 1 27  ? 1.613   -8.934  1.683   1.00 18.23 ? 28  TYR A CB  1 
ATOM   219  C  CG  . TYR A 1 27  ? 1.393   -10.314 1.146   1.00 19.43 ? 28  TYR A CG  1 
ATOM   220  C  CD1 . TYR A 1 27  ? 1.075   -11.368 1.998   1.00 20.82 ? 28  TYR A CD1 1 
ATOM   221  C  CD2 . TYR A 1 27  ? 1.553   -10.574 -0.200  1.00 18.80 ? 28  TYR A CD2 1 
ATOM   222  C  CE1 . TYR A 1 27  ? 0.911   -12.645 1.509   1.00 20.80 ? 28  TYR A CE1 1 
ATOM   223  C  CE2 . TYR A 1 27  ? 1.388   -11.831 -0.703  1.00 20.21 ? 28  TYR A CE2 1 
ATOM   224  C  CZ  . TYR A 1 27  ? 1.071   -12.868 0.151   1.00 21.93 ? 28  TYR A CZ  1 
ATOM   225  O  OH  . TYR A 1 27  ? 0.907   -14.116 -0.371  1.00 21.96 ? 28  TYR A OH  1 
ATOM   226  N  N   . CYS A 1 28  ? 3.474   -6.697  3.337   1.00 20.12 ? 29  CYS A N   1 
ATOM   227  C  CA  . CYS A 1 28  ? 3.727   -5.265  3.482   1.00 22.01 ? 29  CYS A CA  1 
ATOM   228  C  C   . CYS A 1 28  ? 5.217   -4.886  3.301   1.00 24.08 ? 29  CYS A C   1 
ATOM   229  O  O   . CYS A 1 28  ? 6.008   -5.112  4.216   1.00 24.33 ? 29  CYS A O   1 
ATOM   230  C  CB  . CYS A 1 28  ? 3.238   -4.802  4.860   1.00 19.86 ? 29  CYS A CB  1 
ATOM   231  S  SG  . CYS A 1 28  ? 1.482   -5.040  5.229   1.00 16.29 ? 29  CYS A SG  1 
ATOM   232  N  N   . GLY A 1 29  ? 5.610   -4.338  2.145   1.00 27.42 ? 30  GLY A N   1 
ATOM   233  C  CA  . GLY A 1 29  ? 6.993   -3.885  1.969   1.00 31.38 ? 30  GLY A CA  1 
ATOM   234  C  C   . GLY A 1 29  ? 7.915   -4.426  0.893   1.00 34.52 ? 30  GLY A C   1 
ATOM   235  O  O   . GLY A 1 29  ? 8.277   -3.707  -0.050  1.00 36.37 ? 30  GLY A O   1 
ATOM   236  N  N   . LYS A 1 30  ? 8.402   -5.638  1.080   1.00 37.01 ? 31  LYS A N   1 
ATOM   237  C  CA  . LYS A 1 30  ? 9.151   -6.361  0.066   1.00 39.16 ? 31  LYS A CA  1 
ATOM   238  C  C   . LYS A 1 30  ? 8.213   -7.521  -0.165  1.00 39.61 ? 31  LYS A C   1 
ATOM   239  O  O   . LYS A 1 30  ? 7.350   -7.482  -1.042  1.00 40.50 ? 31  LYS A O   1 
ATOM   240  C  CB  . LYS A 1 30  ? 10.500  -6.875  0.596   1.00 39.49 ? 31  LYS A CB  1 
ATOM   241  C  CG  . LYS A 1 30  ? 11.228  -7.935  -0.317  1.00 41.67 ? 31  LYS A CG  1 
ATOM   242  C  CD  . LYS A 1 30  ? 12.738  -8.022  0.033   1.00 44.89 ? 31  LYS A CD  1 
ATOM   243  C  CE  . LYS A 1 30  ? 13.640  -8.771  -0.980  1.00 45.98 ? 31  LYS A CE  1 
ATOM   244  N  NZ  . LYS A 1 30  ? 15.062  -8.289  -0.831  1.00 47.58 ? 31  LYS A NZ  1 
ATOM   245  N  N   . GLY A 1 31  ? 8.344   -8.528  0.686   1.00 40.35 ? 32  GLY A N   1 
ATOM   246  C  CA  . GLY A 1 31  ? 7.555   -9.745  0.607   1.00 40.06 ? 32  GLY A CA  1 
ATOM   247  C  C   . GLY A 1 31  ? 6.312   -9.694  -0.269  1.00 39.75 ? 32  GLY A C   1 
ATOM   248  O  O   . GLY A 1 31  ? 5.523   -8.744  -0.202  1.00 40.16 ? 32  GLY A O   1 
ATOM   249  N  N   . GLY A 1 32  ? 6.149   -10.728 -1.093  1.00 38.80 ? 33  GLY A N   1 
ATOM   250  C  CA  . GLY A 1 32  ? 4.960   -10.921 -1.897  1.00 37.16 ? 33  GLY A CA  1 
ATOM   251  C  C   . GLY A 1 32  ? 4.655   -12.414 -2.015  1.00 36.09 ? 33  GLY A C   1 
ATOM   252  O  O   . GLY A 1 32  ? 4.433   -12.894 -3.120  1.00 36.49 ? 33  GLY A O   1 
ATOM   253  N  N   . SER A 1 33  ? 4.635   -13.149 -0.895  1.00 34.82 ? 34  SER A N   1 
ATOM   254  C  CA  . SER A 1 33  ? 4.362   -14.594 -0.924  1.00 33.04 ? 34  SER A CA  1 
ATOM   255  C  C   . SER A 1 33  ? 3.811   -15.200 0.369   1.00 31.95 ? 34  SER A C   1 
ATOM   256  O  O   . SER A 1 33  ? 3.906   -14.608 1.435   1.00 31.71 ? 34  SER A O   1 
ATOM   257  C  CB  . SER A 1 33  ? 5.636   -15.362 -1.302  1.00 33.50 ? 34  SER A CB  1 
ATOM   258  O  OG  . SER A 1 33  ? 6.556   -15.372 -0.221  1.00 32.84 ? 34  SER A OG  1 
ATOM   259  N  N   . GLY A 1 34  ? 3.223   -16.387 0.257   1.00 30.45 ? 35  GLY A N   1 
ATOM   260  C  CA  . GLY A 1 34  ? 2.769   -17.134 1.416   1.00 29.24 ? 35  GLY A CA  1 
ATOM   261  C  C   . GLY A 1 34  ? 1.422   -16.712 1.970   1.00 28.31 ? 35  GLY A C   1 
ATOM   262  O  O   . GLY A 1 34  ? 0.673   -15.970 1.335   1.00 27.84 ? 35  GLY A O   1 
ATOM   263  N  N   . THR A 1 35  ? 1.123   -17.208 3.164   1.00 27.33 ? 36  THR A N   1 
ATOM   264  C  CA  . THR A 1 35  ? -0.119  -16.922 3.852   1.00 26.67 ? 36  THR A CA  1 
ATOM   265  C  C   . THR A 1 35  ? -0.066  -15.589 4.593   1.00 25.68 ? 36  THR A C   1 
ATOM   266  O  O   . THR A 1 35  ? 0.777   -15.378 5.463   1.00 25.32 ? 36  THR A O   1 
ATOM   267  C  CB  . THR A 1 35  ? -0.414  -18.057 4.858   1.00 27.33 ? 36  THR A CB  1 
ATOM   268  O  OG1 . THR A 1 35  ? -0.709  -19.260 4.143   1.00 28.52 ? 36  THR A OG1 1 
ATOM   269  C  CG2 . THR A 1 35  ? -1.690  -17.790 5.623   1.00 28.53 ? 36  THR A CG2 1 
ATOM   270  N  N   . PRO A 1 36  ? -0.978  -14.685 4.261   1.00 24.48 ? 37  PRO A N   1 
ATOM   271  C  CA  . PRO A 1 36  ? -1.047  -13.406 4.974   1.00 23.71 ? 37  PRO A CA  1 
ATOM   272  C  C   . PRO A 1 36  ? -1.224  -13.711 6.451   1.00 23.21 ? 37  PRO A C   1 
ATOM   273  O  O   . PRO A 1 36  ? -2.081  -14.516 6.822   1.00 23.40 ? 37  PRO A O   1 
ATOM   274  C  CB  . PRO A 1 36  ? -2.316  -12.747 4.420   1.00 23.30 ? 37  PRO A CB  1 
ATOM   275  C  CG  . PRO A 1 36  ? -2.617  -13.465 3.128   1.00 23.73 ? 37  PRO A CG  1 
ATOM   276  C  CD  . PRO A 1 36  ? -2.016  -14.830 3.227   1.00 24.34 ? 37  PRO A CD  1 
ATOM   277  N  N   . VAL A 1 37  ? -0.445  -13.067 7.298   1.00 22.95 ? 38  VAL A N   1 
ATOM   278  C  CA  . VAL A 1 37  ? -0.480  -13.416 8.710   1.00 22.98 ? 38  VAL A CA  1 
ATOM   279  C  C   . VAL A 1 37  ? -1.616  -12.791 9.506   1.00 22.97 ? 38  VAL A C   1 
ATOM   280  O  O   . VAL A 1 37  ? -1.948  -13.272 10.588  1.00 23.12 ? 38  VAL A O   1 
ATOM   281  C  CB  . VAL A 1 37  ? 0.847   -13.080 9.381   1.00 23.22 ? 38  VAL A CB  1 
ATOM   282  C  CG1 . VAL A 1 37  ? 1.993   -13.736 8.627   1.00 24.23 ? 38  VAL A CG1 1 
ATOM   283  C  CG2 . VAL A 1 37  ? 1.027   -11.579 9.440   1.00 22.44 ? 38  VAL A CG2 1 
ATOM   284  N  N   . ASP A 1 38  ? -2.209  -11.716 8.993   1.00 22.61 ? 39  ASP A N   1 
ATOM   285  C  CA  . ASP A 1 38  ? -3.316  -11.079 9.690   1.00 22.30 ? 39  ASP A CA  1 
ATOM   286  C  C   . ASP A 1 38  ? -4.097  -10.120 8.776   1.00 22.35 ? 39  ASP A C   1 
ATOM   287  O  O   . ASP A 1 38  ? -3.871  -10.112 7.565   1.00 21.45 ? 39  ASP A O   1 
ATOM   288  C  CB  . ASP A 1 38  ? -2.844  -10.432 11.011  1.00 22.07 ? 39  ASP A CB  1 
ATOM   289  C  CG  . ASP A 1 38  ? -2.008  -9.195  10.807  1.00 22.56 ? 39  ASP A CG  1 
ATOM   290  O  OD1 . ASP A 1 38  ? -1.798  -8.776  9.636   1.00 19.71 ? 39  ASP A OD1 1 
ATOM   291  O  OD2 . ASP A 1 38  ? -1.536  -8.557  11.792  1.00 21.41 ? 39  ASP A OD2 1 
ATOM   292  N  N   . ASP A 1 39  ? -5.029  -9.346  9.339   1.00 22.38 ? 40  ASP A N   1 
ATOM   293  C  CA  . ASP A 1 39  ? -5.853  -8.453  8.524   1.00 22.78 ? 40  ASP A CA  1 
ATOM   294  C  C   . ASP A 1 39  ? -5.020  -7.388  7.814   1.00 22.13 ? 40  ASP A C   1 
ATOM   295  O  O   . ASP A 1 39  ? -5.255  -7.076  6.642   1.00 21.99 ? 40  ASP A O   1 
ATOM   296  C  CB  . ASP A 1 39  ? -6.913  -7.735  9.361   1.00 23.33 ? 40  ASP A CB  1 
ATOM   297  C  CG  . ASP A 1 39  ? -8.084  -8.615  9.696   1.00 27.86 ? 40  ASP A CG  1 
ATOM   298  O  OD1 . ASP A 1 39  ? -8.694  -9.180  8.763   1.00 33.61 ? 40  ASP A OD1 1 
ATOM   299  O  OD2 . ASP A 1 39  ? -8.479  -8.789  10.864  1.00 32.87 ? 40  ASP A OD2 1 
ATOM   300  N  N   . LEU A 1 40  ? -4.095  -6.791  8.551   1.00 20.36 ? 41  LEU A N   1 
ATOM   301  C  CA  . LEU A 1 40  ? -3.254  -5.764  7.979   1.00 19.96 ? 41  LEU A CA  1 
ATOM   302  C  C   . LEU A 1 40  ? -2.443  -6.346  6.818   1.00 18.99 ? 41  LEU A C   1 
ATOM   303  O  O   . LEU A 1 40  ? -2.330  -5.723  5.766   1.00 18.43 ? 41  LEU A O   1 
ATOM   304  C  CB  . LEU A 1 40  ? -2.349  -5.151  9.047   1.00 19.47 ? 41  LEU A CB  1 
ATOM   305  C  CG  . LEU A 1 40  ? -1.248  -4.194  8.594   1.00 21.00 ? 41  LEU A CG  1 
ATOM   306  C  CD1 . LEU A 1 40  ? -1.827  -3.077  7.727   1.00 22.02 ? 41  LEU A CD1 1 
ATOM   307  C  CD2 . LEU A 1 40  ? -0.560  -3.628  9.841   1.00 22.22 ? 41  LEU A CD2 1 
ATOM   308  N  N   . ASP A 1 41  ? -1.899  -7.544  7.004   1.00 17.40 ? 42  ASP A N   1 
ATOM   309  C  CA  . ASP A 1 41  ? -1.142  -8.217  5.949   1.00 16.80 ? 42  ASP A CA  1 
ATOM   310  C  C   . ASP A 1 41  ? -2.037  -8.461  4.732   1.00 16.69 ? 42  ASP A C   1 
ATOM   311  O  O   . ASP A 1 41  ? -1.594  -8.337  3.593   1.00 16.14 ? 42  ASP A O   1 
ATOM   312  C  CB  . ASP A 1 41  ? -0.563  -9.546  6.463   1.00 16.44 ? 42  ASP A CB  1 
ATOM   313  C  CG  . ASP A 1 41  ? 0.766   -9.911  5.820   1.00 17.48 ? 42  ASP A CG  1 
ATOM   314  O  OD1 . ASP A 1 41  ? 1.398   -9.033  5.152   1.00 14.33 ? 42  ASP A OD1 1 
ATOM   315  O  OD2 . ASP A 1 41  ? 1.268   -11.066 5.950   1.00 15.22 ? 42  ASP A OD2 1 
ATOM   316  N  N   . ARG A 1 42  ? -3.298  -8.793  4.968   1.00 16.30 ? 43  ARG A N   1 
ATOM   317  C  CA  . ARG A 1 42  ? -4.233  -8.996  3.861   1.00 16.98 ? 43  ARG A CA  1 
ATOM   318  C  C   . ARG A 1 42  ? -4.474  -7.694  3.079   1.00 16.44 ? 43  ARG A C   1 
ATOM   319  O  O   . ARG A 1 42  ? -4.655  -7.725  1.875   1.00 16.51 ? 43  ARG A O   1 
ATOM   320  C  CB  . ARG A 1 42  ? -5.541  -9.602  4.359   1.00 17.50 ? 43  ARG A CB  1 
ATOM   321  C  CG  . ARG A 1 42  ? -5.407  -11.096 4.708   1.00 21.33 ? 43  ARG A CG  1 
ATOM   322  C  CD  . ARG A 1 42  ? -6.678  -11.772 5.184   1.00 26.68 ? 43  ARG A CD  1 
ATOM   323  N  NE  . ARG A 1 42  ? -6.489  -13.206 5.440   1.00 30.75 ? 43  ARG A NE  1 
ATOM   324  C  CZ  . ARG A 1 42  ? -6.373  -14.148 4.500   1.00 32.10 ? 43  ARG A CZ  1 
ATOM   325  N  NH1 . ARG A 1 42  ? -6.425  -13.834 3.206   1.00 30.02 ? 43  ARG A NH1 1 
ATOM   326  N  NH2 . ARG A 1 42  ? -6.205  -15.416 4.866   1.00 32.10 ? 43  ARG A NH2 1 
ATOM   327  N  N   . CYS A 1 43  ? -4.443  -6.563  3.770   1.00 16.55 ? 44  CYS A N   1 
ATOM   328  C  CA  . CYS A 1 43  ? -4.563  -5.256  3.137   1.00 16.15 ? 44  CYS A CA  1 
ATOM   329  C  C   . CYS A 1 43  ? -3.406  -5.122  2.150   1.00 15.66 ? 44  CYS A C   1 
ATOM   330  O  O   . CYS A 1 43  ? -3.584  -4.719  0.992   1.00 13.97 ? 44  CYS A O   1 
ATOM   331  C  CB  . CYS A 1 43  ? -4.414  -4.158  4.181   1.00 17.21 ? 44  CYS A CB  1 
ATOM   332  S  SG  . CYS A 1 43  ? -5.818  -3.874  5.280   1.00 19.13 ? 44  CYS A SG  1 
ATOM   333  N  N   . CYS A 1 44  ? -2.216  -5.502  2.597   1.00 14.85 ? 45  CYS A N   1 
ATOM   334  C  CA  . CYS A 1 44  ? -1.032  -5.402  1.736   1.00 15.17 ? 45  CYS A CA  1 
ATOM   335  C  C   . CYS A 1 44  ? -1.031  -6.377  0.564   1.00 14.47 ? 45  CYS A C   1 
ATOM   336  O  O   . CYS A 1 44  ? -0.562  -6.057  -0.512  1.00 15.02 ? 45  CYS A O   1 
ATOM   337  C  CB  . CYS A 1 44  ? 0.247   -5.565  2.553   1.00 15.00 ? 45  CYS A CB  1 
ATOM   338  S  SG  . CYS A 1 44  ? 0.422   -4.183  3.705   1.00 16.59 ? 45  CYS A SG  1 
ATOM   339  N  N   . GLN A 1 45  ? -1.528  -7.574  0.782   1.00 14.12 ? 46  GLN A N   1 
ATOM   340  C  CA  . GLN A 1 45  ? -1.613  -8.554  -0.297  1.00 14.31 ? 46  GLN A CA  1 
ATOM   341  C  C   . GLN A 1 45  ? -2.530  -8.018  -1.419  1.00 13.29 ? 46  GLN A C   1 
ATOM   342  O  O   . GLN A 1 45  ? -2.216  -8.158  -2.608  1.00 14.41 ? 46  GLN A O   1 
ATOM   343  C  CB  . GLN A 1 45  ? -2.128  -9.901  0.251   1.00 13.66 ? 46  GLN A CB  1 
ATOM   344  C  CG  . GLN A 1 45  ? -2.290  -11.010 -0.799  1.00 16.75 ? 46  GLN A CG  1 
ATOM   345  C  CD  . GLN A 1 45  ? -3.081  -12.206 -0.267  1.00 20.45 ? 46  GLN A CD  1 
ATOM   346  O  OE1 . GLN A 1 45  ? -4.092  -12.026 0.416   1.00 23.12 ? 46  GLN A OE1 1 
ATOM   347  N  NE2 . GLN A 1 45  ? -2.596  -13.422 -0.539  1.00 18.59 ? 46  GLN A NE2 1 
ATOM   348  N  N   . THR A 1 46  ? -3.652  -7.411  -1.043  1.00 12.75 ? 47  THR A N   1 
ATOM   349  C  CA  . THR A 1 46  ? -4.595  -6.884  -2.028  1.00 13.56 ? 47  THR A CA  1 
ATOM   350  C  C   . THR A 1 46  ? -3.862  -5.786  -2.801  1.00 12.21 ? 47  THR A C   1 
ATOM   351  O  O   . THR A 1 46  ? -3.931  -5.698  -4.025  1.00 11.56 ? 47  THR A O   1 
ATOM   352  C  CB  . THR A 1 46  ? -5.874  -6.318  -1.355  1.00 14.43 ? 47  THR A CB  1 
ATOM   353  O  OG1 . THR A 1 46  ? -6.746  -7.401  -0.958  1.00 19.92 ? 47  THR A OG1 1 
ATOM   354  C  CG2 . THR A 1 46  ? -6.741  -5.541  -2.394  1.00 14.33 ? 47  THR A CG2 1 
ATOM   355  N  N   . HIS A 1 47  ? -3.144  -4.961  -2.064  1.00 11.74 ? 48  HIS A N   1 
ATOM   356  C  CA  . HIS A 1 47  ? -2.388  -3.849  -2.654  1.00 11.77 ? 48  HIS A CA  1 
ATOM   357  C  C   . HIS A 1 47  ? -1.308  -4.354  -3.609  1.00 11.97 ? 48  HIS A C   1 
ATOM   358  O  O   . HIS A 1 47  ? -1.164  -3.834  -4.700  1.00 11.81 ? 48  HIS A O   1 
ATOM   359  C  CB  . HIS A 1 47  ? -1.757  -2.998  -1.536  1.00 12.71 ? 48  HIS A CB  1 
ATOM   360  C  CG  . HIS A 1 47  ? -1.111  -1.744  -2.033  1.00 13.75 ? 48  HIS A CG  1 
ATOM   361  N  ND1 . HIS A 1 47  ? 0.250   -1.527  -1.979  1.00 18.19 ? 48  HIS A ND1 1 
ATOM   362  C  CD2 . HIS A 1 47  ? -1.645  -0.650  -2.630  1.00 14.55 ? 48  HIS A CD2 1 
ATOM   363  C  CE1 . HIS A 1 47  ? 0.528   -0.342  -2.500  1.00 18.08 ? 48  HIS A CE1 1 
ATOM   364  N  NE2 . HIS A 1 47  ? -0.605  0.219   -2.884  1.00 16.38 ? 48  HIS A NE2 1 
ATOM   365  N  N   . ASP A 1 48  ? -0.533  -5.351  -3.188  1.00 11.27 ? 49  ASP A N   1 
ATOM   366  C  CA  . ASP A 1 48  ? 0.474   -5.931  -4.046  1.00 11.40 ? 49  ASP A CA  1 
ATOM   367  C  C   . ASP A 1 48  ? -0.142  -6.486  -5.345  1.00 11.28 ? 49  ASP A C   1 
ATOM   368  O  O   . ASP A 1 48  ? 0.359   -6.247  -6.426  1.00 9.89  ? 49  ASP A O   1 
ATOM   369  C  CB  . ASP A 1 48  ? 1.156   -7.110  -3.344  1.00 12.13 ? 49  ASP A CB  1 
ATOM   370  C  CG  . ASP A 1 48  ? 2.050   -6.679  -2.183  1.00 15.56 ? 49  ASP A CG  1 
ATOM   371  O  OD1 . ASP A 1 48  ? 2.280   -5.450  -1.997  1.00 13.82 ? 49  ASP A OD1 1 
ATOM   372  O  OD2 . ASP A 1 48  ? 2.582   -7.513  -1.414  1.00 19.59 ? 49  ASP A OD2 1 
ATOM   373  N  N   . ASN A 1 49  ? -1.233  -7.215  -5.222  1.00 11.12 ? 50  ASN A N   1 
ATOM   374  C  CA  . ASN A 1 49  ? -1.926  -7.771  -6.373  1.00 11.88 ? 50  ASN A CA  1 
ATOM   375  C  C   . ASN A 1 49  ? -2.450  -6.637  -7.285  1.00 11.91 ? 50  ASN A C   1 
ATOM   376  O  O   . ASN A 1 49  ? -2.449  -6.759  -8.500  1.00 10.83 ? 50  ASN A O   1 
ATOM   377  C  CB  . ASN A 1 49  ? -3.133  -8.577  -5.888  1.00 12.83 ? 50  ASN A CB  1 
ATOM   378  C  CG  . ASN A 1 49  ? -2.752  -9.942  -5.355  1.00 14.56 ? 50  ASN A CG  1 
ATOM   379  O  OD1 . ASN A 1 49  ? -1.570  -10.311 -5.307  1.00 17.84 ? 50  ASN A OD1 1 
ATOM   380  N  ND2 . ASN A 1 49  ? -3.749  -10.701 -4.963  1.00 14.91 ? 50  ASN A ND2 1 
ATOM   381  N  N   . CYS A 1 50  ? -2.884  -5.537  -6.669  1.00 11.22 ? 51  CYS A N   1 
ATOM   382  C  CA  . CYS A 1 50  ? -3.472  -4.417  -7.415  1.00 11.42 ? 51  CYS A CA  1 
ATOM   383  C  C   . CYS A 1 50  ? -2.374  -3.753  -8.278  1.00 11.62 ? 51  CYS A C   1 
ATOM   384  O  O   . CYS A 1 50  ? -2.608  -3.369  -9.427  1.00 11.94 ? 51  CYS A O   1 
ATOM   385  C  CB  . CYS A 1 50  ? -4.157  -3.446  -6.419  1.00 11.58 ? 51  CYS A CB  1 
ATOM   386  S  SG  . CYS A 1 50  ? -5.181  -2.116  -7.123  1.00 13.14 ? 51  CYS A SG  1 
ATOM   387  N  N   . TYR A 1 51  ? -1.160  -3.670  -7.740  1.00 12.02 ? 52  TYR A N   1 
ATOM   388  C  CA  . TYR A 1 51  ? -0.025  -3.168  -8.519  1.00 12.70 ? 52  TYR A CA  1 
ATOM   389  C  C   . TYR A 1 51  ? 0.317   -4.103  -9.654  1.00 13.01 ? 52  TYR A C   1 
ATOM   390  O  O   . TYR A 1 51  ? 0.663   -3.656  -10.742 1.00 12.13 ? 52  TYR A O   1 
ATOM   391  C  CB  . TYR A 1 51  ? 1.214   -3.003  -7.652  1.00 13.02 ? 52  TYR A CB  1 
ATOM   392  C  CG  . TYR A 1 51  ? 1.334   -1.657  -6.942  1.00 13.40 ? 52  TYR A CG  1 
ATOM   393  C  CD1 . TYR A 1 51  ? 0.237   -0.800  -6.787  1.00 14.27 ? 52  TYR A CD1 1 
ATOM   394  C  CD2 . TYR A 1 51  ? 2.545   -1.273  -6.385  1.00 15.07 ? 52  TYR A CD2 1 
ATOM   395  C  CE1 . TYR A 1 51  ? 0.370   0.430   -6.101  1.00 12.24 ? 52  TYR A CE1 1 
ATOM   396  C  CE2 . TYR A 1 51  ? 2.689   -0.066  -5.709  1.00 15.92 ? 52  TYR A CE2 1 
ATOM   397  C  CZ  . TYR A 1 51  ? 1.623   0.786   -5.582  1.00 14.78 ? 52  TYR A CZ  1 
ATOM   398  O  OH  . TYR A 1 51  ? 1.835   1.963   -4.871  1.00 15.77 ? 52  TYR A OH  1 
ATOM   399  N  N   . ASN A 1 52  ? 0.271   -5.412  -9.401  1.00 13.70 ? 53  ASN A N   1 
ATOM   400  C  CA  . ASN A 1 52  ? 0.589   -6.347  -10.475 1.00 15.43 ? 53  ASN A CA  1 
ATOM   401  C  C   . ASN A 1 52  ? -0.357  -6.165  -11.653 1.00 15.69 ? 53  ASN A C   1 
ATOM   402  O  O   . ASN A 1 52  ? 0.039   -6.306  -12.819 1.00 15.94 ? 53  ASN A O   1 
ATOM   403  C  CB  . ASN A 1 52  ? 0.599   -7.802  -9.974  1.00 15.37 ? 53  ASN A CB  1 
ATOM   404  C  CG  . ASN A 1 52  ? 1.832   -8.110  -9.156  1.00 17.19 ? 53  ASN A CG  1 
ATOM   405  O  OD1 . ASN A 1 52  ? 2.829   -7.411  -9.253  1.00 20.35 ? 53  ASN A OD1 1 
ATOM   406  N  ND2 . ASN A 1 52  ? 1.767   -9.136  -8.332  1.00 18.78 ? 53  ASN A ND2 1 
ATOM   407  N  N   . GLU A 1 53  ? -1.608  -5.849  -11.351 1.00 15.38 ? 54  GLU A N   1 
ATOM   408  C  CA  . GLU A 1 53  ? -2.598  -5.625  -12.395 1.00 16.01 ? 54  GLU A CA  1 
ATOM   409  C  C   . GLU A 1 53  ? -2.317  -4.345  -13.148 1.00 16.57 ? 54  GLU A C   1 
ATOM   410  O  O   . GLU A 1 53  ? -2.358  -4.323  -14.371 1.00 15.75 ? 54  GLU A O   1 
ATOM   411  C  CB  . GLU A 1 53  ? -4.004  -5.552  -11.794 1.00 16.76 ? 54  GLU A CB  1 
ATOM   412  C  CG  . GLU A 1 53  ? -4.547  -6.919  -11.438 1.00 19.14 ? 54  GLU A CG  1 
ATOM   413  C  CD  . GLU A 1 53  ? -4.788  -7.816  -12.661 1.00 20.51 ? 54  GLU A CD  1 
ATOM   414  O  OE1 . GLU A 1 53  ? -5.331  -7.331  -13.665 1.00 21.42 ? 54  GLU A OE1 1 
ATOM   415  O  OE2 . GLU A 1 53  ? -4.475  -9.021  -12.601 1.00 24.82 ? 54  GLU A OE2 1 
ATOM   416  N  N   . ALA A 1 54  ? -2.038  -3.276  -12.407 1.00 15.77 ? 55  ALA A N   1 
ATOM   417  C  CA  . ALA A 1 54  ? -1.755  -1.982  -13.023 1.00 16.52 ? 55  ALA A CA  1 
ATOM   418  C  C   . ALA A 1 54  ? -0.567  -2.069  -13.982 1.00 16.75 ? 55  ALA A C   1 
ATOM   419  O  O   . ALA A 1 54  ? -0.528  -1.384  -15.031 1.00 17.11 ? 55  ALA A O   1 
ATOM   420  C  CB  . ALA A 1 54  ? -1.504  -0.912  -11.921 1.00 15.86 ? 55  ALA A CB  1 
ATOM   421  N  N   . GLU A 1 55  ? 0.394   -2.910  -13.629 1.00 16.78 ? 56  GLU A N   1 
ATOM   422  C  CA  . GLU A 1 55  ? 1.571   -3.122  -14.452 1.00 19.06 ? 56  GLU A CA  1 
ATOM   423  C  C   . GLU A 1 55  ? 1.240   -3.692  -15.831 1.00 19.10 ? 56  GLU A C   1 
ATOM   424  O  O   . GLU A 1 55  ? 2.049   -3.626  -16.755 1.00 19.06 ? 56  GLU A O   1 
ATOM   425  C  CB  . GLU A 1 55  ? 2.547   -4.028  -13.728 1.00 19.42 ? 56  GLU A CB  1 
ATOM   426  C  CG  . GLU A 1 55  ? 3.322   -3.290  -12.676 1.00 22.64 ? 56  GLU A CG  1 
ATOM   427  C  CD  . GLU A 1 55  ? 3.771   -4.171  -11.536 1.00 29.57 ? 56  GLU A CD  1 
ATOM   428  O  OE1 . GLU A 1 55  ? 3.997   -5.391  -11.752 1.00 31.58 ? 56  GLU A OE1 1 
ATOM   429  O  OE2 . GLU A 1 55  ? 3.884   -3.635  -10.403 1.00 32.65 ? 56  GLU A OE2 1 
ATOM   430  N  N   . ASN A 1 56  ? 0.053   -4.248  -15.974 1.00 19.25 ? 57  ASN A N   1 
ATOM   431  C  CA  . ASN A 1 56  ? -0.362  -4.753  -17.279 1.00 20.84 ? 57  ASN A CA  1 
ATOM   432  C  C   . ASN A 1 56  ? -0.634  -3.610  -18.263 1.00 20.69 ? 57  ASN A C   1 
ATOM   433  O  O   . ASN A 1 56  ? -0.723  -3.836  -19.465 1.00 21.56 ? 57  ASN A O   1 
ATOM   434  C  CB  . ASN A 1 56  ? -1.615  -5.620  -17.166 1.00 21.07 ? 57  ASN A CB  1 
ATOM   435  C  CG  . ASN A 1 56  ? -1.347  -6.964  -16.543 1.00 25.53 ? 57  ASN A CG  1 
ATOM   436  O  OD1 . ASN A 1 56  ? -0.193  -7.338  -16.311 1.00 30.88 ? 57  ASN A OD1 1 
ATOM   437  N  ND2 . ASN A 1 56  ? -2.422  -7.726  -16.281 1.00 30.06 ? 57  ASN A ND2 1 
ATOM   438  N  N   . ILE A 1 57  ? -0.813  -2.398  -17.745 1.00 20.55 ? 58  ILE A N   1 
ATOM   439  C  CA  . ILE A 1 57  ? -1.041  -1.236  -18.594 1.00 20.20 ? 58  ILE A CA  1 
ATOM   440  C  C   . ILE A 1 57  ? 0.293   -0.798  -19.173 1.00 20.19 ? 58  ILE A C   1 
ATOM   441  O  O   . ILE A 1 57  ? 1.286   -0.691  -18.473 1.00 18.96 ? 58  ILE A O   1 
ATOM   442  C  CB  . ILE A 1 57  ? -1.733  -0.096  -17.822 1.00 19.76 ? 58  ILE A CB  1 
ATOM   443  C  CG1 . ILE A 1 57  ? -3.115  -0.542  -17.323 1.00 19.65 ? 58  ILE A CG1 1 
ATOM   444  C  CG2 . ILE A 1 57  ? -1.909  1.129   -18.729 1.00 21.16 ? 58  ILE A CG2 1 
ATOM   445  C  CD1 . ILE A 1 57  ? -3.723  0.422   -16.305 1.00 20.60 ? 58  ILE A CD1 1 
ATOM   446  N  N   . SER A 1 58  ? 0.298   -0.601  -20.488 1.00 20.75 ? 59  SER A N   1 
ATOM   447  C  CA  . SER A 1 58  ? 1.472   -0.199  -21.242 1.00 20.51 ? 59  SER A CA  1 
ATOM   448  C  C   . SER A 1 58  ? 2.139   1.031   -20.648 1.00 18.70 ? 59  SER A C   1 
ATOM   449  O  O   . SER A 1 58  ? 1.501   2.058   -20.573 1.00 19.46 ? 59  SER A O   1 
ATOM   450  C  CB  . SER A 1 58  ? 0.998   0.210   -22.636 1.00 21.44 ? 59  SER A CB  1 
ATOM   451  O  OG  . SER A 1 58  ? 2.102   0.658   -23.432 1.00 25.51 ? 59  SER A OG  1 
ATOM   452  N  N   . GLY A 1 59  ? 3.392   0.927   -20.235 1.00 16.99 ? 60  GLY A N   1 
ATOM   453  C  CA  . GLY A 1 59  ? 4.127   2.033   -19.637 1.00 16.02 ? 60  GLY A CA  1 
ATOM   454  C  C   . GLY A 1 59  ? 3.723   2.438   -18.225 1.00 15.27 ? 60  GLY A C   1 
ATOM   455  O  O   . GLY A 1 59  ? 4.050   3.544   -17.798 1.00 15.93 ? 60  GLY A O   1 
ATOM   456  N  N   . CYS A 1 60  ? 3.004   1.588   -17.518 1.00 13.46 ? 61  CYS A N   1 
ATOM   457  C  CA  . CYS A 1 60  ? 2.508   1.907   -16.180 1.00 13.36 ? 61  CYS A CA  1 
ATOM   458  C  C   . CYS A 1 60  ? 3.401   1.292   -15.098 1.00 12.23 ? 61  CYS A C   1 
ATOM   459  O  O   . CYS A 1 60  ? 3.483   0.072   -14.997 1.00 11.90 ? 61  CYS A O   1 
ATOM   460  C  CB  . CYS A 1 60  ? 1.070   1.400   -16.038 1.00 12.91 ? 61  CYS A CB  1 
ATOM   461  S  SG  . CYS A 1 60  ? 0.212   2.068   -14.581 1.00 13.81 ? 61  CYS A SG  1 
ATOM   462  N  N   . ARG A 1 61  ? 4.057   2.141   -14.309 1.00 11.56 ? 62  ARG A N   1 
ATOM   463  C  CA  . ARG A 1 61  ? 4.972   1.703   -13.265 1.00 12.51 ? 62  ARG A CA  1 
ATOM   464  C  C   . ARG A 1 61  ? 4.509   2.251   -11.911 1.00 12.78 ? 62  ARG A C   1 
ATOM   465  O  O   . ARG A 1 61  ? 4.786   3.393   -11.559 1.00 12.74 ? 62  ARG A O   1 
ATOM   466  C  CB  . ARG A 1 61  ? 6.388   2.149   -13.625 1.00 12.52 ? 62  ARG A CB  1 
ATOM   467  C  CG  . ARG A 1 61  ? 6.774   1.716   -15.042 1.00 13.78 ? 62  ARG A CG  1 
ATOM   468  C  CD  . ARG A 1 61  ? 8.092   2.214   -15.563 1.00 17.55 ? 62  ARG A CD  1 
ATOM   469  N  NE  . ARG A 1 61  ? 8.042   3.636   -15.880 1.00 20.84 ? 62  ARG A NE  1 
ATOM   470  C  CZ  . ARG A 1 61  ? 7.830   4.138   -17.092 1.00 22.03 ? 62  ARG A CZ  1 
ATOM   471  N  NH1 . ARG A 1 61  ? 7.618   3.346   -18.138 1.00 23.42 ? 62  ARG A NH1 1 
ATOM   472  N  NH2 . ARG A 1 61  ? 7.814   5.451   -17.258 1.00 23.12 ? 62  ARG A NH2 1 
ATOM   473  N  N   . PRO A 1 62  ? 3.758   1.433   -11.180 1.00 13.73 ? 63  PRO A N   1 
ATOM   474  C  CA  . PRO A 1 62  ? 3.121   1.845   -9.923  1.00 13.98 ? 63  PRO A CA  1 
ATOM   475  C  C   . PRO A 1 62  ? 4.004   2.570   -8.924  1.00 14.30 ? 63  PRO A C   1 
ATOM   476  O  O   . PRO A 1 62  ? 3.539   3.535   -8.344  1.00 14.21 ? 63  PRO A O   1 
ATOM   477  C  CB  . PRO A 1 62  ? 2.667   0.517   -9.321  1.00 14.74 ? 63  PRO A CB  1 
ATOM   478  C  CG  . PRO A 1 62  ? 2.329   -0.288  -10.486 1.00 14.59 ? 63  PRO A CG  1 
ATOM   479  C  CD  . PRO A 1 62  ? 3.417   0.047   -11.531 1.00 13.93 ? 63  PRO A CD  1 
ATOM   480  N  N   . TYR A 1 63  ? 5.234   2.113   -8.707  1.00 14.00 ? 64  TYR A N   1 
ATOM   481  C  CA  . TYR A 1 63  ? 6.108   2.773   -7.733  1.00 15.61 ? 64  TYR A CA  1 
ATOM   482  C  C   . TYR A 1 63  ? 6.469   4.205   -8.145  1.00 15.15 ? 64  TYR A C   1 
ATOM   483  O  O   . TYR A 1 63  ? 6.745   5.054   -7.301  1.00 16.14 ? 64  TYR A O   1 
ATOM   484  C  CB  . TYR A 1 63  ? 7.427   1.991   -7.578  1.00 16.15 ? 64  TYR A CB  1 
ATOM   485  C  CG  . TYR A 1 63  ? 7.449   0.716   -6.756  1.00 20.92 ? 64  TYR A CG  1 
ATOM   486  C  CD1 . TYR A 1 63  ? 6.402   -0.189  -6.797  1.00 24.54 ? 64  TYR A CD1 1 
ATOM   487  C  CD2 . TYR A 1 63  ? 8.553   0.400   -5.967  1.00 26.54 ? 64  TYR A CD2 1 
ATOM   488  C  CE1 . TYR A 1 63  ? 6.433   -1.362  -6.055  1.00 28.84 ? 64  TYR A CE1 1 
ATOM   489  C  CE2 . TYR A 1 63  ? 8.593   -0.773  -5.220  1.00 29.08 ? 64  TYR A CE2 1 
ATOM   490  C  CZ  . TYR A 1 63  ? 7.527   -1.647  -5.268  1.00 29.78 ? 64  TYR A CZ  1 
ATOM   491  O  OH  . TYR A 1 63  ? 7.558   -2.802  -4.524  1.00 31.84 ? 64  TYR A OH  1 
ATOM   492  N  N   . PHE A 1 64  ? 6.487   4.460   -9.446  1.00 14.47 ? 65  PHE A N   1 
ATOM   493  C  CA  . PHE A 1 64  ? 6.992   5.735   -9.952  1.00 15.05 ? 65  PHE A CA  1 
ATOM   494  C  C   . PHE A 1 64  ? 5.975   6.675   -10.578 1.00 14.71 ? 65  PHE A C   1 
ATOM   495  O  O   . PHE A 1 64  ? 6.264   7.847   -10.727 1.00 14.85 ? 65  PHE A O   1 
ATOM   496  C  CB  . PHE A 1 64  ? 8.087   5.461   -10.975 1.00 14.87 ? 65  PHE A CB  1 
ATOM   497  C  CG  . PHE A 1 64  ? 9.207   4.623   -10.433 1.00 16.36 ? 65  PHE A CG  1 
ATOM   498  C  CD1 . PHE A 1 64  ? 10.166  5.192   -9.626  1.00 18.53 ? 65  PHE A CD1 1 
ATOM   499  C  CD2 . PHE A 1 64  ? 9.274   3.266   -10.707 1.00 16.36 ? 65  PHE A CD2 1 
ATOM   500  C  CE1 . PHE A 1 64  ? 11.210  4.403   -9.125  1.00 21.43 ? 65  PHE A CE1 1 
ATOM   501  C  CE2 . PHE A 1 64  ? 10.303  2.481   -10.188 1.00 20.06 ? 65  PHE A CE2 1 
ATOM   502  C  CZ  . PHE A 1 64  ? 11.267  3.048   -9.408  1.00 18.22 ? 65  PHE A CZ  1 
ATOM   503  N  N   . LYS A 1 65  ? 4.799   6.171   -10.943 1.00 14.23 ? 66  LYS A N   1 
ATOM   504  C  CA  . LYS A 1 65  ? 3.813   7.013   -11.618 1.00 14.67 ? 66  LYS A CA  1 
ATOM   505  C  C   . LYS A 1 65  ? 3.219   8.022   -10.638 1.00 14.87 ? 66  LYS A C   1 
ATOM   506  O  O   . LYS A 1 65  ? 2.711   7.653   -9.575  1.00 13.95 ? 66  LYS A O   1 
ATOM   507  C  CB  . LYS A 1 65  ? 2.675   6.179   -12.219 1.00 14.92 ? 66  LYS A CB  1 
ATOM   508  C  CG  . LYS A 1 65  ? 1.545   7.031   -12.836 1.00 16.15 ? 66  LYS A CG  1 
ATOM   509  C  CD  . LYS A 1 65  ? 2.007   7.700   -14.130 1.00 15.55 ? 66  LYS A CD  1 
ATOM   510  C  CE  . LYS A 1 65  ? 0.965   8.679   -14.683 1.00 18.13 ? 66  LYS A CE  1 
ATOM   511  N  NZ  . LYS A 1 65  ? 1.457   9.302   -15.934 1.00 19.82 ? 66  LYS A NZ  1 
ATOM   512  N  N   . THR A 1 66  ? 3.266   9.286   -11.027 1.00 14.88 ? 67  THR A N   1 
ATOM   513  C  CA  . THR A 1 66  ? 2.721   10.377  -10.239 1.00 16.12 ? 67  THR A CA  1 
ATOM   514  C  C   . THR A 1 66  ? 1.260   10.566  -10.610 1.00 16.09 ? 67  THR A C   1 
ATOM   515  O  O   . THR A 1 66  ? 0.945   10.786  -11.782 1.00 16.17 ? 67  THR A O   1 
ATOM   516  C  CB  . THR A 1 66  ? 3.521   11.644  -10.585 1.00 16.69 ? 67  THR A CB  1 
ATOM   517  O  OG1 . THR A 1 66  ? 4.847   11.429  -10.127 1.00 19.34 ? 67  THR A OG1 1 
ATOM   518  C  CG2 . THR A 1 66  ? 3.029   12.841  -9.797  1.00 16.71 ? 67  THR A CG2 1 
ATOM   519  N  N   . TYR A 1 67  ? 0.374   10.434  -9.628  1.00 15.12 ? 68  TYR A N   1 
ATOM   520  C  CA  . TYR A 1 67  ? -1.035  10.625  -9.859  1.00 15.18 ? 68  TYR A CA  1 
ATOM   521  C  C   . TYR A 1 67  ? -1.531  11.888  -9.193  1.00 15.51 ? 68  TYR A C   1 
ATOM   522  O  O   . TYR A 1 67  ? -0.788  12.597  -8.499  1.00 16.08 ? 68  TYR A O   1 
ATOM   523  C  CB  . TYR A 1 67  ? -1.858  9.409   -9.390  1.00 14.45 ? 68  TYR A CB  1 
ATOM   524  C  CG  . TYR A 1 67  ? -1.511  8.878   -8.020  1.00 14.40 ? 68  TYR A CG  1 
ATOM   525  C  CD1 . TYR A 1 67  ? -1.798  9.613   -6.869  1.00 14.03 ? 68  TYR A CD1 1 
ATOM   526  C  CD2 . TYR A 1 67  ? -0.875  7.637   -7.878  1.00 13.55 ? 68  TYR A CD2 1 
ATOM   527  C  CE1 . TYR A 1 67  ? -1.482  9.133   -5.624  1.00 14.37 ? 68  TYR A CE1 1 
ATOM   528  C  CE2 . TYR A 1 67  ? -0.575  7.130   -6.643  1.00 11.56 ? 68  TYR A CE2 1 
ATOM   529  C  CZ  . TYR A 1 67  ? -0.859  7.884   -5.514  1.00 14.03 ? 68  TYR A CZ  1 
ATOM   530  O  OH  . TYR A 1 67  ? -0.543  7.407   -4.279  1.00 13.15 ? 68  TYR A OH  1 
ATOM   531  N  N   . SER A 1 68  ? -2.804  12.176  -9.407  1.00 16.10 ? 69  SER A N   1 
ATOM   532  C  CA  . SER A 1 68  ? -3.405  13.359  -8.821  1.00 16.55 ? 69  SER A CA  1 
ATOM   533  C  C   . SER A 1 68  ? -4.404  12.915  -7.741  1.00 15.71 ? 69  SER A C   1 
ATOM   534  O  O   . SER A 1 68  ? -5.287  12.104  -8.010  1.00 15.66 ? 69  SER A O   1 
ATOM   535  C  CB  . SER A 1 68  ? -4.079  14.183  -9.922  1.00 16.49 ? 69  SER A CB  1 
ATOM   536  O  OG  . SER A 1 68  ? -4.839  15.225  -9.354  1.00 22.02 ? 69  SER A OG  1 
ATOM   537  N  N   . TYR A 1 69  ? -4.253  13.441  -6.526  1.00 16.16 ? 70  TYR A N   1 
ATOM   538  C  CA  . TYR A 1 69  ? -5.092  13.041  -5.390  1.00 16.54 ? 70  TYR A CA  1 
ATOM   539  C  C   . TYR A 1 69  ? -5.125  14.155  -4.346  1.00 17.78 ? 70  TYR A C   1 
ATOM   540  O  O   . TYR A 1 69  ? -4.321  15.085  -4.390  1.00 17.00 ? 70  TYR A O   1 
ATOM   541  C  CB  . TYR A 1 69  ? -4.559  11.733  -4.748  1.00 16.26 ? 70  TYR A CB  1 
ATOM   542  C  CG  . TYR A 1 69  ? -3.347  11.950  -3.861  1.00 17.41 ? 70  TYR A CG  1 
ATOM   543  C  CD1 . TYR A 1 69  ? -2.118  12.271  -4.411  1.00 17.38 ? 70  TYR A CD1 1 
ATOM   544  C  CD2 . TYR A 1 69  ? -3.440  11.867  -2.462  1.00 17.78 ? 70  TYR A CD2 1 
ATOM   545  C  CE1 . TYR A 1 69  ? -1.018  12.494  -3.618  1.00 16.47 ? 70  TYR A CE1 1 
ATOM   546  C  CE2 . TYR A 1 69  ? -2.335  12.079  -1.663  1.00 18.38 ? 70  TYR A CE2 1 
ATOM   547  C  CZ  . TYR A 1 69  ? -1.124  12.398  -2.245  1.00 17.82 ? 70  TYR A CZ  1 
ATOM   548  O  OH  . TYR A 1 69  ? -0.008  12.638  -1.452  1.00 20.60 ? 70  TYR A OH  1 
ATOM   549  N  N   . GLU A 1 70  ? -6.038  14.035  -3.394  1.00 18.84 ? 71  GLU A N   1 
ATOM   550  C  CA  . GLU A 1 70  ? -6.181  15.009  -2.328  1.00 20.93 ? 71  GLU A CA  1 
ATOM   551  C  C   . GLU A 1 70  ? -6.490  14.296  -1.009  1.00 21.34 ? 71  GLU A C   1 
ATOM   552  O  O   . GLU A 1 70  ? -7.187  13.292  -0.976  1.00 20.44 ? 71  GLU A O   1 
ATOM   553  C  CB  . GLU A 1 70  ? -7.297  16.015  -2.680  1.00 21.12 ? 71  GLU A CB  1 
ATOM   554  C  CG  . GLU A 1 70  ? -7.581  17.033  -1.594  1.00 25.73 ? 71  GLU A CG  1 
ATOM   555  C  CD  . GLU A 1 70  ? -8.591  18.092  -2.006  1.00 31.66 ? 71  GLU A CD  1 
ATOM   556  O  OE1 . GLU A 1 70  ? -9.035  18.084  -3.183  1.00 32.96 ? 71  GLU A OE1 1 
ATOM   557  O  OE2 . GLU A 1 70  ? -8.943  18.930  -1.139  1.00 33.61 ? 71  GLU A OE2 1 
ATOM   558  N  N   . CYS A 1 71  ? -5.949  14.839  0.071   1.00 23.16 ? 72  CYS A N   1 
ATOM   559  C  CA  . CYS A 1 71  ? -6.163  14.335  1.415   1.00 25.41 ? 72  CYS A CA  1 
ATOM   560  C  C   . CYS A 1 71  ? -6.476  15.541  2.284   1.00 25.09 ? 72  CYS A C   1 
ATOM   561  O  O   . CYS A 1 71  ? -5.581  16.318  2.584   1.00 24.68 ? 72  CYS A O   1 
ATOM   562  C  CB  . CYS A 1 71  ? -4.875  13.716  1.936   1.00 26.66 ? 72  CYS A CB  1 
ATOM   563  S  SG  . CYS A 1 71  ? -4.866  11.931  2.010   1.00 38.08 ? 72  CYS A SG  1 
ATOM   564  N  N   . THR A 1 72  ? -7.750  15.724  2.629   1.00 24.90 ? 73  THR A N   1 
ATOM   565  C  CA  . THR A 1 72  ? -8.200  16.847  3.457   1.00 25.22 ? 73  THR A CA  1 
ATOM   566  C  C   . THR A 1 72  ? -9.452  16.498  4.207   1.00 23.58 ? 73  THR A C   1 
ATOM   567  O  O   . THR A 1 72  ? -10.380 15.873  3.658   1.00 22.73 ? 73  THR A O   1 
ATOM   568  C  CB  . THR A 1 72  ? -8.640  18.115  2.654   1.00 25.31 ? 73  THR A CB  1 
ATOM   569  O  OG1 . THR A 1 72  ? -9.137  17.762  1.360   1.00 30.33 ? 73  THR A OG1 1 
ATOM   570  C  CG2 . THR A 1 72  ? -7.522  19.045  2.407   1.00 28.48 ? 73  THR A CG2 1 
ATOM   571  N  N   . GLN A 1 73  ? -9.486  17.006  5.437   1.00 22.05 ? 74  GLN A N   1 
ATOM   572  C  CA  . GLN A 1 73  ? -10.666 16.936  6.285   1.00 20.91 ? 74  GLN A CA  1 
ATOM   573  C  C   . GLN A 1 73  ? -11.189 15.526  6.412   1.00 20.41 ? 74  GLN A C   1 
ATOM   574  O  O   . GLN A 1 73  ? -12.392 15.291  6.331   1.00 20.36 ? 74  GLN A O   1 
ATOM   575  C  CB  . GLN A 1 73  ? -11.743 17.893  5.748   1.00 20.78 ? 74  GLN A CB  1 
ATOM   576  C  CG  . GLN A 1 73  ? -11.371 19.336  5.978   1.00 22.60 ? 74  GLN A CG  1 
ATOM   577  C  CD  . GLN A 1 73  ? -12.472 20.345  5.648   1.00 25.51 ? 74  GLN A CD  1 
ATOM   578  O  OE1 . GLN A 1 73  ? -12.339 21.533  5.975   1.00 27.99 ? 74  GLN A OE1 1 
ATOM   579  N  NE2 . GLN A 1 73  ? -13.519 19.903  4.973   1.00 23.90 ? 74  GLN A NE2 1 
ATOM   580  N  N   . GLY A 1 74  ? -10.262 14.591  6.600   1.00 19.69 ? 75  GLY A N   1 
ATOM   581  C  CA  . GLY A 1 74  ? -10.607 13.204  6.826   1.00 19.39 ? 75  GLY A CA  1 
ATOM   582  C  C   . GLY A 1 74  ? -10.972 12.414  5.575   1.00 19.32 ? 75  GLY A C   1 
ATOM   583  O  O   . GLY A 1 74  ? -11.384 11.247  5.672   1.00 19.01 ? 75  GLY A O   1 
ATOM   584  N  N   . THR A 1 75  ? -10.833 13.035  4.412   1.00 18.51 ? 76  THR A N   1 
ATOM   585  C  CA  . THR A 1 75  ? -11.226 12.396  3.159   1.00 19.57 ? 76  THR A CA  1 
ATOM   586  C  C   . THR A 1 75  ? -10.089 12.258  2.131   1.00 19.01 ? 76  THR A C   1 
ATOM   587  O  O   . THR A 1 75  ? -9.396  13.205  1.825   1.00 18.49 ? 76  THR A O   1 
ATOM   588  C  CB  . THR A 1 75  ? -12.404 13.175  2.516   1.00 19.76 ? 76  THR A CB  1 
ATOM   589  O  OG1 . THR A 1 75  ? -13.600 13.009  3.306   1.00 22.19 ? 76  THR A OG1 1 
ATOM   590  C  CG2 . THR A 1 75  ? -12.781 12.560  1.169   1.00 22.37 ? 76  THR A CG2 1 
ATOM   591  N  N   . LEU A 1 76  ? -9.940  11.070  1.569   1.00 19.05 ? 77  LEU A N   1 
ATOM   592  C  CA  . LEU A 1 76  ? -8.902  10.842  0.574   1.00 19.39 ? 77  LEU A CA  1 
ATOM   593  C  C   . LEU A 1 76  ? -9.596  10.624  -0.766  1.00 19.30 ? 77  LEU A C   1 
ATOM   594  O  O   . LEU A 1 76  ? -10.526 9.789   -0.854  1.00 19.64 ? 77  LEU A O   1 
ATOM   595  C  CB  . LEU A 1 76  ? -8.101  9.612   1.030   1.00 19.74 ? 77  LEU A CB  1 
ATOM   596  C  CG  . LEU A 1 76  ? -6.928  9.113   0.225   1.00 20.30 ? 77  LEU A CG  1 
ATOM   597  C  CD1 . LEU A 1 76  ? -5.882  10.217  0.163   1.00 20.92 ? 77  LEU A CD1 1 
ATOM   598  C  CD2 . LEU A 1 76  ? -6.350  7.860   0.927   1.00 20.84 ? 77  LEU A CD2 1 
ATOM   599  N  N   . THR A 1 77  ? -9.145  11.359  -1.785  1.00 18.74 ? 78  THR A N   1 
ATOM   600  C  CA  . THR A 1 77  ? -9.726  11.296  -3.106  1.00 20.12 ? 78  THR A CA  1 
ATOM   601  C  C   . THR A 1 77  ? -8.731  11.270  -4.246  1.00 19.68 ? 78  THR A C   1 
ATOM   602  O  O   . THR A 1 77  ? -7.775  12.064  -4.267  1.00 19.16 ? 78  THR A O   1 
ATOM   603  C  CB  . THR A 1 77  ? -10.610 12.538  -3.353  1.00 20.31 ? 78  THR A CB  1 
ATOM   604  O  OG1 . THR A 1 77  ? -11.681 12.541  -2.406  1.00 23.89 ? 78  THR A OG1 1 
ATOM   605  C  CG2 . THR A 1 77  ? -11.344 12.376  -4.660  1.00 23.07 ? 78  THR A CG2 1 
ATOM   606  N  N   . CYS A 1 78  ? -8.998  10.390  -5.205  1.00 19.03 ? 79  CYS A N   1 
ATOM   607  C  CA  . CYS A 1 78  ? -8.263  10.360  -6.444  1.00 20.08 ? 79  CYS A CA  1 
ATOM   608  C  C   . CYS A 1 78  ? -9.052  11.255  -7.390  1.00 21.66 ? 79  CYS A C   1 
ATOM   609  O  O   . CYS A 1 78  ? -10.262 11.059  -7.587  1.00 21.56 ? 79  CYS A O   1 
ATOM   610  C  CB  . CYS A 1 78  ? -8.195  8.940   -7.004  1.00 19.32 ? 79  CYS A CB  1 
ATOM   611  S  SG  . CYS A 1 78  ? -7.189  7.849   -5.991  1.00 16.26 ? 79  CYS A SG  1 
ATOM   612  N  N   . LYS A 1 79  ? -8.371  12.236  -7.961  1.00 23.42 ? 80  LYS A N   1 
ATOM   613  C  CA  . LYS A 1 79  ? -9.012  13.236  -8.813  1.00 25.85 ? 80  LYS A CA  1 
ATOM   614  C  C   . LYS A 1 79  ? -9.291  12.782  -10.246 1.00 26.88 ? 80  LYS A C   1 
ATOM   615  O  O   . LYS A 1 79  ? -8.693  11.825  -10.751 1.00 26.93 ? 80  LYS A O   1 
ATOM   616  C  CB  . LYS A 1 79  ? -8.142  14.472  -8.883  1.00 25.83 ? 80  LYS A CB  1 
ATOM   617  C  CG  . LYS A 1 79  ? -7.945  15.178  -7.573  1.00 29.20 ? 80  LYS A CG  1 
ATOM   618  C  CD  . LYS A 1 79  ? -7.092  16.423  -7.805  1.00 33.46 ? 80  LYS A CD  1 
ATOM   619  C  CE  . LYS A 1 79  ? -7.109  17.372  -6.625  1.00 36.35 ? 80  LYS A CE  1 
ATOM   620  N  NZ  . LYS A 1 79  ? -6.479  18.695  -6.969  1.00 36.76 ? 80  LYS A NZ  1 
ATOM   621  N  N   . GLY A 1 80  ? -10.169 13.529  -10.908 1.00 27.77 ? 81  GLY A N   1 
ATOM   622  C  CA  . GLY A 1 80  ? -10.578 13.237  -12.271 1.00 29.36 ? 81  GLY A CA  1 
ATOM   623  C  C   . GLY A 1 80  ? -9.560  13.408  -13.394 1.00 29.88 ? 81  GLY A C   1 
ATOM   624  O  O   . GLY A 1 80  ? -9.765  12.876  -14.493 1.00 31.10 ? 81  GLY A O   1 
ATOM   625  N  N   . ASP A 1 81  ? -8.468  14.123  -13.151 1.00 29.90 ? 82  ASP A N   1 
ATOM   626  C  CA  . ASP A 1 81  ? -7.473  14.294  -14.213 1.00 30.30 ? 82  ASP A CA  1 
ATOM   627  C  C   . ASP A 1 81  ? -6.384  13.217  -14.204 1.00 29.01 ? 82  ASP A C   1 
ATOM   628  O  O   . ASP A 1 81  ? -5.225  13.508  -14.443 1.00 30.12 ? 82  ASP A O   1 
ATOM   629  C  CB  . ASP A 1 81  ? -6.822  15.665  -14.132 1.00 31.39 ? 82  ASP A CB  1 
ATOM   630  C  CG  . ASP A 1 81  ? -6.361  15.991  -12.742 1.00 33.67 ? 82  ASP A CG  1 
ATOM   631  O  OD1 . ASP A 1 81  ? -6.924  15.412  -11.781 1.00 37.14 ? 82  ASP A OD1 1 
ATOM   632  O  OD2 . ASP A 1 81  ? -5.447  16.810  -12.520 1.00 37.37 ? 82  ASP A OD2 1 
ATOM   633  N  N   . ASN A 1 82  ? -6.745  11.981  -13.893 1.00 26.79 ? 83  ASN A N   1 
ATOM   634  C  CA  . ASN A 1 82  ? -5.776  10.896  -13.953 1.00 23.84 ? 83  ASN A CA  1 
ATOM   635  C  C   . ASN A 1 82  ? -6.032  10.099  -15.226 1.00 22.75 ? 83  ASN A C   1 
ATOM   636  O  O   . ASN A 1 82  ? -7.194  9.850   -15.579 1.00 21.97 ? 83  ASN A O   1 
ATOM   637  C  CB  . ASN A 1 82  ? -5.891  9.981   -12.721 1.00 23.25 ? 83  ASN A CB  1 
ATOM   638  C  CG  . ASN A 1 82  ? -5.352  10.625  -11.471 1.00 21.66 ? 83  ASN A CG  1 
ATOM   639  O  OD1 . ASN A 1 82  ? -4.222  11.139  -11.460 1.00 17.65 ? 83  ASN A OD1 1 
ATOM   640  N  ND2 . ASN A 1 82  ? -6.161  10.624  -10.398 1.00 19.51 ? 83  ASN A ND2 1 
ATOM   641  N  N   . ASN A 1 83  ? -4.958  9.759   -15.945 1.00 20.89 ? 84  ASN A N   1 
ATOM   642  C  CA  . ASN A 1 83  ? -5.078  8.839   -17.074 1.00 19.36 ? 84  ASN A CA  1 
ATOM   643  C  C   . ASN A 1 83  ? -5.332  7.439   -16.538 1.00 18.62 ? 84  ASN A C   1 
ATOM   644  O  O   . ASN A 1 83  ? -5.384  7.276   -15.333 1.00 17.80 ? 84  ASN A O   1 
ATOM   645  C  CB  . ASN A 1 83  ? -3.900  8.938   -18.039 1.00 19.52 ? 84  ASN A CB  1 
ATOM   646  C  CG  . ASN A 1 83  ? -2.598  8.321   -17.523 1.00 19.15 ? 84  ASN A CG  1 
ATOM   647  O  OD1 . ASN A 1 83  ? -2.552  7.612   -16.531 1.00 19.13 ? 84  ASN A OD1 1 
ATOM   648  N  ND2 . ASN A 1 83  ? -1.516  8.638   -18.214 1.00 19.63 ? 84  ASN A ND2 1 
ATOM   649  N  N   . ALA A 1 84  ? -5.521  6.450   -17.407 1.00 17.06 ? 85  ALA A N   1 
ATOM   650  C  CA  . ALA A 1 84  ? -5.830  5.095   -16.970 1.00 15.95 ? 85  ALA A CA  1 
ATOM   651  C  C   . ALA A 1 84  ? -4.813  4.507   -15.982 1.00 15.49 ? 85  ALA A C   1 
ATOM   652  O  O   . ALA A 1 84  ? -5.194  3.912   -14.979 1.00 14.88 ? 85  ALA A O   1 
ATOM   653  C  CB  . ALA A 1 84  ? -6.008  4.162   -18.174 1.00 16.51 ? 85  ALA A CB  1 
ATOM   654  N  N   . CYS A 1 85  ? -3.529  4.670   -16.268 1.00 14.57 ? 86  CYS A N   1 
ATOM   655  C  CA  . CYS A 1 85  ? -2.486  4.218   -15.337 1.00 14.33 ? 86  CYS A CA  1 
ATOM   656  C  C   . CYS A 1 85  ? -2.533  4.962   -13.994 1.00 14.06 ? 86  CYS A C   1 
ATOM   657  O  O   . CYS A 1 85  ? -2.557  4.337   -12.938 1.00 13.59 ? 86  CYS A O   1 
ATOM   658  C  CB  . CYS A 1 85  ? -1.110  4.399   -15.972 1.00 14.33 ? 86  CYS A CB  1 
ATOM   659  S  SG  . CYS A 1 85  ? 0.285   4.056   -14.879 1.00 14.51 ? 86  CYS A SG  1 
ATOM   660  N  N   . ALA A 1 86  ? -2.552  6.291   -14.038 1.00 13.78 ? 87  ALA A N   1 
ATOM   661  C  CA  . ALA A 1 86  ? -2.621  7.081   -12.803 1.00 14.37 ? 87  ALA A CA  1 
ATOM   662  C  C   . ALA A 1 86  ? -3.867  6.746   -11.957 1.00 14.41 ? 87  ALA A C   1 
ATOM   663  O  O   . ALA A 1 86  ? -3.774  6.594   -10.736 1.00 14.35 ? 87  ALA A O   1 
ATOM   664  C  CB  . ALA A 1 86  ? -2.550  8.588   -13.122 1.00 14.28 ? 87  ALA A CB  1 
ATOM   665  N  N   . ALA A 1 87  ? -5.017  6.614   -12.612 1.00 14.86 ? 88  ALA A N   1 
ATOM   666  C  CA  . ALA A 1 87  ? -6.267  6.318   -11.922 1.00 15.04 ? 88  ALA A CA  1 
ATOM   667  C  C   . ALA A 1 87  ? -6.208  4.961   -11.205 1.00 14.57 ? 88  ALA A C   1 
ATOM   668  O  O   . ALA A 1 87  ? -6.641  4.830   -10.075 1.00 14.40 ? 88  ALA A O   1 
ATOM   669  C  CB  . ALA A 1 87  ? -7.412  6.330   -12.909 1.00 15.46 ? 88  ALA A CB  1 
ATOM   670  N  N   . SER A 1 88  ? -5.723  3.942   -11.895 1.00 14.21 ? 89  SER A N   1 
ATOM   671  C  CA  . SER A 1 88  ? -5.607  2.602   -11.299 1.00 14.83 ? 89  SER A CA  1 
ATOM   672  C  C   . SER A 1 88  ? -4.677  2.596   -10.090 1.00 14.21 ? 89  SER A C   1 
ATOM   673  O  O   . SER A 1 88  ? -4.988  2.018   -9.048  1.00 14.02 ? 89  SER A O   1 
ATOM   674  C  CB  . SER A 1 88  ? -5.040  1.598   -12.319 1.00 15.27 ? 89  SER A CB  1 
ATOM   675  O  OG  . SER A 1 88  ? -5.957  1.376   -13.378 1.00 21.36 ? 89  SER A OG  1 
ATOM   676  N  N   . VAL A 1 89  ? -3.509  3.201   -10.253 1.00 13.25 ? 90  VAL A N   1 
ATOM   677  C  CA  . VAL A 1 89  ? -2.514  3.204   -9.187  1.00 13.07 ? 90  VAL A CA  1 
ATOM   678  C  C   . VAL A 1 89  ? -3.028  4.020   -8.006  1.00 12.96 ? 90  VAL A C   1 
ATOM   679  O  O   . VAL A 1 89  ? -2.930  3.604   -6.857  1.00 12.37 ? 90  VAL A O   1 
ATOM   680  C  CB  . VAL A 1 89  ? -1.167  3.771   -9.682  1.00 13.47 ? 90  VAL A CB  1 
ATOM   681  C  CG1 . VAL A 1 89  ? -0.193  3.942   -8.520  1.00 13.72 ? 90  VAL A CG1 1 
ATOM   682  C  CG2 . VAL A 1 89  ? -0.588  2.851   -10.769 1.00 15.49 ? 90  VAL A CG2 1 
ATOM   683  N  N   . CYS A 1 90  ? -3.602  5.179   -8.300  1.00 12.68 ? 91  CYS A N   1 
ATOM   684  C  CA  . CYS A 1 90  ? -4.179  6.003   -7.250  1.00 12.78 ? 91  CYS A CA  1 
ATOM   685  C  C   . CYS A 1 90  ? -5.207  5.177   -6.477  1.00 12.53 ? 91  CYS A C   1 
ATOM   686  O  O   . CYS A 1 90  ? -5.230  5.195   -5.250  1.00 11.84 ? 91  CYS A O   1 
ATOM   687  C  CB  . CYS A 1 90  ? -4.847  7.274   -7.796  1.00 12.23 ? 91  CYS A CB  1 
ATOM   688  S  SG  . CYS A 1 90  ? -5.284  8.389   -6.415  1.00 12.61 ? 91  CYS A SG  1 
ATOM   689  N  N   . ASP A 1 91  ? -6.075  4.474   -7.189  1.00 13.25 ? 92  ASP A N   1 
ATOM   690  C  CA  . ASP A 1 91  ? -7.084  3.654   -6.501  1.00 14.23 ? 92  ASP A CA  1 
ATOM   691  C  C   . ASP A 1 91  ? -6.473  2.545   -5.641  1.00 13.41 ? 92  ASP A C   1 
ATOM   692  O  O   . ASP A 1 91  ? -6.952  2.305   -4.526  1.00 13.04 ? 92  ASP A O   1 
ATOM   693  C  CB  . ASP A 1 91  ? -8.086  3.039   -7.476  1.00 15.51 ? 92  ASP A CB  1 
ATOM   694  C  CG  . ASP A 1 91  ? -9.484  2.989   -6.891  1.00 22.64 ? 92  ASP A CG  1 
ATOM   695  O  OD1 . ASP A 1 91  ? -10.008 4.071   -6.516  1.00 28.02 ? 92  ASP A OD1 1 
ATOM   696  O  OD2 . ASP A 1 91  ? -10.121 1.914   -6.745  1.00 29.20 ? 92  ASP A OD2 1 
ATOM   697  N  N   . CYS A 1 92  ? -5.474  1.841   -6.166  1.00 11.76 ? 93  CYS A N   1 
ATOM   698  C  CA  . CYS A 1 92  ? -4.789  0.813   -5.377  1.00 11.72 ? 93  CYS A CA  1 
ATOM   699  C  C   . CYS A 1 92  ? -4.298  1.410   -4.046  1.00 11.58 ? 93  CYS A C   1 
ATOM   700  O  O   . CYS A 1 92  ? -4.539  0.847   -2.960  1.00 11.22 ? 93  CYS A O   1 
ATOM   701  C  CB  . CYS A 1 92  ? -3.582  0.250   -6.141  1.00 11.23 ? 93  CYS A CB  1 
ATOM   702  S  SG  . CYS A 1 92  ? -3.925  -0.638  -7.673  1.00 13.23 ? 93  CYS A SG  1 
ATOM   703  N  N   . ASP A 1 93  ? -3.595  2.541   -4.124  1.00 10.94 ? 94  ASP A N   1 
ATOM   704  C  CA  . ASP A 1 93  ? -3.038  3.215   -2.940  1.00 11.91 ? 94  ASP A CA  1 
ATOM   705  C  C   . ASP A 1 93  ? -4.131  3.663   -1.966  1.00 12.92 ? 94  ASP A C   1 
ATOM   706  O  O   . ASP A 1 93  ? -4.037  3.487   -0.731  1.00 13.04 ? 94  ASP A O   1 
ATOM   707  C  CB  . ASP A 1 93  ? -2.194  4.429   -3.361  1.00 11.42 ? 94  ASP A CB  1 
ATOM   708  C  CG  . ASP A 1 93  ? -0.854  4.020   -3.958  1.00 13.23 ? 94  ASP A CG  1 
ATOM   709  O  OD1 . ASP A 1 93  ? -0.619  2.788   -4.036  1.00 14.17 ? 94  ASP A OD1 1 
ATOM   710  O  OD2 . ASP A 1 93  ? 0.023   4.821   -4.384  1.00 13.62 ? 94  ASP A OD2 1 
ATOM   711  N  N   . ARG A 1 94  ? -5.151  4.286   -2.535  1.00 12.54 ? 95  ARG A N   1 
ATOM   712  C  CA  . ARG A 1 94  ? -6.248  4.812   -1.741  1.00 14.24 ? 95  ARG A CA  1 
ATOM   713  C  C   . ARG A 1 94  ? -6.912  3.699   -0.963  1.00 14.24 ? 95  ARG A C   1 
ATOM   714  O  O   . ARG A 1 94  ? -7.083  3.792   0.251   1.00 14.46 ? 95  ARG A O   1 
ATOM   715  C  CB  . ARG A 1 94  ? -7.274  5.461   -2.660  1.00 13.87 ? 95  ARG A CB  1 
ATOM   716  C  CG  . ARG A 1 94  ? -8.378  6.092   -1.906  1.00 17.89 ? 95  ARG A CG  1 
ATOM   717  C  CD  . ARG A 1 94  ? -9.329  6.886   -2.769  1.00 23.61 ? 95  ARG A CD  1 
ATOM   718  N  NE  . ARG A 1 94  ? -10.639 6.574   -2.268  1.00 33.04 ? 95  ARG A NE  1 
ATOM   719  C  CZ  . ARG A 1 94  ? -11.425 5.668   -2.807  1.00 34.40 ? 95  ARG A CZ  1 
ATOM   720  N  NH1 . ARG A 1 94  ? -11.065 5.055   -3.921  1.00 36.75 ? 95  ARG A NH1 1 
ATOM   721  N  NH2 . ARG A 1 94  ? -12.591 5.412   -2.253  1.00 36.38 ? 95  ARG A NH2 1 
ATOM   722  N  N   . LEU A 1 95  ? -7.272  2.629   -1.656  1.00 14.85 ? 96  LEU A N   1 
ATOM   723  C  CA  . LEU A 1 95  ? -7.926  1.502   -0.981  1.00 15.59 ? 96  LEU A CA  1 
ATOM   724  C  C   . LEU A 1 95  ? -7.041  0.882   0.106   1.00 15.80 ? 96  LEU A C   1 
ATOM   725  O  O   . LEU A 1 95  ? -7.536  0.513   1.176   1.00 15.74 ? 96  LEU A O   1 
ATOM   726  C  CB  . LEU A 1 95  ? -8.389  0.451   -1.994  1.00 15.89 ? 96  LEU A CB  1 
ATOM   727  C  CG  . LEU A 1 95  ? -9.532  0.873   -2.938  1.00 19.55 ? 96  LEU A CG  1 
ATOM   728  C  CD1 . LEU A 1 95  ? -9.882  -0.248  -3.924  1.00 20.70 ? 96  LEU A CD1 1 
ATOM   729  C  CD2 . LEU A 1 95  ? -10.806 1.319   -2.171  1.00 20.87 ? 96  LEU A CD2 1 
ATOM   730  N  N   . ALA A 1 96  ? -5.739  0.763   -0.150  1.00 14.86 ? 97  ALA A N   1 
ATOM   731  C  CA  . ALA A 1 96  ? -4.823  0.245   0.866   1.00 15.24 ? 97  ALA A CA  1 
ATOM   732  C  C   . ALA A 1 96  ? -4.740  1.182   2.094   1.00 15.66 ? 97  ALA A C   1 
ATOM   733  O  O   . ALA A 1 96  ? -4.716  0.740   3.245   1.00 15.68 ? 97  ALA A O   1 
ATOM   734  C  CB  . ALA A 1 96  ? -3.425  0.038   0.274   1.00 14.64 ? 97  ALA A CB  1 
ATOM   735  N  N   . ALA A 1 97  ? -4.665  2.481   1.849   1.00 16.23 ? 98  ALA A N   1 
ATOM   736  C  CA  . ALA A 1 97  ? -4.578  3.414   2.973   1.00 16.63 ? 98  ALA A CA  1 
ATOM   737  C  C   . ALA A 1 97  ? -5.812  3.332   3.882   1.00 17.55 ? 98  ALA A C   1 
ATOM   738  O  O   . ALA A 1 97  ? -5.691  3.364   5.118   1.00 17.14 ? 98  ALA A O   1 
ATOM   739  C  CB  . ALA A 1 97  ? -4.328  4.832   2.482   1.00 17.39 ? 98  ALA A CB  1 
ATOM   740  N  N   . ILE A 1 98  ? -6.986  3.191   3.277   1.00 18.08 ? 99  ILE A N   1 
ATOM   741  C  CA  . ILE A 1 98  ? -8.227  3.047   4.026   1.00 19.47 ? 99  ILE A CA  1 
ATOM   742  C  C   . ILE A 1 98  ? -8.234  1.711   4.768   1.00 19.66 ? 99  ILE A C   1 
ATOM   743  O  O   . ILE A 1 98  ? -8.691  1.616   5.917   1.00 20.13 ? 99  ILE A O   1 
ATOM   744  C  CB  . ILE A 1 98  ? -9.440  3.174   3.080   1.00 19.44 ? 99  ILE A CB  1 
ATOM   745  C  CG1 . ILE A 1 98  ? -9.574  4.624   2.578   1.00 21.65 ? 99  ILE A CG1 1 
ATOM   746  C  CG2 . ILE A 1 98  ? -10.727 2.729   3.772   1.00 21.83 ? 99  ILE A CG2 1 
ATOM   747  C  CD1 . ILE A 1 98  ? -10.465 4.751   1.303   1.00 22.64 ? 99  ILE A CD1 1 
ATOM   748  N  N   . CYS A 1 99  ? -7.687  0.689   4.125   1.00 19.06 ? 100 CYS A N   1 
ATOM   749  C  CA  . CYS A 1 99  ? -7.630  -0.641  4.713   1.00 19.18 ? 100 CYS A CA  1 
ATOM   750  C  C   . CYS A 1 99  ? -6.739  -0.632  5.951   1.00 19.28 ? 100 CYS A C   1 
ATOM   751  O  O   . CYS A 1 99  ? -7.090  -1.225  6.984   1.00 19.08 ? 100 CYS A O   1 
ATOM   752  C  CB  . CYS A 1 99  ? -7.122  -1.655  3.679   1.00 18.77 ? 100 CYS A CB  1 
ATOM   753  S  SG  . CYS A 1 99  ? -7.379  -3.398  4.101   1.00 19.28 ? 100 CYS A SG  1 
ATOM   754  N  N   . PHE A 1 100 ? -5.597  0.046   5.839   1.00 18.65 ? 101 PHE A N   1 
ATOM   755  C  CA  . PHE A 1 100 ? -4.631  0.158   6.927   1.00 19.35 ? 101 PHE A CA  1 
ATOM   756  C  C   . PHE A 1 100 ? -5.292  0.808   8.148   1.00 19.85 ? 101 PHE A C   1 
ATOM   757  O  O   . PHE A 1 100 ? -5.077  0.391   9.287   1.00 19.53 ? 101 PHE A O   1 
ATOM   758  C  CB  . PHE A 1 100 ? -3.414  1.009   6.515   1.00 18.40 ? 101 PHE A CB  1 
ATOM   759  C  CG  . PHE A 1 100 ? -2.476  0.350   5.537   1.00 18.84 ? 101 PHE A CG  1 
ATOM   760  C  CD1 . PHE A 1 100 ? -2.769  -0.867  4.939   1.00 19.46 ? 101 PHE A CD1 1 
ATOM   761  C  CD2 . PHE A 1 100 ? -1.290  0.980   5.205   1.00 19.16 ? 101 PHE A CD2 1 
ATOM   762  C  CE1 . PHE A 1 100 ? -1.888  -1.426  4.038   1.00 19.09 ? 101 PHE A CE1 1 
ATOM   763  C  CE2 . PHE A 1 100 ? -0.409  0.427   4.331   1.00 20.01 ? 101 PHE A CE2 1 
ATOM   764  C  CZ  . PHE A 1 100 ? -0.703  -0.783  3.739   1.00 20.91 ? 101 PHE A CZ  1 
ATOM   765  N  N   . ALA A 1 101 ? -6.111  1.818   7.896   1.00 21.00 ? 102 ALA A N   1 
ATOM   766  C  CA  . ALA A 1 101 ? -6.747  2.559   8.975   1.00 21.83 ? 102 ALA A CA  1 
ATOM   767  C  C   . ALA A 1 101 ? -7.710  1.739   9.834   1.00 22.73 ? 102 ALA A C   1 
ATOM   768  O  O   . ALA A 1 101 ? -7.887  2.029   11.018  1.00 23.78 ? 102 ALA A O   1 
ATOM   769  C  CB  . ALA A 1 101 ? -7.433  3.817   8.432   1.00 21.73 ? 102 ALA A CB  1 
ATOM   770  N  N   . GLY A 1 102 ? -8.327  0.724   9.251   1.00 23.08 ? 103 GLY A N   1 
ATOM   771  C  CA  . GLY A 1 102 ? -9.247  -0.108  9.998   1.00 24.77 ? 103 GLY A CA  1 
ATOM   772  C  C   . GLY A 1 102 ? -8.697  -1.432  10.489  1.00 25.58 ? 103 GLY A C   1 
ATOM   773  O  O   . GLY A 1 102 ? -9.435  -2.235  11.059  1.00 25.87 ? 103 GLY A O   1 
ATOM   774  N  N   . ALA A 1 103 ? -7.413  -1.678  10.259  1.00 26.09 ? 104 ALA A N   1 
ATOM   775  C  CA  . ALA A 1 103 ? -6.807  -2.942  10.651  1.00 27.11 ? 104 ALA A CA  1 
ATOM   776  C  C   . ALA A 1 103 ? -5.956  -2.837  11.913  1.00 27.61 ? 104 ALA A C   1 
ATOM   777  O  O   . ALA A 1 103 ? -5.200  -1.877  12.116  1.00 27.66 ? 104 ALA A O   1 
ATOM   778  C  CB  . ALA A 1 103 ? -5.987  -3.531  9.488   1.00 27.24 ? 104 ALA A CB  1 
ATOM   779  N  N   . PRO A 1 104 ? -6.096  -3.824  12.781  1.00 28.36 ? 105 PRO A N   1 
ATOM   780  C  CA  . PRO A 1 104 ? -5.305  -3.864  14.009  1.00 29.30 ? 105 PRO A CA  1 
ATOM   781  C  C   . PRO A 1 104 ? -3.823  -4.020  13.679  1.00 29.74 ? 105 PRO A C   1 
ATOM   782  O  O   . PRO A 1 104 ? -3.467  -4.717  12.728  1.00 30.08 ? 105 PRO A O   1 
ATOM   783  C  CB  . PRO A 1 104 ? -5.819  -5.120  14.726  1.00 29.92 ? 105 PRO A CB  1 
ATOM   784  C  CG  . PRO A 1 104 ? -7.067  -5.505  14.033  1.00 29.01 ? 105 PRO A CG  1 
ATOM   785  C  CD  . PRO A 1 104 ? -7.035  -4.948  12.663  1.00 28.65 ? 105 PRO A CD  1 
ATOM   786  N  N   . TYR A 1 105 ? -2.968  -3.366  14.449  1.00 29.68 ? 106 TYR A N   1 
ATOM   787  C  CA  . TYR A 1 105 ? -1.538  -3.477  14.233  1.00 29.77 ? 106 TYR A CA  1 
ATOM   788  C  C   . TYR A 1 105 ? -0.923  -4.330  15.340  1.00 30.24 ? 106 TYR A C   1 
ATOM   789  O  O   . TYR A 1 105 ? -0.980  -3.954  16.513  1.00 30.23 ? 106 TYR A O   1 
ATOM   790  C  CB  . TYR A 1 105 ? -0.897  -2.096  14.206  1.00 29.25 ? 106 TYR A CB  1 
ATOM   791  C  CG  . TYR A 1 105 ? 0.523   -2.119  13.723  1.00 27.93 ? 106 TYR A CG  1 
ATOM   792  C  CD1 . TYR A 1 105 ? 1.550   -2.556  14.555  1.00 26.44 ? 106 TYR A CD1 1 
ATOM   793  C  CD2 . TYR A 1 105 ? 0.846   -1.710  12.429  1.00 26.26 ? 106 TYR A CD2 1 
ATOM   794  C  CE1 . TYR A 1 105 ? 2.851   -2.585  14.125  1.00 25.44 ? 106 TYR A CE1 1 
ATOM   795  C  CE2 . TYR A 1 105 ? 2.154   -1.731  11.980  1.00 24.51 ? 106 TYR A CE2 1 
ATOM   796  C  CZ  . TYR A 1 105 ? 3.156   -2.181  12.837  1.00 24.76 ? 106 TYR A CZ  1 
ATOM   797  O  OH  . TYR A 1 105 ? 4.461   -2.228  12.432  1.00 24.62 ? 106 TYR A OH  1 
ATOM   798  N  N   . ASN A 1 106 ? -0.351  -5.475  14.965  1.00 29.89 ? 107 ASN A N   1 
ATOM   799  C  CA  . ASN A 1 106 ? 0.278   -6.396  15.907  1.00 30.06 ? 107 ASN A CA  1 
ATOM   800  C  C   . ASN A 1 106 ? 1.792   -6.267  15.821  1.00 30.11 ? 107 ASN A C   1 
ATOM   801  O  O   . ASN A 1 106 ? 2.397   -6.706  14.843  1.00 28.71 ? 107 ASN A O   1 
ATOM   802  C  CB  . ASN A 1 106 ? -0.155  -7.836  15.599  1.00 30.61 ? 107 ASN A CB  1 
ATOM   803  C  CG  . ASN A 1 106 ? 0.322   -8.849  16.653  1.00 33.26 ? 107 ASN A CG  1 
ATOM   804  O  OD1 . ASN A 1 106 ? 1.312   -8.622  17.368  1.00 34.65 ? 107 ASN A OD1 1 
ATOM   805  N  ND2 . ASN A 1 106 ? -0.388  -9.978  16.745  1.00 35.92 ? 107 ASN A ND2 1 
ATOM   806  N  N   . ASP A 1 107 ? 2.405   -5.658  16.842  1.00 30.27 ? 108 ASP A N   1 
ATOM   807  C  CA  . ASP A 1 107 ? 3.856   -5.444  16.843  1.00 30.60 ? 108 ASP A CA  1 
ATOM   808  C  C   . ASP A 1 107 ? 4.629   -6.744  16.622  1.00 29.16 ? 108 ASP A C   1 
ATOM   809  O  O   . ASP A 1 107 ? 5.758   -6.739  16.141  1.00 29.65 ? 108 ASP A O   1 
ATOM   810  C  CB  . ASP A 1 107 ? 4.328   -4.759  18.140  1.00 31.51 ? 108 ASP A CB  1 
ATOM   811  C  CG  . ASP A 1 107 ? 3.589   -3.467  18.422  1.00 34.97 ? 108 ASP A CG  1 
ATOM   812  O  OD1 . ASP A 1 107 ? 3.932   -2.420  17.814  1.00 38.61 ? 108 ASP A OD1 1 
ATOM   813  O  OD2 . ASP A 1 107 ? 2.644   -3.398  19.245  1.00 38.56 ? 108 ASP A OD2 1 
ATOM   814  N  N   . ALA A 1 108 ? 4.018   -7.865  16.958  1.00 28.41 ? 109 ALA A N   1 
ATOM   815  C  CA  . ALA A 1 108 ? 4.681   -9.146  16.771  1.00 27.71 ? 109 ALA A CA  1 
ATOM   816  C  C   . ALA A 1 108 ? 4.888   -9.488  15.290  1.00 27.18 ? 109 ALA A C   1 
ATOM   817  O  O   . ALA A 1 108 ? 5.756   -10.283 14.945  1.00 26.96 ? 109 ALA A O   1 
ATOM   818  C  CB  . ALA A 1 108 ? 3.897   -10.255 17.462  1.00 28.19 ? 109 ALA A CB  1 
ATOM   819  N  N   . ASN A 1 109 ? 4.102   -8.870  14.417  1.00 26.28 ? 110 ASN A N   1 
ATOM   820  C  CA  . ASN A 1 109 ? 4.177   -9.190  12.999  1.00 25.30 ? 110 ASN A CA  1 
ATOM   821  C  C   . ASN A 1 109 ? 5.072   -8.253  12.207  1.00 24.82 ? 110 ASN A C   1 
ATOM   822  O  O   . ASN A 1 109 ? 5.203   -8.369  10.986  1.00 24.29 ? 110 ASN A O   1 
ATOM   823  C  CB  . ASN A 1 109 ? 2.775   -9.236  12.413  1.00 25.58 ? 110 ASN A CB  1 
ATOM   824  C  CG  . ASN A 1 109 ? 1.996   -10.452 12.882  1.00 25.54 ? 110 ASN A CG  1 
ATOM   825  O  OD1 . ASN A 1 109 ? 0.765   -10.441 12.935  1.00 27.94 ? 110 ASN A OD1 1 
ATOM   826  N  ND2 . ASN A 1 109 ? 2.712   -11.513 13.203  1.00 26.95 ? 110 ASN A ND2 1 
ATOM   827  N  N   . TYR A 1 110 ? 5.682   -7.304  12.901  1.00 24.19 ? 111 TYR A N   1 
ATOM   828  C  CA  . TYR A 1 110 ? 6.612   -6.407  12.247  1.00 23.82 ? 111 TYR A CA  1 
ATOM   829  C  C   . TYR A 1 110 ? 7.939   -7.127  12.030  1.00 23.56 ? 111 TYR A C   1 
ATOM   830  O  O   . TYR A 1 110 ? 8.368   -7.897  12.876  1.00 23.96 ? 111 TYR A O   1 
ATOM   831  C  CB  . TYR A 1 110 ? 6.832   -5.158  13.105  1.00 23.77 ? 111 TYR A CB  1 
ATOM   832  C  CG  . TYR A 1 110 ? 7.809   -4.172  12.520  1.00 25.73 ? 111 TYR A CG  1 
ATOM   833  C  CD1 . TYR A 1 110 ? 7.472   -3.392  11.420  1.00 28.61 ? 111 TYR A CD1 1 
ATOM   834  C  CD2 . TYR A 1 110 ? 9.067   -4.010  13.073  1.00 28.53 ? 111 TYR A CD2 1 
ATOM   835  C  CE1 . TYR A 1 110 ? 8.378   -2.488  10.882  1.00 31.08 ? 111 TYR A CE1 1 
ATOM   836  C  CE2 . TYR A 1 110 ? 9.964   -3.116  12.555  1.00 30.03 ? 111 TYR A CE2 1 
ATOM   837  C  CZ  . TYR A 1 110 ? 9.624   -2.356  11.461  1.00 31.84 ? 111 TYR A CZ  1 
ATOM   838  O  OH  . TYR A 1 110 ? 10.545  -1.463  10.954  1.00 34.01 ? 111 TYR A OH  1 
ATOM   839  N  N   . ASN A 1 111 ? 8.566   -6.893  10.885  1.00 22.48 ? 112 ASN A N   1 
ATOM   840  C  CA  . ASN A 1 111 ? 9.891   -7.432  10.585  1.00 23.10 ? 112 ASN A CA  1 
ATOM   841  C  C   . ASN A 1 111 ? 10.056  -8.941  10.838  1.00 22.00 ? 112 ASN A C   1 
ATOM   842  O  O   . ASN A 1 111 ? 11.028  -9.365  11.453  1.00 22.17 ? 112 ASN A O   1 
ATOM   843  C  CB  . ASN A 1 111 ? 10.952  -6.633  11.367  1.00 23.17 ? 112 ASN A CB  1 
ATOM   844  C  CG  . ASN A 1 111 ? 12.386  -6.995  10.989  1.00 25.46 ? 112 ASN A CG  1 
ATOM   845  O  OD1 . ASN A 1 111 ? 13.251  -7.040  11.854  1.00 27.35 ? 112 ASN A OD1 1 
ATOM   846  N  ND2 . ASN A 1 111 ? 12.652  -7.219  9.696   1.00 26.49 ? 112 ASN A ND2 1 
ATOM   847  N  N   . ILE A 1 112 ? 9.127   -9.745  10.334  1.00 21.01 ? 113 ILE A N   1 
ATOM   848  C  CA  . ILE A 1 112 ? 9.219   -11.191 10.508  1.00 19.84 ? 113 ILE A CA  1 
ATOM   849  C  C   . ILE A 1 112 ? 10.176  -11.786 9.475   1.00 19.32 ? 113 ILE A C   1 
ATOM   850  O  O   . ILE A 1 112 ? 10.524  -11.139 8.483   1.00 18.04 ? 113 ILE A O   1 
ATOM   851  C  CB  . ILE A 1 112 ? 7.817   -11.887 10.453  1.00 20.01 ? 113 ILE A CB  1 
ATOM   852  C  CG1 . ILE A 1 112 ? 7.154   -11.704 9.087   1.00 20.86 ? 113 ILE A CG1 1 
ATOM   853  C  CG2 . ILE A 1 112 ? 6.892   -11.374 11.534  1.00 19.55 ? 113 ILE A CG2 1 
ATOM   854  C  CD1 . ILE A 1 112 ? 5.963   -12.626 8.877   1.00 22.42 ? 113 ILE A CD1 1 
ATOM   855  N  N   . ASP A 1 113 ? 10.593  -13.027 9.723   1.00 18.89 ? 114 ASP A N   1 
ATOM   856  C  CA  . ASP A 1 113 ? 11.527  -13.738 8.869   1.00 19.01 ? 114 ASP A CA  1 
ATOM   857  C  C   . ASP A 1 113 ? 10.866  -14.283 7.608   1.00 19.44 ? 114 ASP A C   1 
ATOM   858  O  O   . ASP A 1 113 ? 10.296  -15.373 7.595   1.00 18.81 ? 114 ASP A O   1 
ATOM   859  C  CB  . ASP A 1 113 ? 12.173  -14.874 9.668   1.00 19.43 ? 114 ASP A CB  1 
ATOM   860  C  CG  . ASP A 1 113 ? 13.350  -15.476 8.959   1.00 19.77 ? 114 ASP A CG  1 
ATOM   861  O  OD1 . ASP A 1 113 ? 13.564  -15.313 7.745   1.00 22.56 ? 114 ASP A OD1 1 
ATOM   862  O  OD2 . ASP A 1 113 ? 14.138  -16.188 9.618   1.00 22.83 ? 114 ASP A OD2 1 
ATOM   863  N  N   . LEU A 1 114 ? 10.951  -13.516 6.534   1.00 20.76 ? 115 LEU A N   1 
ATOM   864  C  CA  . LEU A 1 114 ? 10.279  -13.874 5.290   1.00 21.61 ? 115 LEU A CA  1 
ATOM   865  C  C   . LEU A 1 114 ? 10.644  -15.250 4.734   1.00 21.94 ? 115 LEU A C   1 
ATOM   866  O  O   . LEU A 1 114 ? 9.774   -16.016 4.318   1.00 21.77 ? 115 LEU A O   1 
ATOM   867  C  CB  . LEU A 1 114 ? 10.560  -12.796 4.234   1.00 22.26 ? 115 LEU A CB  1 
ATOM   868  C  CG  . LEU A 1 114 ? 10.234  -11.379 4.721   1.00 23.27 ? 115 LEU A CG  1 
ATOM   869  C  CD1 . LEU A 1 114 ? 10.528  -10.326 3.636   1.00 27.66 ? 115 LEU A CD1 1 
ATOM   870  C  CD2 . LEU A 1 114 ? 8.764   -11.293 5.163   1.00 26.43 ? 115 LEU A CD2 1 
ATOM   871  N  N   . LYS A 1 115 ? 11.932  -15.560 4.724   1.00 22.04 ? 116 LYS A N   1 
ATOM   872  C  CA  . LYS A 1 115 ? 12.389  -16.837 4.200   1.00 22.12 ? 116 LYS A CA  1 
ATOM   873  C  C   . LYS A 1 115 ? 11.828  -18.047 4.927   1.00 21.16 ? 116 LYS A C   1 
ATOM   874  O  O   . LYS A 1 115 ? 11.490  -19.036 4.291   1.00 21.31 ? 116 LYS A O   1 
ATOM   875  C  CB  . LYS A 1 115 ? 13.909  -16.892 4.176   1.00 22.70 ? 116 LYS A CB  1 
ATOM   876  C  CG  . LYS A 1 115 ? 14.498  -15.897 3.205   1.00 26.65 ? 116 LYS A CG  1 
ATOM   877  C  CD  . LYS A 1 115 ? 15.969  -15.669 3.468   1.00 30.84 ? 116 LYS A CD  1 
ATOM   878  C  CE  . LYS A 1 115 ? 16.410  -14.350 2.867   1.00 33.10 ? 116 LYS A CE  1 
ATOM   879  N  NZ  . LYS A 1 115 ? 17.884  -14.148 3.052   1.00 35.52 ? 116 LYS A NZ  1 
ATOM   880  N  N   . ALA A 1 116 ? 11.718  -17.966 6.250   1.00 20.14 ? 117 ALA A N   1 
ATOM   881  C  CA  . ALA A 1 116 ? 11.214  -19.078 7.069   1.00 19.50 ? 117 ALA A CA  1 
ATOM   882  C  C   . ALA A 1 116 ? 9.690   -19.162 7.188   1.00 19.37 ? 117 ALA A C   1 
ATOM   883  O  O   . ALA A 1 116 ? 9.126   -20.243 7.419   1.00 18.69 ? 117 ALA A O   1 
ATOM   884  C  CB  . ALA A 1 116 ? 11.811  -18.983 8.491   1.00 19.14 ? 117 ALA A CB  1 
ATOM   885  N  N   . ARG A 1 117 ? 9.025   -18.022 7.059   1.00 19.63 ? 118 ARG A N   1 
ATOM   886  C  CA  . ARG A 1 117 ? 7.613   -17.955 7.398   1.00 20.90 ? 118 ARG A CA  1 
ATOM   887  C  C   . ARG A 1 117 ? 6.656   -17.569 6.292   1.00 21.34 ? 118 ARG A C   1 
ATOM   888  O  O   . ARG A 1 117 ? 5.458   -17.622 6.488   1.00 21.81 ? 118 ARG A O   1 
ATOM   889  C  CB  . ARG A 1 117 ? 7.437   -16.978 8.556   1.00 20.94 ? 118 ARG A CB  1 
ATOM   890  C  CG  . ARG A 1 117 ? 8.184   -17.446 9.798   1.00 21.89 ? 118 ARG A CG  1 
ATOM   891  C  CD  . ARG A 1 117 ? 8.138   -16.488 10.969  1.00 24.74 ? 118 ARG A CD  1 
ATOM   892  N  NE  . ARG A 1 117 ? 6.792   -16.359 11.528  1.00 25.62 ? 118 ARG A NE  1 
ATOM   893  C  CZ  . ARG A 1 117 ? 6.471   -15.471 12.450  1.00 27.04 ? 118 ARG A CZ  1 
ATOM   894  N  NH1 . ARG A 1 117 ? 7.402   -14.637 12.902  1.00 26.49 ? 118 ARG A NH1 1 
ATOM   895  N  NH2 . ARG A 1 117 ? 5.224   -15.404 12.916  1.00 28.34 ? 118 ARG A NH2 1 
ATOM   896  N  N   . CYS A 1 118 ? 7.173   -17.204 5.138   1.00 22.12 ? 119 CYS A N   1 
ATOM   897  C  CA  . CYS A 1 118 ? 6.305   -16.752 4.073   1.00 23.54 ? 119 CYS A CA  1 
ATOM   898  C  C   . CYS A 1 118 ? 6.411   -17.672 2.862   1.00 26.26 ? 119 CYS A C   1 
ATOM   899  O  O   . CYS A 1 118 ? 6.304   -17.240 1.719   1.00 26.60 ? 119 CYS A O   1 
ATOM   900  C  CB  . CYS A 1 118 ? 6.609   -15.288 3.746   1.00 22.40 ? 119 CYS A CB  1 
ATOM   901  S  SG  . CYS A 1 118 ? 6.351   -14.212 5.191   1.00 17.85 ? 119 CYS A SG  1 
ATOM   902  N  N   . ASN A 1 119 ? 6.607   -18.956 3.143   1.00 29.15 ? 120 ASN A N   1 
ATOM   903  C  CA  . ASN A 1 119 ? 6.693   -19.967 2.096   1.00 32.15 ? 120 ASN A CA  1 
ATOM   904  C  C   . ASN A 1 119 ? 5.319   -20.507 1.723   1.00 32.51 ? 120 ASN A C   1 
ATOM   905  O  O   . ASN A 1 119 ? 4.940   -20.456 0.553   1.00 34.29 ? 120 ASN A O   1 
ATOM   906  C  CB  . ASN A 1 119 ? 7.615   -21.111 2.521   1.00 32.95 ? 120 ASN A CB  1 
ATOM   907  C  CG  . ASN A 1 119 ? 9.027   -20.639 2.817   1.00 36.36 ? 120 ASN A CG  1 
ATOM   908  O  OD1 . ASN A 1 119 ? 9.591   -19.819 2.083   1.00 39.92 ? 120 ASN A OD1 1 
ATOM   909  N  ND2 . ASN A 1 119 ? 9.609   -21.154 3.899   1.00 40.33 ? 120 ASN A ND2 1 
ATOM   910  N  N   . VAL B 2 1   ? 10.561  -5.412  -5.578  0.50 54.62 ? 1   VAL B N   1 
ATOM   911  C  CA  . VAL B 2 1   ? 10.617  -5.315  -4.093  0.50 54.68 ? 1   VAL B CA  1 
ATOM   912  C  C   . VAL B 2 1   ? 11.322  -4.000  -3.647  0.50 54.58 ? 1   VAL B C   1 
ATOM   913  O  O   . VAL B 2 1   ? 12.549  -3.885  -3.734  0.50 54.60 ? 1   VAL B O   1 
ATOM   914  C  CB  . VAL B 2 1   ? 11.193  -6.648  -3.459  0.50 54.64 ? 1   VAL B CB  1 
ATOM   915  C  CG1 . VAL B 2 1   ? 10.837  -7.857  -4.309  0.50 54.60 ? 1   VAL B CG1 1 
ATOM   916  C  CG2 . VAL B 2 1   ? 12.679  -6.605  -3.275  0.50 55.61 ? 1   VAL B CG2 1 
ATOM   917  N  N   . ALA B 2 2   ? 10.527  -2.993  -3.244  0.50 54.51 ? 2   ALA B N   1 
ATOM   918  C  CA  . ALA B 2 2   ? 11.052  -1.732  -2.645  0.50 54.51 ? 2   ALA B CA  1 
ATOM   919  C  C   . ALA B 2 2   ? 10.493  -1.226  -1.255  0.50 54.50 ? 2   ALA B C   1 
ATOM   920  O  O   . ALA B 2 2   ? 11.247  -1.440  -0.351  0.50 54.60 ? 2   ALA B O   1 
ATOM   921  C  CB  . ALA B 2 2   ? 11.114  -0.591  -3.675  0.50 54.51 ? 2   ALA B CB  1 
ATOM   922  N  N   . PHE B 2 3   ? 9.204   -0.855  -1.120  0.50 54.44 ? 3   PHE B N   1 
ATOM   923  C  CA  . PHE B 2 3   ? 8.640   -0.356  0.181   0.50 54.27 ? 3   PHE B CA  1 
ATOM   924  C  C   . PHE B 2 3   ? 7.104   -0.251  0.280   0.50 54.14 ? 3   PHE B C   1 
ATOM   925  O  O   . PHE B 2 3   ? 6.343   -0.615  -0.625  0.50 54.24 ? 3   PHE B O   1 
ATOM   926  C  CB  . PHE B 2 3   ? 8.854   1.143   0.414   0.50 54.22 ? 3   PHE B CB  1 
ATOM   927  C  CG  . PHE B 2 3   ? 10.239  1.621   0.739   0.50 54.33 ? 3   PHE B CG  1 
ATOM   928  C  CD1 . PHE B 2 3   ? 11.403  1.007   0.313   0.50 54.51 ? 3   PHE B CD1 1 
ATOM   929  C  CD2 . PHE B 2 3   ? 10.334  2.835   1.408   0.50 54.38 ? 3   PHE B CD2 1 
ATOM   930  C  CE1 . PHE B 2 3   ? 12.645  1.593   0.615   0.50 54.50 ? 3   PHE B CE1 1 
ATOM   931  C  CE2 . PHE B 2 3   ? 11.540  3.412   1.701   0.50 54.37 ? 3   PHE B CE2 1 
ATOM   932  C  CZ  . PHE B 2 3   ? 12.701  2.798   1.311   0.50 54.39 ? 3   PHE B CZ  1 
ATOM   933  N  N   . ARG B 2 4   ? 6.724   0.436   1.372   0.50 53.92 ? 4   ARG B N   1 
ATOM   934  C  CA  . ARG B 2 4   ? 5.362   0.847   1.731   0.50 53.70 ? 4   ARG B CA  1 
ATOM   935  C  C   . ARG B 2 4   ? 5.327   2.104   2.587   0.50 54.09 ? 4   ARG B C   1 
ATOM   936  O  O   . ARG B 2 4   ? 6.344   2.713   2.906   0.50 54.04 ? 4   ARG B O   1 
ATOM   937  C  CB  . ARG B 2 4   ? 4.733   -0.162  2.667   0.50 53.42 ? 4   ARG B CB  1 
ATOM   938  C  CG  . ARG B 2 4   ? 3.375   -0.562  2.283   0.50 52.08 ? 4   ARG B CG  1 
ATOM   939  C  CD  . ARG B 2 4   ? 3.535   -1.667  1.357   0.50 49.49 ? 4   ARG B CD  1 
ATOM   940  N  NE  . ARG B 2 4   ? 2.327   -2.203  0.791   0.50 47.76 ? 4   ARG B NE  1 
ATOM   941  C  CZ  . ARG B 2 4   ? 2.382   -3.188  -0.071  0.50 46.12 ? 4   ARG B CZ  1 
ATOM   942  N  NH1 . ARG B 2 4   ? 3.577   -3.666  -0.397  0.50 45.18 ? 4   ARG B NH1 1 
ATOM   943  N  NH2 . ARG B 2 4   ? 1.284   -3.689  -0.605  0.50 44.70 ? 4   ARG B NH2 1 
ATOM   944  N  N   . SER B 2 5   ? 4.104   2.387   3.025   0.50 54.63 ? 5   SER B N   1 
ATOM   945  C  CA  . SER B 2 5   ? 3.702   3.448   3.958   0.50 55.09 ? 5   SER B CA  1 
ATOM   946  C  C   . SER B 2 5   ? 4.575   4.663   4.250   0.50 55.23 ? 5   SER B C   1 
ATOM   947  O  O   . SER B 2 5   ? 4.753   5.396   3.278   0.50 55.48 ? 5   SER B O   1 
ATOM   948  C  CB  . SER B 2 5   ? 3.301   2.830   5.296   0.50 55.14 ? 5   SER B CB  1 
ATOM   949  O  OG  . SER B 2 5   ? 2.761   3.823   6.152   0.50 55.40 ? 5   SER B OG  1 
ATOM   950  O  OXT . SER B 2 5   ? 4.933   5.600   3.540   0.50 55.49 ? 5   SER B OXT 1 
HETATM 951  CA CA  . CA  C 3 .   ? 4.944   -6.647  -1.299  1.00 50.62 ? 201 CA  A CA  1 
HETATM 952  O  O   . HOH D 4 .   ? 7.782   -8.428  8.058   1.00 20.26 ? 202 HOH A O   1 
HETATM 953  O  O   . HOH D 4 .   ? 2.034   4.909   -6.146  1.00 10.70 ? 203 HOH A O   1 
HETATM 954  O  O   . HOH D 4 .   ? 6.799   -8.077  4.272   1.00 20.17 ? 204 HOH A O   1 
HETATM 955  O  O   . HOH D 4 .   ? 11.296  -8.856  7.417   1.00 23.93 ? 205 HOH A O   1 
HETATM 956  O  O   . HOH D 4 .   ? 0.215   11.505  -16.397 1.00 40.39 ? 206 HOH A O   1 
HETATM 957  O  O   . HOH D 4 .   ? -11.316 8.898   2.671   1.00 27.82 ? 207 HOH A O   1 
HETATM 958  O  O   . HOH D 4 .   ? 6.921   0.080   -10.385 1.00 20.85 ? 208 HOH A O   1 
HETATM 959  O  O   . HOH D 4 .   ? -2.415  11.449  -15.539 1.00 31.69 ? 209 HOH A O   1 
HETATM 960  O  O   . HOH D 4 .   ? 4.173   4.963   -15.241 1.00 14.87 ? 210 HOH A O   1 
HETATM 961  O  O   . HOH D 4 .   ? 15.887  -17.394 7.926   1.00 20.95 ? 211 HOH A O   1 
HETATM 962  O  O   . HOH D 4 .   ? 4.816   10.175  -13.559 1.00 25.23 ? 212 HOH A O   1 
HETATM 963  O  O   . HOH D 4 .   ? -0.358  -12.715 13.538  1.00 49.36 ? 213 HOH A O   1 
HETATM 964  O  O   . HOH D 4 .   ? -1.979  15.322  -5.974  1.00 27.08 ? 214 HOH A O   1 
HETATM 965  O  O   . HOH D 4 .   ? -4.001  -7.078  11.613  1.00 25.83 ? 215 HOH A O   1 
HETATM 966  O  O   . HOH D 4 .   ? 3.822   -6.000  -6.272  1.00 47.96 ? 216 HOH A O   1 
HETATM 967  O  O   . HOH D 4 .   ? 5.582   7.166   -14.597 1.00 20.91 ? 217 HOH A O   1 
HETATM 968  O  O   . HOH D 4 .   ? -10.117 -0.558  1.476   1.00 35.32 ? 218 HOH A O   1 
HETATM 969  O  O   . HOH D 4 .   ? 6.551   -3.614  -15.627 1.00 42.38 ? 219 HOH A O   1 
HETATM 970  O  O   . HOH D 4 .   ? 4.517   -1.618  -16.843 1.00 39.01 ? 220 HOH A O   1 
HETATM 971  O  O   . HOH D 4 .   ? 13.445  -5.005  0.136   1.00 10.61 ? 221 HOH A O   1 
HETATM 972  O  O   . HOH D 4 .   ? -7.594  -2.892  -4.335  1.00 30.87 ? 222 HOH A O   1 
HETATM 973  O  O   . HOH D 4 .   ? -8.841  6.558   -9.430  1.00 22.31 ? 223 HOH A O   1 
HETATM 974  O  O   . HOH D 4 .   ? 6.974   -12.569 1.124   1.00 21.87 ? 224 HOH A O   1 
HETATM 975  O  O   . HOH D 4 .   ? 8.322   8.337   -4.884  1.00 30.18 ? 225 HOH A O   1 
HETATM 976  O  O   . HOH D 4 .   ? 1.963   10.799  -18.488 1.00 44.08 ? 226 HOH A O   1 
HETATM 977  O  O   . HOH D 4 .   ? 15.350  -6.303  0.778   1.00 49.90 ? 227 HOH A O   1 
HETATM 978  O  O   . HOH D 4 .   ? -11.413 8.575   -5.167  1.00 24.41 ? 228 HOH A O   1 
HETATM 979  O  O   . HOH D 4 .   ? 4.426   8.582   9.406   1.00 53.74 ? 229 HOH A O   1 
HETATM 980  O  O   . HOH D 4 .   ? 8.467   9.394   -9.368  1.00 30.71 ? 230 HOH A O   1 
HETATM 981  O  O   . HOH D 4 .   ? -3.826  17.388  -7.014  1.00 50.17 ? 231 HOH A O   1 
HETATM 982  O  O   . HOH D 4 .   ? -3.197  -0.439  11.316  1.00 36.85 ? 232 HOH A O   1 
HETATM 983  O  O   . HOH D 4 .   ? 12.770  -6.320  14.254  1.00 63.61 ? 233 HOH A O   1 
HETATM 984  O  O   . HOH D 4 .   ? 6.642   -12.417 -4.875  1.00 54.94 ? 234 HOH A O   1 
HETATM 985  O  O   . HOH D 4 .   ? -5.213  -1.956  -2.797  1.00 21.02 ? 235 HOH A O   1 
HETATM 986  O  O   . HOH D 4 .   ? -5.637  -2.950  0.016   1.00 18.36 ? 236 HOH A O   1 
HETATM 987  O  O   . HOH D 4 .   ? 2.380   13.957  8.227   1.00 34.02 ? 237 HOH A O   1 
HETATM 988  O  O   . HOH D 4 .   ? -12.318 7.345   -0.540  1.00 34.97 ? 238 HOH A O   1 
HETATM 989  O  O   . HOH D 4 .   ? 2.675   10.505  10.443  1.00 48.79 ? 239 HOH A O   1 
HETATM 990  O  O   . HOH D 4 .   ? -0.673  -22.638 3.467   1.00 46.55 ? 240 HOH A O   1 
HETATM 991  O  O   . HOH D 4 .   ? -11.690 9.615   8.073   1.00 44.20 ? 241 HOH A O   1 
HETATM 992  O  O   . HOH D 4 .   ? -2.220  12.877  -12.998 1.00 39.62 ? 242 HOH A O   1 
HETATM 993  O  O   . HOH D 4 .   ? 10.590  -10.638 14.106  1.00 32.07 ? 243 HOH A O   1 
HETATM 994  O  O   . HOH D 4 .   ? 6.428   -7.589  -3.191  1.00 50.40 ? 244 HOH A O   1 
HETATM 995  O  O   . HOH D 4 .   ? -8.877  7.865   -16.100 1.00 34.78 ? 245 HOH A O   1 
HETATM 996  O  O   . HOH D 4 .   ? -0.507  12.673  -19.278 1.00 40.56 ? 246 HOH A O   1 
HETATM 997  O  O   . HOH D 4 .   ? 5.707   -2.741  -13.459 1.00 40.99 ? 247 HOH A O   1 
HETATM 998  O  O   . HOH D 4 .   ? 7.399   -2.011  -17.851 1.00 71.54 ? 248 HOH A O   1 
HETATM 999  O  O   . HOH D 4 .   ? -12.187 17.087  1.392   1.00 72.65 ? 249 HOH A O   1 
HETATM 1000 O  O   . HOH D 4 .   ? -10.474 14.630  -0.609  1.00 33.19 ? 250 HOH A O   1 
HETATM 1001 O  O   . HOH D 4 .   ? 1.112   -9.547  -5.700  1.00 20.66 ? 251 HOH A O   1 
HETATM 1002 O  O   . HOH D 4 .   ? -5.023  -2.186  -10.907 1.00 30.57 ? 252 HOH A O   1 
HETATM 1003 O  O   . HOH D 4 .   ? -8.540  -0.948  -7.487  1.00 58.45 ? 253 HOH A O   1 
HETATM 1004 O  O   . HOH D 4 .   ? 19.666  -13.570 0.423   1.00 43.27 ? 254 HOH A O   1 
HETATM 1005 O  O   . HOH D 4 .   ? 7.037   -20.549 5.350   1.00 29.34 ? 255 HOH A O   1 
HETATM 1006 O  O   . HOH D 4 .   ? -8.840  8.286   8.675   1.00 45.83 ? 256 HOH A O   1 
HETATM 1007 O  O   . HOH D 4 .   ? 4.213   5.278   -21.722 1.00 50.98 ? 257 HOH A O   1 
HETATM 1008 O  O   . HOH D 4 .   ? 2.834   -3.060  -19.568 1.00 37.57 ? 258 HOH A O   1 
HETATM 1009 O  O   . HOH D 4 .   ? 2.363   3.813   -23.063 1.00 36.82 ? 259 HOH A O   1 
HETATM 1010 O  O   . HOH D 4 .   ? 14.324  -13.826 6.013   1.00 51.22 ? 260 HOH A O   1 
HETATM 1011 O  O   . HOH D 4 .   ? 7.466   0.650   -18.281 1.00 46.80 ? 261 HOH A O   1 
HETATM 1012 O  O   . HOH D 4 .   ? 0.727   12.441  9.585   1.00 47.22 ? 262 HOH A O   1 
HETATM 1013 O  O   . HOH D 4 .   ? -11.017 6.450   -6.980  1.00 47.98 ? 263 HOH A O   1 
HETATM 1014 O  O   . HOH D 4 .   ? 2.519   -16.723 7.028   1.00 32.19 ? 264 HOH A O   1 
HETATM 1015 O  O   . HOH D 4 .   ? -12.884 -0.212  1.507   1.00 45.45 ? 265 HOH A O   1 
HETATM 1016 O  O   . HOH D 4 .   ? 19.023  -12.421 5.041   1.00 56.80 ? 266 HOH A O   1 
HETATM 1017 O  O   . HOH D 4 .   ? -8.697  9.078   -10.831 1.00 28.44 ? 267 HOH A O   1 
HETATM 1018 O  O   . HOH D 4 .   ? 7.294   -18.842 -1.898  1.00 48.71 ? 268 HOH A O   1 
HETATM 1019 O  O   . HOH D 4 .   ? 13.482  -6.025  6.556   1.00 47.27 ? 269 HOH A O   1 
HETATM 1020 O  O   . HOH D 4 .   ? -6.340  6.508   11.974  1.00 40.14 ? 270 HOH A O   1 
HETATM 1021 O  O   . HOH D 4 .   ? -0.099  15.334  -9.065  1.00 37.66 ? 271 HOH A O   1 
HETATM 1022 O  O   . HOH D 4 .   ? 9.284   -7.105  3.887   1.00 43.30 ? 272 HOH A O   1 
HETATM 1023 O  O   . HOH D 4 .   ? 2.800   -16.215 14.898  1.00 40.62 ? 273 HOH A O   1 
HETATM 1024 O  O   . HOH D 4 .   ? 9.418   5.859   10.877  1.00 45.41 ? 274 HOH A O   1 
HETATM 1025 O  O   . HOH D 4 .   ? 9.407   5.968   -5.953  1.00 51.18 ? 275 HOH A O   1 
HETATM 1026 O  O   . HOH D 4 .   ? -6.869  -0.237  -9.546  1.00 22.35 ? 276 HOH A O   1 
HETATM 1027 O  O   . HOH D 4 .   ? -4.657  17.664  4.519   1.00 37.37 ? 277 HOH A O   1 
HETATM 1028 O  O   . HOH D 4 .   ? 1.950   -7.817  -14.014 1.00 31.27 ? 278 HOH A O   1 
HETATM 1029 O  O   . HOH D 4 .   ? 4.894   -5.109  -8.789  1.00 42.59 ? 279 HOH A O   1 
HETATM 1030 O  O   . HOH D 4 .   ? 5.136   13.756  -6.422  1.00 47.52 ? 280 HOH A O   1 
HETATM 1031 O  O   . HOH D 4 .   ? -2.153  17.148  -11.487 1.00 45.24 ? 281 HOH A O   1 
HETATM 1032 O  O   . HOH D 4 .   ? 5.233   0.428   17.127  1.00 84.89 ? 282 HOH A O   1 
HETATM 1033 O  O   . HOH D 4 .   ? -2.968  1.758   13.304  1.00 41.02 ? 283 HOH A O   1 
HETATM 1034 O  O   . HOH D 4 .   ? -4.205  18.711  -10.847 1.00 53.46 ? 284 HOH A O   1 
HETATM 1035 O  O   . HOH D 4 .   ? -5.461  13.588  7.931   1.00 48.67 ? 285 HOH A O   1 
HETATM 1036 O  O   . HOH D 4 .   ? 0.967   6.988   9.159   1.00 41.88 ? 286 HOH A O   1 
HETATM 1037 O  O   . HOH D 4 .   ? 12.948  -8.228  4.890   1.00 55.22 ? 287 HOH A O   1 
HETATM 1038 O  O   . HOH D 4 .   ? -3.047  -16.226 0.594   1.00 40.40 ? 288 HOH A O   1 
HETATM 1039 O  O   . HOH D 4 .   ? 7.594   -0.711  18.773  1.00 40.25 ? 289 HOH A O   1 
HETATM 1040 O  O   . HOH D 4 .   ? -4.060  -1.140  16.206  1.00 51.33 ? 290 HOH A O   1 
HETATM 1041 O  O   . HOH D 4 .   ? -6.726  -11.322 1.131   1.00 42.81 ? 291 HOH A O   1 
HETATM 1042 O  O   . HOH D 4 .   ? -6.661  5.916   15.272  1.00 54.26 ? 292 HOH A O   1 
HETATM 1043 O  O   . HOH D 4 .   ? 12.294  -21.464 4.595   1.00 82.20 ? 293 HOH A O   1 
HETATM 1044 O  O   . HOH D 4 .   ? 4.919   -4.725  -4.404  1.00 50.67 ? 294 HOH A O   1 
HETATM 1045 O  O   . HOH D 4 .   ? 8.383   -8.372  15.608  1.00 49.62 ? 295 HOH A O   1 
HETATM 1046 O  O   . HOH D 4 .   ? -9.558  4.890   -15.838 1.00 46.93 ? 296 HOH A O   1 
HETATM 1047 O  O   . HOH D 4 .   ? -5.454  -4.949  -15.527 1.00 57.47 ? 297 HOH A O   1 
HETATM 1048 O  O   . HOH D 4 .   ? 0.950   -5.273  -21.235 1.00 44.47 ? 298 HOH A O   1 
HETATM 1049 O  O   . HOH D 4 .   ? 5.188   -1.374  -19.918 1.00 42.35 ? 299 HOH A O   1 
HETATM 1050 O  O   . HOH D 4 .   ? -5.017  19.514  -13.326 1.00 56.20 ? 300 HOH A O   1 
HETATM 1051 O  O   . HOH D 4 .   ? -6.091  -9.770  12.114  1.00 37.61 ? 301 HOH A O   1 
HETATM 1052 O  O   . HOH D 4 .   ? 0.943   -5.407  19.283  1.00 51.57 ? 302 HOH A O   1 
HETATM 1053 O  O   . HOH D 4 .   ? 3.370   -6.824  -16.268 1.00 45.34 ? 303 HOH A O   1 
HETATM 1054 O  O   . HOH D 4 .   ? -1.060  -19.907 1.739   1.00 52.19 ? 304 HOH A O   1 
HETATM 1055 O  O   . HOH D 4 .   ? 6.012   -2.395  -8.928  1.00 45.23 ? 305 HOH A O   1 
HETATM 1056 O  O   . HOH E 4 .   ? 4.202   -1.233  -2.008  1.00 48.85 ? 88  HOH B O   1 
# 
